data_5H5V
#
_entry.id   5H5V
#
_cell.length_a   81.062
_cell.length_b   181.582
_cell.length_c   110.456
_cell.angle_alpha   90.00
_cell.angle_beta   105.23
_cell.angle_gamma   90.00
#
_symmetry.space_group_name_H-M   'P 1 21 1'
#
_entity_poly.entity_id   1
_entity_poly.type   'polypeptide(L)'
_entity_poly.pdbx_seq_one_letter_code
;GSAKDLKLSAYGTLKSALTTFQTANTALSKADLFSATSTTSSTTAFSATTAGNAIAGKYTISVTHLAQAQTLTTRTTRDD
TKTAIATSDSKLTIQQGGDKDPITIDISAANSSLSGIRDAINNAKAGVSASIINVGNGEYRLSVTSNDTGLDNA(MSE)T
LSVSGDDALQSF(MSE)GYDASASSNG(MSE)EVSVAAQNAQLTVNNVAIENSSNTISDALENITLNLNDVTTGNQTLTI
TQDTSKAQTAIKDWVNAYNSLIDTFSSLTKYTAVDAGADSQSSSNGALLGDSTLRTIQTQLKS(MSE)LSNTVSSSSYKT
LAQIGITTDPSDGKLELDADKLTAALKKDASGVGALIVGDGKKTGITTTIGSNLTSWLSTTGIIKAATDGVSKTLN
;
_entity_poly.pdbx_strand_id   A,B,C,D,E,F
#
# COMPACT_ATOMS: atom_id res chain seq x y z
N LEU A 8 15.02 -50.82 25.99
CA LEU A 8 13.92 -50.19 26.76
C LEU A 8 13.69 -48.74 26.35
N SER A 9 14.76 -48.02 26.04
CA SER A 9 14.63 -46.63 25.55
C SER A 9 14.01 -46.64 24.16
N ALA A 10 14.46 -47.59 23.34
CA ALA A 10 13.95 -47.78 21.98
C ALA A 10 12.44 -47.94 21.95
N TYR A 11 11.91 -48.75 22.89
CA TYR A 11 10.46 -48.98 22.98
C TYR A 11 9.72 -47.67 23.36
N GLY A 12 10.29 -46.86 24.23
CA GLY A 12 9.71 -45.53 24.53
C GLY A 12 9.63 -44.59 23.33
N THR A 13 10.64 -44.64 22.47
CA THR A 13 10.66 -43.84 21.24
C THR A 13 9.57 -44.28 20.31
N LEU A 14 9.46 -45.60 20.11
CA LEU A 14 8.47 -46.15 19.21
C LEU A 14 7.10 -45.69 19.64
N LYS A 15 6.82 -45.73 20.94
CA LYS A 15 5.54 -45.26 21.48
C LYS A 15 5.25 -43.82 21.04
N SER A 16 6.22 -42.93 21.17
CA SER A 16 6.00 -41.59 20.71
C SER A 16 5.72 -41.57 19.22
N ALA A 17 6.55 -42.21 18.43
CA ALA A 17 6.33 -42.18 17.01
C ALA A 17 4.91 -42.68 16.69
N LEU A 18 4.47 -43.71 17.39
CA LEU A 18 3.13 -44.25 17.17
C LEU A 18 2.06 -43.30 17.65
N THR A 19 2.33 -42.59 18.74
CA THR A 19 1.35 -41.67 19.29
C THR A 19 1.27 -40.41 18.43
N THR A 20 2.41 -39.95 17.96
CA THR A 20 2.40 -38.79 17.09
C THR A 20 1.59 -39.10 15.82
N PHE A 21 1.76 -40.30 15.29
CA PHE A 21 0.99 -40.71 14.09
C PHE A 21 -0.48 -40.87 14.41
N GLN A 22 -0.76 -41.40 15.59
CA GLN A 22 -2.15 -41.55 16.08
C GLN A 22 -2.87 -40.20 16.05
N THR A 23 -2.17 -39.14 16.40
CA THR A 23 -2.78 -37.83 16.42
C THR A 23 -3.21 -37.44 15.02
N ALA A 24 -2.28 -37.57 14.07
CA ALA A 24 -2.51 -37.17 12.68
C ALA A 24 -3.68 -37.99 12.11
N ASN A 25 -3.77 -39.25 12.54
CA ASN A 25 -4.80 -40.14 12.08
C ASN A 25 -6.16 -39.77 12.68
N THR A 26 -6.17 -39.32 13.93
CA THR A 26 -7.40 -38.86 14.54
C THR A 26 -7.86 -37.63 13.81
N ALA A 27 -6.93 -36.77 13.46
CA ALA A 27 -7.29 -35.47 12.86
C ALA A 27 -7.92 -35.73 11.50
N LEU A 28 -7.45 -36.77 10.81
CA LEU A 28 -7.95 -37.06 9.47
C LEU A 28 -9.28 -37.77 9.53
N SER A 29 -9.59 -38.35 10.66
CA SER A 29 -10.80 -39.19 10.77
C SER A 29 -12.07 -38.41 11.10
N LYS A 30 -12.23 -37.24 10.52
CA LYS A 30 -13.43 -36.41 10.73
C LYS A 30 -14.18 -36.26 9.39
N ALA A 31 -15.34 -36.88 9.27
CA ALA A 31 -16.16 -36.79 8.06
C ALA A 31 -16.37 -35.37 7.56
N ASP A 32 -16.54 -34.43 8.49
CA ASP A 32 -16.79 -33.03 8.13
C ASP A 32 -15.72 -32.43 7.22
N LEU A 33 -14.50 -32.94 7.30
CA LEU A 33 -13.44 -32.50 6.40
C LEU A 33 -13.87 -32.63 4.95
N PHE A 34 -14.68 -33.64 4.66
CA PHE A 34 -15.04 -33.98 3.29
C PHE A 34 -16.39 -33.43 2.85
N SER A 35 -16.97 -32.60 3.69
CA SER A 35 -18.16 -31.83 3.32
C SER A 35 -17.88 -30.35 3.57
N ALA A 36 -16.61 -30.01 3.82
CA ALA A 36 -16.26 -28.67 4.24
C ALA A 36 -16.70 -27.63 3.20
N THR A 37 -17.10 -26.47 3.68
CA THR A 37 -17.41 -25.36 2.81
C THR A 37 -16.99 -24.07 3.47
N SER A 38 -16.63 -23.11 2.64
CA SER A 38 -16.24 -21.80 3.08
C SER A 38 -17.32 -20.86 2.66
N THR A 39 -17.27 -19.64 3.15
CA THR A 39 -18.30 -18.66 2.84
C THR A 39 -17.78 -17.28 2.42
N THR A 40 -18.69 -16.53 1.81
CA THR A 40 -18.37 -15.20 1.35
C THR A 40 -19.65 -14.41 1.36
N SER A 41 -19.57 -13.18 1.85
CA SER A 41 -20.74 -12.32 1.93
C SER A 41 -20.51 -11.03 1.18
N SER A 42 -21.57 -10.51 0.58
CA SER A 42 -21.49 -9.26 -0.18
C SER A 42 -21.61 -7.99 0.66
N THR A 43 -21.73 -8.13 1.99
CA THR A 43 -21.93 -6.98 2.88
C THR A 43 -21.34 -7.26 4.22
N THR A 44 -20.91 -6.19 4.88
CA THR A 44 -20.54 -6.25 6.28
C THR A 44 -21.80 -6.50 7.11
N ALA A 45 -22.97 -6.28 6.50
CA ALA A 45 -24.26 -6.36 7.20
C ALA A 45 -24.51 -7.69 7.81
N PHE A 46 -23.90 -8.72 7.24
CA PHE A 46 -23.96 -10.06 7.84
C PHE A 46 -22.81 -10.92 7.36
N SER A 47 -22.53 -11.96 8.13
CA SER A 47 -21.51 -12.93 7.78
C SER A 47 -21.99 -14.30 8.24
N ALA A 48 -21.28 -15.34 7.82
CA ALA A 48 -21.70 -16.71 8.07
C ALA A 48 -20.53 -17.67 8.13
N THR A 49 -20.58 -18.56 9.10
CA THR A 49 -19.70 -19.71 9.13
C THR A 49 -20.55 -20.93 8.87
N THR A 50 -19.94 -21.98 8.37
CA THR A 50 -20.61 -23.24 8.11
C THR A 50 -19.94 -24.36 8.86
N ALA A 51 -20.71 -25.41 9.09
CA ALA A 51 -20.17 -26.65 9.64
C ALA A 51 -20.23 -27.66 8.52
N GLY A 52 -20.22 -28.92 8.88
CA GLY A 52 -20.19 -29.97 7.86
C GLY A 52 -21.50 -30.00 7.12
N ASN A 53 -21.45 -30.50 5.88
CA ASN A 53 -22.65 -30.81 5.12
C ASN A 53 -23.54 -29.63 4.78
N ALA A 54 -22.98 -28.43 4.69
CA ALA A 54 -23.76 -27.26 4.27
C ALA A 54 -24.01 -27.38 2.77
N ILE A 55 -25.16 -26.88 2.31
CA ILE A 55 -25.49 -26.93 0.88
C ILE A 55 -24.91 -25.75 0.10
N ALA A 56 -24.06 -26.05 -0.87
CA ALA A 56 -23.39 -25.03 -1.68
C ALA A 56 -24.39 -24.26 -2.56
N GLY A 57 -24.16 -22.97 -2.73
CA GLY A 57 -24.99 -22.12 -3.61
C GLY A 57 -24.97 -20.63 -3.25
N LYS A 58 -25.61 -19.82 -4.08
CA LYS A 58 -25.83 -18.40 -3.80
C LYS A 58 -27.12 -18.31 -3.00
N TYR A 59 -27.02 -17.68 -1.83
CA TYR A 59 -28.18 -17.42 -0.98
C TYR A 59 -28.46 -15.94 -1.01
N THR A 60 -29.62 -15.52 -1.50
CA THR A 60 -30.02 -14.13 -1.39
C THR A 60 -30.58 -13.83 -0.03
N ILE A 61 -29.94 -12.92 0.68
CA ILE A 61 -30.36 -12.54 2.02
C ILE A 61 -30.78 -11.10 2.17
N SER A 62 -31.89 -10.92 2.88
CA SER A 62 -32.44 -9.63 3.23
C SER A 62 -32.60 -9.57 4.75
N VAL A 63 -32.28 -8.44 5.36
CA VAL A 63 -32.44 -8.30 6.80
C VAL A 63 -33.14 -7.01 7.11
N THR A 64 -34.38 -7.10 7.56
CA THR A 64 -35.21 -5.92 7.81
C THR A 64 -35.18 -5.45 9.24
N HIS A 65 -35.02 -6.37 10.20
CA HIS A 65 -34.91 -5.99 11.60
C HIS A 65 -33.90 -6.83 12.29
N LEU A 66 -33.16 -6.27 13.22
CA LEU A 66 -32.26 -7.03 14.09
C LEU A 66 -32.95 -7.40 15.38
N ALA A 67 -32.50 -8.48 16.01
CA ALA A 67 -33.01 -8.88 17.32
C ALA A 67 -32.58 -7.85 18.34
N GLN A 68 -33.51 -7.41 19.18
CA GLN A 68 -33.19 -6.50 20.31
C GLN A 68 -33.52 -7.16 21.65
N ALA A 69 -32.84 -6.71 22.70
CA ALA A 69 -33.07 -7.21 24.05
C ALA A 69 -33.78 -6.14 24.84
N GLN A 70 -34.84 -6.54 25.51
CA GLN A 70 -35.67 -5.60 26.27
C GLN A 70 -34.86 -4.98 27.34
N THR A 71 -35.11 -3.70 27.55
CA THR A 71 -34.53 -2.95 28.65
C THR A 71 -35.61 -2.10 29.24
N LEU A 72 -35.86 -2.35 30.52
CA LEU A 72 -36.81 -1.60 31.32
C LEU A 72 -36.04 -0.62 32.21
N THR A 73 -36.60 0.57 32.42
CA THR A 73 -35.95 1.57 33.25
C THR A 73 -36.96 2.28 34.13
N THR A 74 -36.59 2.48 35.40
CA THR A 74 -37.45 3.21 36.32
C THR A 74 -37.87 4.56 35.73
N ARG A 75 -39.16 4.84 35.77
CA ARG A 75 -39.74 6.13 35.33
C ARG A 75 -39.34 7.28 36.20
N THR A 76 -39.05 7.00 37.46
CA THR A 76 -38.64 8.04 38.39
C THR A 76 -37.21 7.82 38.81
N THR A 77 -36.62 8.85 39.40
CA THR A 77 -35.22 8.80 39.82
C THR A 77 -35.12 8.79 41.33
N ARG A 78 -33.91 8.59 41.83
CA ARG A 78 -33.64 8.69 43.27
C ARG A 78 -32.41 9.53 43.64
N ASP A 79 -32.50 10.19 44.80
CA ASP A 79 -31.45 11.07 45.29
C ASP A 79 -30.13 10.36 45.70
N ASP A 80 -30.17 9.04 45.93
CA ASP A 80 -28.92 8.26 46.10
C ASP A 80 -29.12 6.74 45.87
N THR A 81 -28.05 5.97 46.04
CA THR A 81 -28.08 4.53 45.81
C THR A 81 -28.03 3.70 47.08
N LYS A 82 -27.88 4.34 48.23
CA LYS A 82 -27.74 3.64 49.53
C LYS A 82 -29.05 3.55 50.32
N THR A 83 -30.02 4.38 50.00
CA THR A 83 -31.23 4.53 50.81
C THR A 83 -32.37 3.58 50.40
N ALA A 84 -32.85 2.81 51.36
CA ALA A 84 -33.91 1.83 51.12
C ALA A 84 -35.18 2.49 50.60
N ILE A 85 -35.71 1.89 49.53
CA ILE A 85 -36.98 2.30 48.94
C ILE A 85 -38.14 1.68 49.68
N ALA A 86 -37.97 0.43 50.11
CA ALA A 86 -39.03 -0.33 50.75
C ALA A 86 -38.86 -0.28 52.25
N THR A 87 -39.95 -0.18 52.99
CA THR A 87 -39.90 -0.27 54.44
C THR A 87 -40.32 -1.65 54.93
N SER A 88 -40.58 -2.58 54.00
CA SER A 88 -40.88 -3.98 54.36
C SER A 88 -40.06 -4.95 53.52
N ASP A 89 -39.80 -6.13 54.06
CA ASP A 89 -39.23 -7.25 53.27
C ASP A 89 -40.20 -7.56 52.15
N SER A 90 -39.67 -8.01 51.02
CA SER A 90 -40.49 -8.23 49.83
C SER A 90 -39.86 -9.22 48.87
N LYS A 91 -40.63 -9.69 47.90
CA LYS A 91 -40.14 -10.66 46.94
C LYS A 91 -40.31 -10.13 45.54
N LEU A 92 -39.19 -9.97 44.84
CA LEU A 92 -39.18 -9.60 43.43
C LEU A 92 -39.27 -10.87 42.60
N THR A 93 -40.21 -10.90 41.67
CA THR A 93 -40.38 -12.05 40.76
C THR A 93 -40.22 -11.66 39.32
N ILE A 94 -39.21 -12.25 38.70
CA ILE A 94 -38.89 -11.98 37.31
C ILE A 94 -39.42 -13.11 36.47
N GLN A 95 -40.25 -12.78 35.48
CA GLN A 95 -40.89 -13.80 34.63
C GLN A 95 -40.63 -13.51 33.15
N GLN A 96 -39.69 -14.23 32.56
CA GLN A 96 -39.46 -14.07 31.13
C GLN A 96 -40.54 -14.85 30.42
N GLY A 97 -40.62 -14.68 29.12
CA GLY A 97 -41.61 -15.36 28.30
C GLY A 97 -41.08 -16.69 27.82
N GLY A 98 -41.74 -17.24 26.83
CA GLY A 98 -41.34 -18.53 26.26
C GLY A 98 -41.33 -19.81 27.10
N ASP A 99 -42.28 -19.99 28.02
CA ASP A 99 -42.31 -21.28 28.74
C ASP A 99 -41.14 -21.42 29.74
N LYS A 100 -40.63 -20.26 30.17
CA LYS A 100 -39.55 -20.18 31.15
C LYS A 100 -40.16 -20.08 32.53
N ASP A 101 -39.58 -20.81 33.48
CA ASP A 101 -40.03 -20.73 34.86
C ASP A 101 -39.68 -19.41 35.46
N PRO A 102 -40.55 -18.87 36.31
CA PRO A 102 -40.23 -17.63 36.99
C PRO A 102 -39.14 -17.80 38.03
N ILE A 103 -38.43 -16.71 38.30
CA ILE A 103 -37.43 -16.66 39.38
C ILE A 103 -37.89 -15.65 40.42
N THR A 104 -37.88 -16.06 41.69
CA THR A 104 -38.23 -15.17 42.77
C THR A 104 -36.98 -14.86 43.57
N ILE A 105 -36.85 -13.59 43.93
CA ILE A 105 -35.70 -13.12 44.70
C ILE A 105 -36.19 -12.41 45.96
N ASP A 106 -35.68 -12.84 47.12
CA ASP A 106 -35.92 -12.13 48.36
C ASP A 106 -35.17 -10.79 48.34
N ILE A 107 -35.88 -9.71 48.69
CA ILE A 107 -35.26 -8.40 48.89
C ILE A 107 -35.66 -7.88 50.27
N SER A 108 -34.76 -8.02 51.24
CA SER A 108 -35.05 -7.50 52.57
C SER A 108 -35.05 -5.98 52.50
N ALA A 109 -35.74 -5.35 53.46
CA ALA A 109 -35.89 -3.90 53.52
C ALA A 109 -34.54 -3.20 53.41
N ALA A 110 -33.65 -3.56 54.32
CA ALA A 110 -32.28 -3.01 54.32
C ALA A 110 -31.55 -3.14 52.99
N ASN A 111 -31.89 -4.17 52.21
CA ASN A 111 -31.28 -4.36 50.87
C ASN A 111 -32.13 -3.77 49.74
N SER A 112 -33.06 -2.89 50.12
CA SER A 112 -34.06 -2.30 49.23
C SER A 112 -33.55 -1.07 48.53
N SER A 113 -32.26 -0.81 48.60
CA SER A 113 -31.68 0.35 47.93
C SER A 113 -31.37 0.01 46.48
N LEU A 114 -31.12 1.01 45.65
CA LEU A 114 -30.79 0.70 44.26
C LEU A 114 -29.59 -0.23 44.21
N SER A 115 -28.60 0.02 45.06
CA SER A 115 -27.47 -0.89 45.17
C SER A 115 -27.90 -2.31 45.47
N GLY A 116 -28.72 -2.46 46.50
CA GLY A 116 -29.15 -3.77 47.00
C GLY A 116 -30.01 -4.47 45.99
N ILE A 117 -30.92 -3.75 45.34
CA ILE A 117 -31.79 -4.35 44.35
C ILE A 117 -30.94 -4.83 43.19
N ARG A 118 -29.98 -4.02 42.79
CA ARG A 118 -29.11 -4.39 41.70
C ARG A 118 -28.35 -5.67 42.04
N ASP A 119 -27.61 -5.67 43.13
CA ASP A 119 -26.83 -6.85 43.49
C ASP A 119 -27.73 -8.07 43.62
N ALA A 120 -28.90 -7.88 44.22
CA ALA A 120 -29.84 -8.95 44.45
C ALA A 120 -30.20 -9.57 43.12
N ILE A 121 -30.57 -8.74 42.14
CA ILE A 121 -30.99 -9.24 40.85
C ILE A 121 -29.82 -9.98 40.21
N ASN A 122 -28.69 -9.29 40.06
CA ASN A 122 -27.51 -9.87 39.39
C ASN A 122 -26.99 -11.18 40.00
N ASN A 123 -27.03 -11.30 41.33
CA ASN A 123 -26.55 -12.54 41.99
C ASN A 123 -27.54 -13.70 41.82
N ALA A 124 -28.79 -13.37 41.51
CA ALA A 124 -29.84 -14.36 41.27
C ALA A 124 -29.58 -15.22 40.04
N LYS A 125 -28.80 -14.68 39.10
CA LYS A 125 -28.54 -15.35 37.83
C LYS A 125 -29.86 -15.81 37.23
N ALA A 126 -30.71 -14.83 36.97
CA ALA A 126 -32.08 -15.04 36.50
C ALA A 126 -32.26 -14.67 35.04
N GLY A 127 -31.17 -14.59 34.29
CA GLY A 127 -31.24 -14.29 32.89
C GLY A 127 -31.49 -12.86 32.52
N VAL A 128 -31.42 -11.96 33.49
CA VAL A 128 -31.43 -10.54 33.25
C VAL A 128 -30.26 -9.93 33.96
N SER A 129 -29.97 -8.67 33.65
CA SER A 129 -28.91 -7.90 34.30
C SER A 129 -29.43 -6.55 34.74
N ALA A 130 -29.08 -6.16 35.94
CA ALA A 130 -29.55 -4.94 36.52
C ALA A 130 -28.37 -4.03 36.56
N SER A 131 -28.61 -2.73 36.37
CA SER A 131 -27.58 -1.73 36.61
C SER A 131 -28.17 -0.37 36.96
N ILE A 132 -27.35 0.49 37.52
CA ILE A 132 -27.77 1.81 37.96
C ILE A 132 -27.23 2.88 37.03
N ILE A 133 -28.09 3.79 36.60
CA ILE A 133 -27.66 4.85 35.73
C ILE A 133 -27.77 6.16 36.47
N ASN A 134 -26.66 6.87 36.53
CA ASN A 134 -26.62 8.23 37.02
C ASN A 134 -26.95 9.19 35.88
N VAL A 135 -28.20 9.65 35.85
CA VAL A 135 -28.70 10.45 34.72
C VAL A 135 -28.35 11.91 34.81
N GLY A 136 -27.62 12.28 35.86
CA GLY A 136 -27.22 13.66 36.12
C GLY A 136 -27.90 14.34 37.29
N ASN A 137 -27.21 15.30 37.87
CA ASN A 137 -27.76 16.13 38.94
C ASN A 137 -28.07 15.28 40.15
N GLY A 138 -27.19 14.31 40.39
CA GLY A 138 -27.30 13.45 41.56
C GLY A 138 -28.59 12.69 41.56
N GLU A 139 -28.96 12.16 40.40
CA GLU A 139 -30.20 11.41 40.24
C GLU A 139 -29.95 10.08 39.55
N TYR A 140 -30.51 9.03 40.11
CA TYR A 140 -30.18 7.69 39.72
C TYR A 140 -31.41 6.94 39.24
N ARG A 141 -31.25 6.12 38.22
CA ARG A 141 -32.31 5.22 37.73
C ARG A 141 -31.84 3.81 37.75
N LEU A 142 -32.73 2.88 38.08
CA LEU A 142 -32.43 1.47 37.94
C LEU A 142 -32.83 1.04 36.56
N SER A 143 -32.03 0.17 35.97
CA SER A 143 -32.28 -0.31 34.62
C SER A 143 -32.09 -1.80 34.58
N VAL A 144 -33.01 -2.51 33.93
CA VAL A 144 -32.95 -3.96 33.88
C VAL A 144 -33.13 -4.47 32.46
N THR A 145 -32.15 -5.25 31.99
CA THR A 145 -32.10 -5.71 30.62
C THR A 145 -32.01 -7.19 30.56
N SER A 146 -32.69 -7.79 29.59
CA SER A 146 -32.63 -9.22 29.41
C SER A 146 -31.34 -9.63 28.76
N ASN A 147 -30.70 -10.63 29.32
CA ASN A 147 -29.41 -11.06 28.83
C ASN A 147 -29.36 -11.46 27.37
N ASP A 148 -30.49 -11.91 26.84
CA ASP A 148 -30.59 -12.37 25.45
C ASP A 148 -31.68 -11.67 24.69
N THR A 149 -31.46 -11.53 23.40
CA THR A 149 -32.36 -10.74 22.57
C THR A 149 -33.57 -11.56 22.19
N GLY A 150 -34.67 -10.88 21.90
CA GLY A 150 -35.86 -11.51 21.36
C GLY A 150 -37.13 -11.32 22.16
N LEU A 151 -38.26 -11.36 21.46
CA LEU A 151 -39.58 -11.17 22.06
C LEU A 151 -39.78 -12.07 23.26
N ASP A 152 -39.30 -13.29 23.13
CA ASP A 152 -39.57 -14.34 24.11
C ASP A 152 -38.80 -14.10 25.41
N ASN A 153 -37.76 -13.29 25.37
CA ASN A 153 -36.97 -12.97 26.59
C ASN A 153 -37.37 -11.68 27.29
N ALA A 154 -38.44 -11.05 26.82
CA ALA A 154 -39.00 -9.86 27.43
C ALA A 154 -39.51 -10.23 28.82
N MSE A 155 -39.51 -9.24 29.73
CA MSE A 155 -39.72 -9.46 31.15
C MSE A 155 -41.08 -9.01 31.64
O MSE A 155 -41.74 -8.16 31.05
CB MSE A 155 -38.72 -8.66 31.96
CG MSE A 155 -37.37 -9.27 32.08
SE MSE A 155 -36.21 -7.86 32.65
CE MSE A 155 -35.79 -7.13 30.89
N THR A 156 -41.47 -9.62 32.76
CA THR A 156 -42.48 -9.08 33.64
C THR A 156 -41.86 -9.05 35.01
N LEU A 157 -41.90 -7.85 35.61
CA LEU A 157 -41.43 -7.64 36.98
C LEU A 157 -42.58 -7.33 37.93
N SER A 158 -42.57 -8.03 39.06
CA SER A 158 -43.57 -7.78 40.10
C SER A 158 -42.97 -8.00 41.47
N VAL A 159 -43.47 -7.21 42.42
CA VAL A 159 -43.00 -7.22 43.78
C VAL A 159 -44.19 -7.41 44.66
N SER A 160 -44.03 -8.26 45.67
CA SER A 160 -45.08 -8.49 46.62
C SER A 160 -44.47 -8.20 47.96
N GLY A 161 -45.14 -7.43 48.78
CA GLY A 161 -44.58 -7.12 50.08
C GLY A 161 -44.56 -5.65 50.38
N ASP A 162 -44.06 -4.85 49.44
CA ASP A 162 -44.01 -3.41 49.64
C ASP A 162 -44.57 -2.64 48.44
N ASP A 163 -45.67 -1.93 48.66
CA ASP A 163 -46.36 -1.19 47.61
C ASP A 163 -45.45 -0.12 46.96
N ALA A 164 -44.56 0.47 47.76
CA ALA A 164 -43.64 1.50 47.25
C ALA A 164 -42.64 0.97 46.25
N LEU A 165 -42.15 -0.23 46.50
CA LEU A 165 -41.15 -0.85 45.63
C LEU A 165 -41.82 -1.28 44.34
N GLN A 166 -42.93 -2.03 44.48
CA GLN A 166 -43.76 -2.40 43.34
C GLN A 166 -44.07 -1.21 42.43
N SER A 167 -44.41 -0.09 43.07
CA SER A 167 -44.82 1.12 42.38
C SER A 167 -43.68 1.78 41.64
N PHE A 168 -42.46 1.48 42.10
CA PHE A 168 -41.21 2.05 41.56
C PHE A 168 -40.57 1.20 40.49
N MSE A 169 -40.68 -0.12 40.63
CA MSE A 169 -39.93 -1.11 39.82
C MSE A 169 -40.75 -2.02 38.91
O MSE A 169 -40.20 -2.68 38.03
CB MSE A 169 -39.27 -2.10 40.76
CG MSE A 169 -37.85 -1.90 40.98
SE MSE A 169 -37.39 -3.52 41.86
CE MSE A 169 -36.64 -4.40 40.29
N GLY A 170 -42.04 -2.16 39.18
CA GLY A 170 -42.80 -3.20 38.52
C GLY A 170 -43.02 -2.94 37.05
N TYR A 171 -43.06 -4.01 36.27
CA TYR A 171 -43.46 -3.91 34.87
C TYR A 171 -44.32 -5.06 34.46
N ASP A 172 -45.48 -4.74 33.89
CA ASP A 172 -46.34 -5.72 33.26
C ASP A 172 -47.02 -5.09 32.07
N ALA A 173 -46.69 -5.58 30.88
CA ALA A 173 -47.21 -4.99 29.64
C ALA A 173 -48.71 -4.73 29.73
N SER A 174 -49.42 -5.71 30.26
CA SER A 174 -50.88 -5.66 30.34
C SER A 174 -51.42 -4.68 31.39
N ALA A 175 -50.55 -4.21 32.29
CA ALA A 175 -50.97 -3.35 33.41
C ALA A 175 -51.30 -1.93 32.98
N SER A 176 -52.19 -1.29 33.72
CA SER A 176 -52.60 0.10 33.43
C SER A 176 -51.49 1.09 33.75
N SER A 177 -50.91 0.95 34.94
CA SER A 177 -49.80 1.79 35.36
C SER A 177 -48.59 0.94 35.76
N ASN A 178 -47.42 1.30 35.21
CA ASN A 178 -46.17 0.60 35.52
C ASN A 178 -45.15 1.56 36.06
N GLY A 179 -44.31 1.07 36.96
CA GLY A 179 -43.24 1.88 37.53
C GLY A 179 -42.10 1.99 36.55
N MSE A 180 -41.87 0.92 35.81
CA MSE A 180 -40.83 0.91 34.79
C MSE A 180 -41.37 1.35 33.47
O MSE A 180 -42.57 1.38 33.23
CB MSE A 180 -40.26 -0.46 34.62
CG MSE A 180 -39.62 -1.01 35.77
SE MSE A 180 -37.84 -0.76 36.11
CE MSE A 180 -37.24 -2.50 36.47
N GLU A 181 -40.45 1.68 32.59
CA GLU A 181 -40.74 2.25 31.30
C GLU A 181 -40.01 1.39 30.30
N VAL A 182 -40.53 1.19 29.10
CA VAL A 182 -39.76 0.39 28.15
C VAL A 182 -38.74 1.24 27.41
N SER A 183 -37.46 1.12 27.76
CA SER A 183 -36.42 1.94 27.13
C SER A 183 -36.05 1.42 25.78
N VAL A 184 -35.77 0.11 25.72
CA VAL A 184 -35.60 -0.64 24.46
C VAL A 184 -36.64 -1.76 24.38
N ALA A 185 -37.41 -1.76 23.30
CA ALA A 185 -38.42 -2.82 23.06
C ALA A 185 -37.76 -4.11 22.65
N ALA A 186 -38.17 -5.21 23.25
CA ALA A 186 -37.70 -6.50 22.78
C ALA A 186 -38.19 -6.60 21.34
N GLN A 187 -37.32 -7.05 20.42
CA GLN A 187 -37.80 -7.45 19.10
C GLN A 187 -37.01 -8.63 18.52
N ASN A 188 -37.65 -9.43 17.65
CA ASN A 188 -36.97 -10.53 16.98
C ASN A 188 -36.25 -10.08 15.73
N ALA A 189 -35.21 -10.83 15.36
CA ALA A 189 -34.54 -10.67 14.07
C ALA A 189 -35.52 -11.05 12.99
N GLN A 190 -35.53 -10.31 11.89
CA GLN A 190 -36.43 -10.58 10.78
C GLN A 190 -35.71 -10.49 9.41
N LEU A 191 -35.59 -11.62 8.74
CA LEU A 191 -34.87 -11.69 7.52
C LEU A 191 -35.63 -12.54 6.53
N THR A 192 -35.20 -12.51 5.28
CA THR A 192 -35.59 -13.53 4.30
C THR A 192 -34.34 -14.11 3.65
N VAL A 193 -34.32 -15.42 3.45
CA VAL A 193 -33.21 -16.13 2.86
C VAL A 193 -33.81 -16.89 1.68
N ASN A 194 -33.36 -16.54 0.48
CA ASN A 194 -33.95 -17.06 -0.75
C ASN A 194 -35.47 -16.96 -0.75
N ASN A 195 -35.96 -15.75 -0.55
CA ASN A 195 -37.39 -15.44 -0.51
C ASN A 195 -38.22 -16.21 0.52
N VAL A 196 -37.58 -16.73 1.56
CA VAL A 196 -38.31 -17.37 2.64
C VAL A 196 -38.22 -16.54 3.93
N ALA A 197 -39.34 -15.99 4.37
CA ALA A 197 -39.44 -15.27 5.63
C ALA A 197 -38.96 -16.12 6.81
N ILE A 198 -38.03 -15.59 7.58
CA ILE A 198 -37.52 -16.18 8.80
C ILE A 198 -37.51 -15.13 9.90
N GLU A 199 -38.01 -15.54 11.06
CA GLU A 199 -38.01 -14.78 12.28
C GLU A 199 -37.13 -15.55 13.25
N ASN A 200 -36.38 -14.83 14.08
CA ASN A 200 -35.50 -15.45 15.06
C ASN A 200 -35.20 -14.60 16.32
N SER A 201 -34.98 -15.28 17.44
CA SER A 201 -34.69 -14.61 18.71
C SER A 201 -33.37 -13.89 18.68
N SER A 202 -32.44 -14.40 17.89
CA SER A 202 -31.06 -14.00 18.03
C SER A 202 -30.51 -13.45 16.74
N ASN A 203 -29.42 -12.69 16.84
CA ASN A 203 -28.70 -12.21 15.69
C ASN A 203 -27.54 -13.15 15.37
N THR A 204 -27.40 -14.18 16.15
CA THR A 204 -26.49 -15.30 15.84
C THR A 204 -27.35 -16.51 15.58
N ILE A 205 -27.79 -16.64 14.35
CA ILE A 205 -28.80 -17.62 13.97
C ILE A 205 -28.14 -18.89 13.49
N SER A 206 -28.21 -19.93 14.30
CA SER A 206 -27.67 -21.24 13.90
C SER A 206 -28.73 -22.35 13.83
N ASP A 207 -29.96 -22.06 14.26
CA ASP A 207 -31.04 -23.05 14.27
C ASP A 207 -32.05 -22.86 13.14
N ALA A 208 -31.82 -21.97 12.19
CA ALA A 208 -32.81 -21.68 11.16
C ALA A 208 -32.45 -22.46 9.91
N LEU A 209 -31.29 -22.14 9.35
CA LEU A 209 -30.74 -22.85 8.19
C LEU A 209 -29.83 -24.00 8.63
N GLU A 210 -29.85 -25.13 7.95
CA GLU A 210 -29.05 -26.26 8.40
C GLU A 210 -27.56 -26.12 8.21
N ASN A 211 -26.80 -26.57 9.19
CA ASN A 211 -25.33 -26.51 9.18
C ASN A 211 -24.73 -25.16 8.84
N ILE A 212 -25.49 -24.11 9.06
CA ILE A 212 -25.03 -22.74 8.84
C ILE A 212 -25.31 -21.91 10.07
N THR A 213 -24.29 -21.19 10.54
CA THR A 213 -24.45 -20.14 11.52
C THR A 213 -24.39 -18.77 10.84
N LEU A 214 -25.50 -18.05 10.90
CA LEU A 214 -25.64 -16.77 10.24
C LEU A 214 -25.52 -15.67 11.26
N ASN A 215 -24.56 -14.78 11.07
CA ASN A 215 -24.32 -13.69 12.02
C ASN A 215 -24.86 -12.39 11.48
N LEU A 216 -25.92 -11.85 12.08
CA LEU A 216 -26.48 -10.57 11.66
C LEU A 216 -25.78 -9.36 12.34
N ASN A 217 -25.36 -8.40 11.53
CA ASN A 217 -24.67 -7.19 12.05
C ASN A 217 -25.47 -5.90 11.88
N ASP A 218 -26.18 -5.79 10.77
CA ASP A 218 -27.00 -4.63 10.51
C ASP A 218 -28.07 -4.95 9.51
N VAL A 219 -29.06 -4.08 9.44
CA VAL A 219 -30.09 -4.16 8.43
C VAL A 219 -29.46 -4.03 7.06
N THR A 220 -29.90 -4.83 6.08
CA THR A 220 -29.36 -4.74 4.72
C THR A 220 -30.05 -3.68 3.89
N THR A 221 -29.42 -3.26 2.80
CA THR A 221 -30.08 -2.45 1.79
C THR A 221 -29.70 -2.95 0.41
N GLY A 222 -30.69 -3.07 -0.46
CA GLY A 222 -30.49 -3.62 -1.80
C GLY A 222 -30.44 -5.13 -1.80
N ASN A 223 -29.94 -5.68 -2.90
CA ASN A 223 -29.83 -7.13 -3.11
C ASN A 223 -28.48 -7.64 -2.61
N GLN A 224 -28.49 -8.46 -1.56
CA GLN A 224 -27.24 -8.99 -1.00
C GLN A 224 -27.24 -10.50 -0.98
N THR A 225 -26.05 -11.09 -0.95
CA THR A 225 -25.92 -12.53 -1.09
C THR A 225 -24.85 -13.12 -0.19
N LEU A 226 -25.18 -14.28 0.35
CA LEU A 226 -24.23 -15.16 1.03
C LEU A 226 -23.97 -16.34 0.10
N THR A 227 -22.70 -16.64 -0.10
CA THR A 227 -22.27 -17.69 -1.03
C THR A 227 -21.56 -18.78 -0.26
N ILE A 228 -22.00 -20.02 -0.42
CA ILE A 228 -21.35 -21.15 0.21
C ILE A 228 -20.70 -21.96 -0.92
N THR A 229 -19.41 -22.23 -0.77
CA THR A 229 -18.65 -22.96 -1.77
C THR A 229 -17.88 -24.12 -1.17
N GLN A 230 -17.78 -25.20 -1.94
CA GLN A 230 -17.02 -26.36 -1.52
C GLN A 230 -15.60 -25.95 -1.15
N ASP A 231 -15.08 -26.56 -0.09
CA ASP A 231 -13.70 -26.30 0.37
C ASP A 231 -12.94 -27.57 0.72
N THR A 232 -12.11 -27.96 -0.20
CA THR A 232 -11.32 -29.15 -0.04
C THR A 232 -9.99 -28.85 0.67
N SER A 233 -9.63 -27.58 0.82
CA SER A 233 -8.33 -27.23 1.41
C SER A 233 -8.14 -27.92 2.77
N LYS A 234 -9.17 -27.90 3.61
CA LYS A 234 -9.06 -28.46 4.96
C LYS A 234 -8.75 -29.96 4.90
N ALA A 235 -9.49 -30.69 4.06
CA ALA A 235 -9.24 -32.12 3.84
C ALA A 235 -7.84 -32.45 3.27
N GLN A 236 -7.35 -31.60 2.38
CA GLN A 236 -6.02 -31.77 1.82
C GLN A 236 -4.92 -31.61 2.88
N THR A 237 -5.03 -30.59 3.72
CA THR A 237 -4.07 -30.39 4.81
C THR A 237 -4.06 -31.65 5.69
N ALA A 238 -5.23 -32.10 6.10
CA ALA A 238 -5.33 -33.27 6.93
C ALA A 238 -4.62 -34.43 6.25
N ILE A 239 -4.88 -34.63 4.96
CA ILE A 239 -4.26 -35.76 4.27
C ILE A 239 -2.74 -35.57 4.11
N LYS A 240 -2.25 -34.34 3.89
CA LYS A 240 -0.82 -34.10 3.81
C LYS A 240 -0.17 -34.44 5.16
N ASP A 241 -0.77 -33.96 6.26
CA ASP A 241 -0.17 -34.15 7.60
C ASP A 241 -0.08 -35.62 7.96
N TRP A 242 -1.09 -36.34 7.53
CA TRP A 242 -1.18 -37.76 7.80
C TRP A 242 -0.06 -38.48 7.07
N VAL A 243 0.03 -38.25 5.76
CA VAL A 243 1.11 -38.79 4.94
C VAL A 243 2.48 -38.48 5.54
N ASN A 244 2.69 -37.25 5.95
CA ASN A 244 3.98 -36.87 6.53
C ASN A 244 4.24 -37.52 7.90
N ALA A 245 3.20 -37.64 8.71
CA ALA A 245 3.34 -38.32 10.00
C ALA A 245 3.73 -39.78 9.83
N TYR A 246 3.08 -40.47 8.89
CA TYR A 246 3.37 -41.89 8.59
C TYR A 246 4.80 -42.05 8.08
N ASN A 247 5.19 -41.19 7.14
CA ASN A 247 6.54 -41.23 6.59
C ASN A 247 7.60 -41.02 7.68
N SER A 248 7.28 -40.19 8.67
CA SER A 248 8.16 -40.01 9.85
C SER A 248 8.23 -41.29 10.66
N LEU A 249 7.08 -41.94 10.83
CA LEU A 249 7.04 -43.18 11.58
C LEU A 249 7.96 -44.19 10.90
N ILE A 250 7.92 -44.27 9.58
CA ILE A 250 8.76 -45.25 8.88
C ILE A 250 10.23 -44.95 9.10
N ASP A 251 10.57 -43.67 9.12
CA ASP A 251 11.94 -43.27 9.44
C ASP A 251 12.34 -43.74 10.83
N THR A 252 11.42 -43.68 11.78
CA THR A 252 11.69 -44.16 13.14
C THR A 252 11.89 -45.68 13.17
N PHE A 253 11.11 -46.41 12.36
CA PHE A 253 11.30 -47.86 12.22
C PHE A 253 12.69 -48.17 11.70
N SER A 254 13.07 -47.48 10.63
CA SER A 254 14.38 -47.67 10.03
C SER A 254 15.50 -47.38 11.03
N SER A 255 15.38 -46.25 11.74
CA SER A 255 16.35 -45.86 12.77
C SER A 255 16.49 -46.95 13.83
N LEU A 256 15.37 -47.59 14.16
CA LEU A 256 15.36 -48.66 15.14
C LEU A 256 15.71 -50.03 14.55
N THR A 257 15.85 -50.12 13.23
CA THR A 257 15.93 -51.41 12.54
C THR A 257 17.31 -51.76 11.96
N LYS A 258 18.18 -50.78 11.80
CA LYS A 258 19.37 -50.95 10.97
C LYS A 258 20.65 -50.55 11.68
N ALA A 275 19.25 -51.92 16.68
CA ALA A 275 18.69 -51.33 17.89
C ALA A 275 17.54 -52.19 18.43
N LEU A 276 16.49 -52.35 17.62
CA LEU A 276 15.51 -53.42 17.77
C LEU A 276 15.47 -54.12 16.44
N LEU A 277 16.63 -54.55 15.95
CA LEU A 277 16.71 -55.23 14.68
C LEU A 277 16.04 -56.56 14.92
N GLY A 278 14.80 -56.71 14.44
CA GLY A 278 14.07 -57.97 14.58
C GLY A 278 13.12 -58.11 15.75
N ASP A 279 12.91 -57.06 16.56
CA ASP A 279 11.87 -57.13 17.59
C ASP A 279 10.62 -57.60 16.87
N SER A 280 10.06 -58.70 17.35
CA SER A 280 8.77 -59.21 16.86
C SER A 280 7.71 -58.09 16.85
N THR A 281 7.76 -57.22 17.87
CA THR A 281 6.67 -56.29 18.17
C THR A 281 6.69 -55.13 17.19
N LEU A 282 7.89 -54.64 16.92
CA LEU A 282 8.09 -53.62 15.89
C LEU A 282 7.69 -54.16 14.52
N ARG A 283 8.23 -55.33 14.18
CA ARG A 283 7.95 -55.99 12.89
C ARG A 283 6.43 -56.14 12.64
N THR A 284 5.70 -56.57 13.67
CA THR A 284 4.25 -56.76 13.56
C THR A 284 3.56 -55.45 13.22
N ILE A 285 3.92 -54.38 13.92
CA ILE A 285 3.31 -53.09 13.71
C ILE A 285 3.66 -52.55 12.30
N GLN A 286 4.91 -52.68 11.90
CA GLN A 286 5.33 -52.21 10.58
C GLN A 286 4.64 -52.95 9.44
N THR A 287 4.54 -54.28 9.57
CA THR A 287 3.93 -55.13 8.56
C THR A 287 2.43 -54.87 8.44
N GLN A 288 1.77 -54.75 9.59
CA GLN A 288 0.31 -54.57 9.64
C GLN A 288 -0.10 -53.22 9.03
N LEU A 289 0.61 -52.15 9.38
CA LEU A 289 0.32 -50.83 8.83
C LEU A 289 0.47 -50.86 7.32
N LYS A 290 1.52 -51.51 6.86
CA LYS A 290 1.77 -51.61 5.41
C LYS A 290 0.58 -52.31 4.76
N SER A 291 0.19 -53.46 5.31
CA SER A 291 -0.93 -54.24 4.76
C SER A 291 -2.21 -53.43 4.70
N MSE A 292 -2.50 -52.74 5.80
CA MSE A 292 -3.77 -52.03 5.87
C MSE A 292 -3.87 -51.01 4.74
O MSE A 292 -4.90 -50.98 4.04
CB MSE A 292 -3.96 -51.37 7.25
CG MSE A 292 -4.25 -52.40 8.27
SE MSE A 292 -5.58 -51.75 9.46
CE MSE A 292 -4.30 -50.80 10.61
N LEU A 293 -2.80 -50.23 4.54
CA LEU A 293 -2.79 -49.21 3.50
C LEU A 293 -2.78 -49.83 2.09
N SER A 294 -2.23 -51.02 1.98
CA SER A 294 -2.13 -51.70 0.65
C SER A 294 -3.46 -52.36 0.26
N ASN A 295 -4.05 -53.07 1.20
CA ASN A 295 -5.24 -53.84 0.89
C ASN A 295 -6.52 -53.06 1.29
N THR A 296 -6.56 -51.79 0.89
CA THR A 296 -7.70 -50.96 1.15
C THR A 296 -8.87 -51.32 0.28
N VAL A 297 -10.02 -50.81 0.70
CA VAL A 297 -11.32 -51.19 0.17
C VAL A 297 -12.22 -49.98 0.49
N SER A 298 -13.38 -49.85 -0.17
CA SER A 298 -14.28 -48.73 0.03
C SER A 298 -15.65 -48.91 -0.56
N SER A 299 -16.64 -48.17 -0.04
CA SER A 299 -17.95 -48.06 -0.70
C SER A 299 -17.93 -47.14 -1.95
N SER A 300 -17.04 -46.14 -1.95
CA SER A 300 -16.95 -45.19 -3.05
C SER A 300 -16.28 -45.81 -4.28
N SER A 301 -15.99 -44.98 -5.27
CA SER A 301 -15.22 -45.45 -6.44
C SER A 301 -13.71 -45.48 -6.19
N TYR A 302 -13.28 -44.74 -5.18
CA TYR A 302 -11.86 -44.68 -4.87
C TYR A 302 -11.56 -45.82 -3.92
N LYS A 303 -10.99 -46.89 -4.45
CA LYS A 303 -10.89 -48.14 -3.68
C LYS A 303 -9.48 -48.32 -3.13
N THR A 304 -8.55 -47.51 -3.65
CA THR A 304 -7.17 -47.55 -3.14
C THR A 304 -6.60 -46.17 -2.91
N LEU A 305 -5.67 -46.02 -1.97
CA LEU A 305 -4.98 -44.72 -1.89
C LEU A 305 -4.43 -44.28 -3.23
N ALA A 306 -3.94 -45.18 -4.07
CA ALA A 306 -3.38 -44.69 -5.38
C ALA A 306 -4.36 -43.92 -6.26
N GLN A 307 -5.66 -44.23 -6.14
CA GLN A 307 -6.66 -43.62 -7.00
C GLN A 307 -6.96 -42.19 -6.60
N ILE A 308 -6.66 -41.83 -5.35
CA ILE A 308 -6.82 -40.45 -4.91
C ILE A 308 -5.49 -39.74 -4.89
N GLY A 309 -4.48 -40.34 -5.50
CA GLY A 309 -3.24 -39.63 -5.73
C GLY A 309 -2.13 -39.92 -4.74
N ILE A 310 -2.25 -40.99 -3.95
CA ILE A 310 -1.13 -41.39 -3.07
C ILE A 310 -0.45 -42.68 -3.56
N THR A 311 0.86 -42.61 -3.77
CA THR A 311 1.64 -43.67 -4.40
C THR A 311 2.49 -44.30 -3.28
N THR A 312 2.93 -45.53 -3.39
CA THR A 312 3.71 -46.13 -2.31
C THR A 312 5.07 -46.66 -2.73
N ASP A 313 6.12 -46.23 -2.02
CA ASP A 313 7.50 -46.63 -2.34
C ASP A 313 7.64 -48.12 -2.09
N PRO A 314 7.96 -48.87 -3.14
CA PRO A 314 7.86 -50.31 -2.92
C PRO A 314 8.86 -50.92 -1.92
N SER A 315 9.90 -50.19 -1.48
CA SER A 315 10.93 -50.81 -0.62
C SER A 315 10.71 -50.60 0.89
N ASP A 316 10.75 -49.34 1.32
CA ASP A 316 10.63 -48.97 2.75
C ASP A 316 9.19 -48.67 3.18
N GLY A 317 8.29 -48.58 2.19
CA GLY A 317 6.85 -48.43 2.43
C GLY A 317 6.33 -47.02 2.54
N LYS A 318 7.18 -46.01 2.37
CA LYS A 318 6.72 -44.63 2.53
C LYS A 318 5.63 -44.29 1.52
N LEU A 319 4.85 -43.26 1.83
CA LEU A 319 3.81 -42.73 0.95
C LEU A 319 4.26 -41.44 0.26
N GLU A 320 4.07 -41.35 -1.06
CA GLU A 320 4.28 -40.11 -1.79
C GLU A 320 2.89 -39.52 -2.11
N LEU A 321 2.71 -38.23 -1.87
CA LEU A 321 1.45 -37.54 -2.18
C LEU A 321 1.58 -36.61 -3.38
N ASP A 322 0.70 -36.78 -4.37
CA ASP A 322 0.60 -35.88 -5.51
C ASP A 322 -0.54 -34.87 -5.36
N ALA A 323 -0.26 -33.78 -4.63
CA ALA A 323 -1.25 -32.76 -4.30
C ALA A 323 -2.18 -32.42 -5.47
N ASP A 324 -1.63 -32.20 -6.66
CA ASP A 324 -2.46 -31.92 -7.84
C ASP A 324 -3.55 -32.98 -8.00
N LYS A 325 -3.14 -34.25 -7.96
CA LYS A 325 -4.01 -35.34 -8.37
C LYS A 325 -5.06 -35.54 -7.28
N LEU A 326 -4.70 -35.23 -6.04
CA LEU A 326 -5.62 -35.35 -4.91
C LEU A 326 -6.70 -34.26 -4.95
N THR A 327 -6.32 -33.06 -5.36
CA THR A 327 -7.25 -31.94 -5.44
C THR A 327 -8.33 -32.24 -6.48
N ALA A 328 -7.90 -32.85 -7.58
CA ALA A 328 -8.82 -33.30 -8.65
C ALA A 328 -9.86 -34.25 -8.08
N ALA A 329 -9.38 -35.32 -7.46
CA ALA A 329 -10.29 -36.36 -6.94
C ALA A 329 -11.28 -35.76 -5.93
N LEU A 330 -10.80 -34.83 -5.10
CA LEU A 330 -11.65 -34.12 -4.14
C LEU A 330 -12.66 -33.20 -4.83
N LYS A 331 -12.20 -32.50 -5.85
CA LYS A 331 -13.07 -31.59 -6.63
C LYS A 331 -14.20 -32.38 -7.29
N LYS A 332 -13.86 -33.59 -7.74
CA LYS A 332 -14.79 -34.45 -8.49
C LYS A 332 -15.82 -35.09 -7.58
N ASP A 333 -15.36 -35.65 -6.48
CA ASP A 333 -16.23 -36.42 -5.58
C ASP A 333 -15.64 -36.47 -4.15
N ALA A 334 -15.68 -35.32 -3.49
CA ALA A 334 -15.10 -35.18 -2.17
C ALA A 334 -15.63 -36.22 -1.24
N SER A 335 -16.95 -36.37 -1.27
CA SER A 335 -17.63 -37.34 -0.38
C SER A 335 -17.12 -38.74 -0.64
N GLY A 336 -16.88 -39.05 -1.92
CA GLY A 336 -16.32 -40.35 -2.30
C GLY A 336 -14.94 -40.62 -1.71
N VAL A 337 -14.06 -39.63 -1.77
CA VAL A 337 -12.75 -39.75 -1.12
C VAL A 337 -12.94 -39.99 0.38
N GLY A 338 -13.87 -39.26 0.94
CA GLY A 338 -14.21 -39.43 2.35
C GLY A 338 -14.60 -40.86 2.72
N ALA A 339 -15.32 -41.51 1.82
CA ALA A 339 -15.74 -42.89 2.05
C ALA A 339 -14.55 -43.81 2.22
N LEU A 340 -13.50 -43.58 1.42
CA LEU A 340 -12.26 -44.38 1.52
C LEU A 340 -11.53 -44.06 2.83
N ILE A 341 -11.16 -42.81 3.02
CA ILE A 341 -10.37 -42.44 4.18
C ILE A 341 -11.12 -42.68 5.53
N VAL A 342 -12.37 -42.25 5.63
CA VAL A 342 -13.10 -42.25 6.92
C VAL A 342 -14.12 -43.39 7.07
N GLY A 343 -14.82 -43.69 5.97
CA GLY A 343 -15.80 -44.76 5.97
C GLY A 343 -16.91 -44.47 6.96
N ASP A 344 -17.50 -45.52 7.50
CA ASP A 344 -18.57 -45.36 8.46
C ASP A 344 -18.11 -44.90 9.84
N GLY A 345 -16.81 -44.69 10.00
CA GLY A 345 -16.27 -44.21 11.30
C GLY A 345 -16.21 -45.22 12.44
N LYS A 346 -16.98 -46.29 12.40
CA LYS A 346 -16.98 -47.31 13.46
C LYS A 346 -16.16 -48.56 13.08
N LYS A 347 -16.45 -49.12 11.90
CA LYS A 347 -15.95 -50.41 11.47
C LYS A 347 -15.13 -50.27 10.18
N THR A 348 -15.48 -49.29 9.34
CA THR A 348 -14.93 -49.24 7.97
C THR A 348 -14.23 -47.93 7.68
N GLY A 349 -13.24 -47.94 6.84
CA GLY A 349 -12.45 -46.73 6.57
C GLY A 349 -11.00 -46.87 7.03
N ILE A 350 -10.06 -46.38 6.21
CA ILE A 350 -8.64 -46.53 6.52
C ILE A 350 -8.27 -45.97 7.92
N THR A 351 -8.65 -44.73 8.17
CA THR A 351 -8.33 -44.10 9.42
C THR A 351 -9.05 -44.82 10.58
N THR A 352 -10.23 -45.36 10.27
CA THR A 352 -10.99 -46.09 11.26
C THR A 352 -10.21 -47.31 11.73
N THR A 353 -9.70 -48.12 10.79
CA THR A 353 -9.11 -49.41 11.16
C THR A 353 -7.68 -49.21 11.65
N ILE A 354 -6.99 -48.23 11.11
CA ILE A 354 -5.69 -47.86 11.68
C ILE A 354 -5.87 -47.35 13.11
N GLY A 355 -6.88 -46.52 13.32
CA GLY A 355 -7.15 -45.95 14.62
C GLY A 355 -7.39 -47.03 15.66
N SER A 356 -8.19 -48.04 15.28
CA SER A 356 -8.44 -49.17 16.16
C SER A 356 -7.13 -49.87 16.49
N ASN A 357 -6.29 -50.09 15.48
CA ASN A 357 -5.05 -50.83 15.69
C ASN A 357 -4.14 -50.08 16.63
N LEU A 358 -3.99 -48.77 16.38
CA LEU A 358 -3.13 -47.92 17.21
C LEU A 358 -3.58 -47.95 18.66
N THR A 359 -4.90 -47.75 18.90
CA THR A 359 -5.43 -47.73 20.26
C THR A 359 -5.03 -48.99 20.98
N SER A 360 -5.19 -50.12 20.28
CA SER A 360 -4.95 -51.46 20.79
C SER A 360 -3.48 -51.69 21.06
N TRP A 361 -2.61 -51.13 20.23
CA TRP A 361 -1.17 -51.30 20.43
C TRP A 361 -0.67 -50.44 21.58
N LEU A 362 -1.26 -49.27 21.71
CA LEU A 362 -0.86 -48.30 22.75
C LEU A 362 -1.60 -48.48 24.10
N SER A 363 -2.56 -49.43 24.14
CA SER A 363 -3.33 -49.70 25.35
C SER A 363 -2.55 -50.47 26.40
N THR A 364 -3.06 -50.47 27.62
CA THR A 364 -2.37 -51.09 28.75
C THR A 364 -2.23 -52.61 28.58
N THR A 365 -3.19 -53.22 27.90
CA THR A 365 -3.12 -54.65 27.59
C THR A 365 -2.44 -54.93 26.24
N GLY A 366 -1.95 -53.89 25.60
CA GLY A 366 -1.41 -54.01 24.26
C GLY A 366 0.02 -54.52 24.24
N ILE A 367 0.57 -54.66 23.03
CA ILE A 367 1.86 -55.32 22.83
C ILE A 367 3.04 -54.44 23.24
N ILE A 368 2.91 -53.13 23.12
CA ILE A 368 4.04 -52.22 23.37
C ILE A 368 4.38 -52.13 24.85
N LYS A 369 3.37 -52.03 25.71
CA LYS A 369 3.63 -52.22 27.14
C LYS A 369 4.20 -53.61 27.37
N ALA A 370 3.53 -54.63 26.83
CA ALA A 370 4.01 -56.02 26.95
C ALA A 370 5.51 -56.16 26.69
N ALA A 371 6.02 -55.40 25.71
CA ALA A 371 7.45 -55.40 25.40
C ALA A 371 8.23 -54.68 26.49
N THR A 372 7.78 -53.46 26.82
CA THR A 372 8.50 -52.58 27.78
C THR A 372 8.40 -53.08 29.22
N ASP A 373 7.27 -53.67 29.61
CA ASP A 373 7.18 -54.32 30.93
C ASP A 373 8.28 -55.39 31.03
N GLY A 374 8.36 -56.27 30.02
CA GLY A 374 9.41 -57.30 29.94
C GLY A 374 10.78 -56.78 30.38
N VAL A 375 11.07 -55.55 30.02
CA VAL A 375 12.19 -54.81 30.60
C VAL A 375 11.73 -53.97 31.81
N GLY B 12 21.96 -47.34 -9.34
CA GLY B 12 20.92 -47.25 -8.27
C GLY B 12 20.48 -45.84 -7.98
N THR B 13 21.44 -44.96 -7.68
CA THR B 13 21.17 -43.56 -7.39
C THR B 13 20.85 -42.73 -8.65
N LEU B 14 21.05 -43.32 -9.84
CA LEU B 14 20.68 -42.68 -11.11
C LEU B 14 19.30 -43.14 -11.62
N LYS B 15 18.46 -43.62 -10.71
CA LYS B 15 17.02 -43.80 -10.98
C LYS B 15 16.32 -42.49 -10.61
N SER B 16 16.77 -41.86 -9.52
CA SER B 16 16.24 -40.56 -9.07
C SER B 16 16.43 -39.50 -10.14
N ALA B 17 17.69 -39.31 -10.55
CA ALA B 17 18.02 -38.33 -11.59
C ALA B 17 17.06 -38.44 -12.76
N LEU B 18 16.84 -39.66 -13.23
CA LEU B 18 16.01 -39.96 -14.40
C LEU B 18 14.53 -39.71 -14.16
N THR B 19 14.05 -39.97 -12.94
CA THR B 19 12.63 -39.72 -12.61
C THR B 19 12.34 -38.22 -12.45
N THR B 20 13.27 -37.50 -11.86
CA THR B 20 13.13 -36.04 -11.72
C THR B 20 13.07 -35.39 -13.11
N PHE B 21 13.90 -35.86 -14.01
CA PHE B 21 13.87 -35.38 -15.40
C PHE B 21 12.59 -35.81 -16.10
N GLN B 22 12.16 -37.05 -15.86
CA GLN B 22 10.91 -37.56 -16.43
C GLN B 22 9.75 -36.62 -16.13
N THR B 23 9.72 -36.09 -14.90
CA THR B 23 8.65 -35.18 -14.49
C THR B 23 8.64 -33.92 -15.33
N ALA B 24 9.82 -33.33 -15.49
CA ALA B 24 9.96 -32.10 -16.25
C ALA B 24 9.53 -32.32 -17.68
N ASN B 25 9.87 -33.50 -18.20
CA ASN B 25 9.55 -33.91 -19.57
C ASN B 25 8.06 -34.11 -19.74
N THR B 26 7.40 -34.73 -18.77
CA THR B 26 5.94 -34.87 -18.82
C THR B 26 5.26 -33.51 -18.82
N ALA B 27 5.81 -32.59 -18.04
CA ALA B 27 5.22 -31.27 -17.89
C ALA B 27 5.31 -30.51 -19.20
N LEU B 28 6.40 -30.70 -19.92
CA LEU B 28 6.60 -30.02 -21.21
C LEU B 28 5.80 -30.66 -22.36
N SER B 29 5.38 -31.90 -22.17
CA SER B 29 4.68 -32.64 -23.22
C SER B 29 3.17 -32.38 -23.23
N LYS B 30 2.76 -31.13 -23.08
CA LYS B 30 1.35 -30.75 -23.13
C LYS B 30 1.17 -29.77 -24.29
N ALA B 31 0.48 -30.20 -25.33
CA ALA B 31 0.20 -29.34 -26.49
C ALA B 31 -0.37 -27.96 -26.10
N ASP B 32 -1.25 -27.93 -25.11
CA ASP B 32 -1.94 -26.72 -24.68
C ASP B 32 -0.99 -25.60 -24.29
N LEU B 33 0.23 -25.94 -23.87
CA LEU B 33 1.24 -24.94 -23.59
C LEU B 33 1.46 -24.01 -24.76
N PHE B 34 1.36 -24.57 -25.98
CA PHE B 34 1.73 -23.85 -27.20
C PHE B 34 0.52 -23.25 -27.93
N SER B 35 -0.63 -23.26 -27.27
CA SER B 35 -1.81 -22.55 -27.75
C SER B 35 -2.30 -21.66 -26.63
N ALA B 36 -1.41 -21.44 -25.67
CA ALA B 36 -1.82 -20.85 -24.42
C ALA B 36 -2.29 -19.43 -24.66
N THR B 37 -3.27 -19.03 -23.86
CA THR B 37 -3.78 -17.67 -23.85
C THR B 37 -4.23 -17.31 -22.45
N SER B 38 -4.04 -16.04 -22.11
CA SER B 38 -4.50 -15.53 -20.82
C SER B 38 -5.67 -14.60 -21.08
N THR B 39 -6.32 -14.18 -20.01
CA THR B 39 -7.53 -13.38 -20.14
C THR B 39 -7.55 -12.17 -19.23
N THR B 40 -8.42 -11.24 -19.57
CA THR B 40 -8.58 -10.02 -18.82
C THR B 40 -9.99 -9.57 -19.02
N SER B 41 -10.64 -9.16 -17.94
CA SER B 41 -12.02 -8.69 -18.03
C SER B 41 -12.14 -7.27 -17.51
N SER B 42 -13.05 -6.52 -18.09
CA SER B 42 -13.28 -5.13 -17.69
C SER B 42 -14.22 -4.96 -16.50
N THR B 43 -14.72 -6.08 -15.96
CA THR B 43 -15.71 -6.05 -14.86
C THR B 43 -15.53 -7.23 -13.94
N THR B 44 -15.88 -7.01 -12.68
CA THR B 44 -16.01 -8.10 -11.75
C THR B 44 -17.26 -8.93 -12.09
N ALA B 45 -18.12 -8.39 -12.95
CA ALA B 45 -19.39 -9.04 -13.33
C ALA B 45 -19.20 -10.39 -14.00
N PHE B 46 -18.05 -10.58 -14.62
CA PHE B 46 -17.69 -11.86 -15.17
C PHE B 46 -16.19 -12.02 -15.30
N SER B 47 -15.77 -13.28 -15.41
CA SER B 47 -14.37 -13.62 -15.61
C SER B 47 -14.31 -14.85 -16.48
N ALA B 48 -13.12 -15.18 -16.95
CA ALA B 48 -12.98 -16.26 -17.93
C ALA B 48 -11.59 -16.87 -17.87
N THR B 49 -11.56 -18.20 -17.92
CA THR B 49 -10.33 -18.92 -18.12
C THR B 49 -10.40 -19.60 -19.47
N THR B 50 -9.23 -19.83 -20.06
CA THR B 50 -9.12 -20.42 -21.38
C THR B 50 -8.30 -21.68 -21.28
N ALA B 51 -8.57 -22.58 -22.20
CA ALA B 51 -7.76 -23.77 -22.37
C ALA B 51 -7.00 -23.57 -23.68
N GLY B 52 -6.53 -24.65 -24.27
CA GLY B 52 -5.71 -24.55 -25.46
C GLY B 52 -6.53 -24.09 -26.64
N ASN B 53 -5.88 -23.42 -27.58
CA ASN B 53 -6.49 -23.10 -28.87
C ASN B 53 -7.65 -22.11 -28.79
N ALA B 54 -7.63 -21.25 -27.79
CA ALA B 54 -8.62 -20.20 -27.74
C ALA B 54 -8.29 -19.16 -28.80
N ILE B 55 -9.32 -18.52 -29.36
CA ILE B 55 -9.10 -17.46 -30.35
C ILE B 55 -8.87 -16.09 -29.68
N ALA B 56 -7.71 -15.51 -29.96
CA ALA B 56 -7.34 -14.21 -29.41
C ALA B 56 -8.22 -13.09 -30.00
N GLY B 57 -8.56 -12.11 -29.15
CA GLY B 57 -9.30 -10.90 -29.57
C GLY B 57 -10.08 -10.20 -28.43
N LYS B 58 -10.69 -9.07 -28.74
CA LYS B 58 -11.61 -8.42 -27.82
C LYS B 58 -12.99 -9.03 -28.05
N TYR B 59 -13.59 -9.53 -26.98
CA TYR B 59 -14.95 -10.04 -27.00
C TYR B 59 -15.82 -9.06 -26.26
N THR B 60 -16.83 -8.49 -26.91
CA THR B 60 -17.81 -7.67 -26.18
C THR B 60 -18.86 -8.55 -25.53
N ILE B 61 -18.97 -8.44 -24.21
CA ILE B 61 -19.94 -9.27 -23.48
C ILE B 61 -20.99 -8.46 -22.75
N SER B 62 -22.22 -8.94 -22.85
CA SER B 62 -23.35 -8.39 -22.14
C SER B 62 -24.01 -9.49 -21.35
N VAL B 63 -24.45 -9.23 -20.14
CA VAL B 63 -25.14 -10.25 -19.37
C VAL B 63 -26.42 -9.69 -18.81
N THR B 64 -27.56 -10.15 -19.33
CA THR B 64 -28.86 -9.62 -18.90
C THR B 64 -29.56 -10.42 -17.82
N HIS B 65 -29.33 -11.73 -17.78
CA HIS B 65 -29.87 -12.60 -16.72
C HIS B 65 -28.89 -13.68 -16.29
N LEU B 66 -28.82 -13.94 -14.98
CA LEU B 66 -28.02 -15.03 -14.46
C LEU B 66 -28.86 -16.28 -14.38
N ALA B 67 -28.22 -17.43 -14.45
CA ALA B 67 -28.88 -18.70 -14.26
C ALA B 67 -29.25 -18.87 -12.81
N GLN B 68 -30.39 -19.50 -12.55
CA GLN B 68 -30.82 -19.82 -11.18
C GLN B 68 -31.25 -21.27 -11.06
N ALA B 69 -31.20 -21.79 -9.83
CA ALA B 69 -31.64 -23.16 -9.54
C ALA B 69 -32.97 -23.08 -8.84
N GLN B 70 -33.90 -23.90 -9.29
CA GLN B 70 -35.22 -23.93 -8.69
C GLN B 70 -35.19 -24.33 -7.23
N THR B 71 -35.99 -23.66 -6.45
CA THR B 71 -36.18 -24.01 -5.06
C THR B 71 -37.65 -23.93 -4.72
N LEU B 72 -38.18 -25.09 -4.33
CA LEU B 72 -39.55 -25.25 -3.92
C LEU B 72 -39.59 -25.28 -2.39
N THR B 73 -40.62 -24.69 -1.82
CA THR B 73 -40.79 -24.67 -0.36
C THR B 73 -42.23 -24.92 0.05
N THR B 74 -42.43 -25.77 1.06
CA THR B 74 -43.78 -26.03 1.54
C THR B 74 -44.50 -24.73 1.86
N ARG B 75 -45.73 -24.58 1.37
CA ARG B 75 -46.58 -23.43 1.66
C ARG B 75 -46.96 -23.36 3.11
N THR B 76 -47.06 -24.51 3.76
CA THR B 76 -47.47 -24.54 5.15
C THR B 76 -46.31 -25.00 6.01
N THR B 77 -46.45 -24.82 7.32
CA THR B 77 -45.38 -25.13 8.25
C THR B 77 -45.79 -26.30 9.11
N ARG B 78 -44.85 -26.77 9.93
CA ARG B 78 -45.14 -27.82 10.91
C ARG B 78 -44.57 -27.56 12.28
N ASP B 79 -45.29 -28.02 13.31
CA ASP B 79 -44.92 -27.79 14.73
C ASP B 79 -43.64 -28.53 15.18
N ASP B 80 -43.21 -29.56 14.43
CA ASP B 80 -41.90 -30.21 14.71
C ASP B 80 -41.31 -30.98 13.52
N THR B 81 -40.17 -31.61 13.70
CA THR B 81 -39.56 -32.36 12.59
C THR B 81 -39.63 -33.90 12.76
N LYS B 82 -40.16 -34.37 13.89
CA LYS B 82 -40.17 -35.80 14.26
C LYS B 82 -41.50 -36.49 13.91
N THR B 83 -42.57 -35.72 13.76
CA THR B 83 -43.92 -36.28 13.65
C THR B 83 -44.40 -36.56 12.25
N ALA B 84 -44.71 -37.81 11.99
CA ALA B 84 -45.12 -38.26 10.64
C ALA B 84 -46.26 -37.43 10.07
N ILE B 85 -46.09 -36.97 8.83
CA ILE B 85 -47.16 -36.31 8.07
C ILE B 85 -48.14 -37.32 7.51
N ALA B 86 -47.62 -38.43 7.00
CA ALA B 86 -48.43 -39.42 6.28
C ALA B 86 -48.77 -40.51 7.24
N THR B 87 -50.00 -41.04 7.16
CA THR B 87 -50.37 -42.21 7.92
C THR B 87 -50.30 -43.47 7.07
N SER B 88 -49.82 -43.38 5.83
CA SER B 88 -49.61 -44.54 4.95
C SER B 88 -48.25 -44.52 4.27
N ASP B 89 -47.73 -45.70 3.94
CA ASP B 89 -46.55 -45.81 3.08
C ASP B 89 -46.84 -45.18 1.73
N SER B 90 -45.82 -44.58 1.11
CA SER B 90 -46.02 -43.78 -0.11
C SER B 90 -44.79 -43.73 -0.95
N LYS B 91 -44.93 -43.27 -2.19
CA LYS B 91 -43.78 -43.13 -3.06
C LYS B 91 -43.66 -41.72 -3.60
N LEU B 92 -42.57 -41.04 -3.24
CA LEU B 92 -42.26 -39.72 -3.78
C LEU B 92 -41.54 -39.93 -5.08
N THR B 93 -41.99 -39.22 -6.12
CA THR B 93 -41.34 -39.25 -7.44
C THR B 93 -40.86 -37.86 -7.84
N ILE B 94 -39.56 -37.76 -8.06
CA ILE B 94 -38.93 -36.52 -8.48
C ILE B 94 -38.63 -36.58 -9.97
N GLN B 95 -39.16 -35.64 -10.73
CA GLN B 95 -38.98 -35.63 -12.19
C GLN B 95 -38.40 -34.31 -12.67
N GLN B 96 -37.11 -34.30 -12.95
CA GLN B 96 -36.51 -33.09 -13.49
C GLN B 96 -36.88 -33.04 -14.95
N GLY B 97 -36.55 -31.93 -15.59
CA GLY B 97 -36.83 -31.75 -17.01
C GLY B 97 -35.70 -32.25 -17.91
N GLY B 98 -35.74 -31.87 -19.17
CA GLY B 98 -34.67 -32.20 -20.10
C GLY B 98 -34.37 -33.65 -20.42
N ASP B 99 -35.38 -34.50 -20.55
CA ASP B 99 -35.07 -35.87 -20.99
C ASP B 99 -34.36 -36.70 -19.88
N LYS B 100 -34.58 -36.29 -18.64
CA LYS B 100 -34.03 -36.98 -17.48
C LYS B 100 -35.05 -38.02 -16.97
N ASP B 101 -34.57 -39.20 -16.63
CA ASP B 101 -35.44 -40.23 -16.08
C ASP B 101 -35.90 -39.84 -14.71
N PRO B 102 -37.16 -40.17 -14.38
CA PRO B 102 -37.63 -39.91 -13.03
C PRO B 102 -36.99 -40.81 -11.98
N ILE B 103 -36.93 -40.32 -10.74
CA ILE B 103 -36.45 -41.11 -9.60
C ILE B 103 -37.58 -41.28 -8.61
N THR B 104 -37.84 -42.52 -8.21
CA THR B 104 -38.86 -42.79 -7.24
C THR B 104 -38.23 -43.18 -5.89
N ILE B 105 -38.78 -42.65 -4.82
CA ILE B 105 -38.25 -42.91 -3.51
C ILE B 105 -39.35 -43.44 -2.63
N ASP B 106 -39.12 -44.59 -2.01
CA ASP B 106 -40.07 -45.09 -0.97
C ASP B 106 -40.00 -44.23 0.28
N ILE B 107 -41.15 -43.78 0.79
CA ILE B 107 -41.23 -43.12 2.10
C ILE B 107 -42.27 -43.86 2.93
N SER B 108 -41.79 -44.69 3.84
CA SER B 108 -42.69 -45.36 4.77
C SER B 108 -43.28 -44.35 5.72
N ALA B 109 -44.45 -44.69 6.26
CA ALA B 109 -45.22 -43.80 7.15
C ALA B 109 -44.38 -43.24 8.31
N ALA B 110 -43.74 -44.13 9.04
CA ALA B 110 -42.84 -43.80 10.11
C ALA B 110 -41.70 -42.89 9.71
N ASN B 111 -41.29 -42.90 8.43
CA ASN B 111 -40.25 -41.99 7.93
C ASN B 111 -40.83 -40.78 7.20
N SER B 112 -42.11 -40.54 7.45
CA SER B 112 -42.88 -39.47 6.81
C SER B 112 -42.76 -38.11 7.54
N SER B 113 -41.81 -37.99 8.47
CA SER B 113 -41.59 -36.73 9.15
C SER B 113 -40.66 -35.83 8.29
N LEU B 114 -40.58 -34.53 8.60
CA LEU B 114 -39.70 -33.64 7.85
C LEU B 114 -38.28 -34.19 7.85
N SER B 115 -37.83 -34.67 8.99
CA SER B 115 -36.54 -35.34 9.05
C SER B 115 -36.44 -36.52 8.07
N GLY B 116 -37.42 -37.39 8.12
CA GLY B 116 -37.40 -38.57 7.30
C GLY B 116 -37.48 -38.26 5.82
N ILE B 117 -38.32 -37.30 5.45
CA ILE B 117 -38.48 -36.94 4.04
C ILE B 117 -37.19 -36.36 3.60
N ARG B 118 -36.59 -35.53 4.44
CA ARG B 118 -35.33 -34.90 4.06
C ARG B 118 -34.26 -35.94 3.78
N ASP B 119 -33.99 -36.79 4.77
CA ASP B 119 -32.95 -37.80 4.62
C ASP B 119 -33.26 -38.68 3.42
N ALA B 120 -34.54 -39.03 3.23
CA ALA B 120 -34.98 -39.91 2.15
C ALA B 120 -34.59 -39.32 0.83
N ILE B 121 -34.91 -38.04 0.65
CA ILE B 121 -34.58 -37.36 -0.59
C ILE B 121 -33.08 -37.32 -0.77
N ASN B 122 -32.37 -36.75 0.18
CA ASN B 122 -30.90 -36.62 0.09
C ASN B 122 -30.13 -37.92 -0.14
N ASN B 123 -30.55 -39.02 0.47
CA ASN B 123 -29.85 -40.29 0.29
C ASN B 123 -30.15 -40.87 -1.10
N ALA B 124 -31.27 -40.46 -1.67
CA ALA B 124 -31.65 -40.92 -3.00
C ALA B 124 -30.68 -40.56 -4.07
N LYS B 125 -29.88 -39.51 -3.85
CA LYS B 125 -28.97 -38.96 -4.86
C LYS B 125 -29.68 -38.82 -6.19
N ALA B 126 -30.71 -37.97 -6.15
CA ALA B 126 -31.63 -37.74 -7.26
C ALA B 126 -31.43 -36.38 -7.96
N GLY B 127 -30.30 -35.75 -7.72
CA GLY B 127 -30.03 -34.45 -8.34
C GLY B 127 -30.70 -33.23 -7.73
N VAL B 128 -31.32 -33.40 -6.57
CA VAL B 128 -31.85 -32.31 -5.82
C VAL B 128 -31.36 -32.49 -4.41
N SER B 129 -31.59 -31.48 -3.57
CA SER B 129 -31.20 -31.47 -2.17
C SER B 129 -32.35 -30.98 -1.36
N ALA B 130 -32.61 -31.63 -0.24
CA ALA B 130 -33.72 -31.28 0.60
C ALA B 130 -33.15 -30.70 1.87
N SER B 131 -33.83 -29.73 2.47
CA SER B 131 -33.45 -29.27 3.81
C SER B 131 -34.60 -28.60 4.51
N ILE B 132 -34.50 -28.52 5.83
CA ILE B 132 -35.56 -28.04 6.68
C ILE B 132 -35.22 -26.65 7.15
N ILE B 133 -36.19 -25.75 7.06
CA ILE B 133 -35.98 -24.40 7.51
C ILE B 133 -36.85 -24.08 8.68
N ASN B 134 -36.21 -23.66 9.75
CA ASN B 134 -36.93 -23.17 10.93
C ASN B 134 -37.22 -21.70 10.74
N VAL B 135 -38.44 -21.37 10.38
CA VAL B 135 -38.85 -20.02 10.01
C VAL B 135 -39.23 -19.15 11.22
N GLY B 136 -39.12 -19.74 12.41
CA GLY B 136 -39.44 -19.05 13.65
C GLY B 136 -40.70 -19.55 14.35
N ASN B 137 -40.72 -19.38 15.66
CA ASN B 137 -41.88 -19.66 16.49
C ASN B 137 -42.19 -21.15 16.46
N GLY B 138 -41.13 -21.95 16.41
CA GLY B 138 -41.25 -23.40 16.43
C GLY B 138 -42.04 -23.92 15.23
N GLU B 139 -41.72 -23.36 14.07
CA GLU B 139 -42.39 -23.73 12.85
C GLU B 139 -41.40 -24.03 11.75
N TYR B 140 -41.64 -25.15 11.08
CA TYR B 140 -40.66 -25.71 10.17
C TYR B 140 -41.23 -25.85 8.74
N ARG B 141 -40.40 -25.58 7.76
CA ARG B 141 -40.74 -25.78 6.38
C ARG B 141 -39.72 -26.67 5.72
N LEU B 142 -40.20 -27.51 4.81
CA LEU B 142 -39.30 -28.30 4.00
C LEU B 142 -39.02 -27.46 2.81
N SER B 143 -37.80 -27.58 2.31
CA SER B 143 -37.37 -26.87 1.12
C SER B 143 -36.58 -27.83 0.24
N VAL B 144 -36.84 -27.79 -1.07
CA VAL B 144 -36.14 -28.68 -2.01
C VAL B 144 -35.61 -27.93 -3.20
N THR B 145 -34.31 -28.04 -3.43
CA THR B 145 -33.62 -27.26 -4.46
C THR B 145 -32.87 -28.14 -5.39
N SER B 146 -32.85 -27.76 -6.68
CA SER B 146 -32.19 -28.57 -7.68
C SER B 146 -30.71 -28.32 -7.57
N ASN B 147 -29.93 -29.37 -7.64
CA ASN B 147 -28.49 -29.25 -7.45
C ASN B 147 -27.80 -28.37 -8.46
N ASP B 148 -28.37 -28.28 -9.67
CA ASP B 148 -27.82 -27.50 -10.77
C ASP B 148 -28.80 -26.45 -11.27
N THR B 149 -28.26 -25.37 -11.79
CA THR B 149 -29.08 -24.26 -12.25
C THR B 149 -29.60 -24.54 -13.65
N GLY B 150 -30.73 -23.91 -13.97
CA GLY B 150 -31.29 -23.90 -15.31
C GLY B 150 -32.72 -24.38 -15.41
N LEU B 151 -33.43 -23.87 -16.40
CA LEU B 151 -34.82 -24.26 -16.65
C LEU B 151 -35.02 -25.76 -16.73
N ASP B 152 -34.08 -26.44 -17.32
CA ASP B 152 -34.18 -27.85 -17.60
C ASP B 152 -34.08 -28.67 -16.30
N ASN B 153 -33.48 -28.13 -15.26
CA ASN B 153 -33.36 -28.85 -13.97
C ASN B 153 -34.47 -28.55 -12.94
N ALA B 154 -35.50 -27.83 -13.38
CA ALA B 154 -36.66 -27.55 -12.54
C ALA B 154 -37.42 -28.85 -12.28
N MSE B 155 -38.13 -28.90 -11.17
CA MSE B 155 -38.67 -30.17 -10.67
C MSE B 155 -40.16 -30.29 -10.82
O MSE B 155 -40.87 -29.29 -10.86
CB MSE B 155 -38.44 -30.28 -9.17
CG MSE B 155 -37.09 -30.77 -8.82
SE MSE B 155 -36.74 -30.23 -7.06
CE MSE B 155 -36.21 -28.42 -7.39
N THR B 156 -40.60 -31.53 -10.85
CA THR B 156 -41.98 -31.89 -10.56
C THR B 156 -41.94 -32.90 -9.45
N LEU B 157 -42.68 -32.61 -8.38
CA LEU B 157 -42.80 -33.53 -7.25
C LEU B 157 -44.22 -34.11 -7.17
N SER B 158 -44.29 -35.42 -6.99
CA SER B 158 -45.58 -36.06 -6.76
C SER B 158 -45.45 -37.26 -5.83
N VAL B 159 -46.52 -37.46 -5.08
CA VAL B 159 -46.59 -38.52 -4.12
C VAL B 159 -47.81 -39.35 -4.43
N SER B 160 -47.65 -40.65 -4.32
CA SER B 160 -48.75 -41.54 -4.47
C SER B 160 -48.77 -42.35 -3.21
N GLY B 161 -49.95 -42.54 -2.63
CA GLY B 161 -50.05 -43.30 -1.42
C GLY B 161 -50.77 -42.53 -0.35
N ASP B 162 -50.32 -41.34 -0.04
CA ASP B 162 -50.94 -40.58 1.04
C ASP B 162 -51.37 -39.22 0.57
N ASP B 163 -52.66 -38.96 0.58
CA ASP B 163 -53.19 -37.67 0.11
C ASP B 163 -52.63 -36.48 0.92
N ALA B 164 -52.41 -36.69 2.21
CA ALA B 164 -51.91 -35.64 3.08
C ALA B 164 -50.52 -35.19 2.70
N LEU B 165 -49.68 -36.14 2.32
CA LEU B 165 -48.28 -35.86 2.01
C LEU B 165 -48.25 -35.16 0.67
N GLN B 166 -48.92 -35.75 -0.30
CA GLN B 166 -49.10 -35.12 -1.61
C GLN B 166 -49.57 -33.68 -1.50
N SER B 167 -50.52 -33.44 -0.60
CA SER B 167 -51.14 -32.14 -0.42
C SER B 167 -50.19 -31.14 0.19
N PHE B 168 -49.21 -31.68 0.90
CA PHE B 168 -48.22 -30.89 1.65
C PHE B 168 -46.98 -30.58 0.86
N MSE B 169 -46.55 -31.53 0.03
CA MSE B 169 -45.23 -31.52 -0.65
C MSE B 169 -45.25 -31.41 -2.16
O MSE B 169 -44.23 -31.13 -2.74
CB MSE B 169 -44.54 -32.86 -0.45
CG MSE B 169 -43.48 -32.90 0.54
SE MSE B 169 -42.69 -34.65 0.23
CE MSE B 169 -41.28 -34.04 -0.92
N GLY B 170 -46.37 -31.73 -2.80
CA GLY B 170 -46.36 -31.89 -4.25
C GLY B 170 -46.15 -30.60 -5.00
N TYR B 171 -45.43 -30.69 -6.13
CA TYR B 171 -45.35 -29.56 -7.05
C TYR B 171 -45.46 -30.01 -8.49
N ASP B 172 -46.40 -29.39 -9.20
CA ASP B 172 -46.52 -29.54 -10.64
C ASP B 172 -46.98 -28.21 -11.26
N ALA B 173 -46.08 -27.59 -12.04
CA ALA B 173 -46.36 -26.28 -12.63
C ALA B 173 -47.78 -26.21 -13.21
N SER B 174 -48.15 -27.26 -13.93
CA SER B 174 -49.44 -27.31 -14.61
C SER B 174 -50.66 -27.51 -13.69
N ALA B 175 -50.40 -27.86 -12.44
CA ALA B 175 -51.48 -28.20 -11.52
C ALA B 175 -52.20 -26.94 -11.03
N SER B 176 -53.47 -27.10 -10.67
CA SER B 176 -54.29 -26.00 -10.15
C SER B 176 -53.87 -25.62 -8.73
N SER B 177 -53.74 -26.61 -7.86
CA SER B 177 -53.29 -26.37 -6.49
C SER B 177 -52.02 -27.17 -6.20
N ASN B 178 -51.02 -26.52 -5.63
CA ASN B 178 -49.79 -27.18 -5.25
C ASN B 178 -49.49 -26.96 -3.79
N GLY B 179 -48.88 -27.94 -3.15
CA GLY B 179 -48.52 -27.85 -1.75
C GLY B 179 -47.26 -27.04 -1.59
N MSE B 180 -46.38 -27.18 -2.57
CA MSE B 180 -45.16 -26.38 -2.61
C MSE B 180 -45.36 -25.11 -3.37
O MSE B 180 -46.24 -24.96 -4.19
CB MSE B 180 -44.03 -27.12 -3.28
CG MSE B 180 -43.64 -28.32 -2.63
SE MSE B 180 -42.32 -28.34 -1.37
CE MSE B 180 -41.23 -29.75 -2.01
N GLU B 181 -44.46 -24.20 -3.10
CA GLU B 181 -44.50 -22.83 -3.59
C GLU B 181 -43.17 -22.64 -4.30
N VAL B 182 -43.12 -21.85 -5.35
CA VAL B 182 -41.81 -21.59 -5.99
C VAL B 182 -41.10 -20.45 -5.31
N SER B 183 -40.07 -20.76 -4.51
CA SER B 183 -39.33 -19.73 -3.75
C SER B 183 -38.38 -19.03 -4.64
N VAL B 184 -37.56 -19.81 -5.34
CA VAL B 184 -36.69 -19.34 -6.40
C VAL B 184 -37.05 -20.00 -7.75
N ALA B 185 -37.33 -19.19 -8.74
CA ALA B 185 -37.65 -19.65 -10.10
C ALA B 185 -36.41 -20.14 -10.79
N ALA B 186 -36.49 -21.32 -11.40
CA ALA B 186 -35.44 -21.78 -12.29
C ALA B 186 -35.32 -20.76 -13.44
N GLN B 187 -34.11 -20.34 -13.72
CA GLN B 187 -33.91 -19.57 -14.95
C GLN B 187 -32.57 -19.79 -15.64
N ASN B 188 -32.54 -19.51 -16.96
CA ASN B 188 -31.31 -19.63 -17.73
C ASN B 188 -30.50 -18.34 -17.75
N ALA B 189 -29.18 -18.52 -17.82
CA ALA B 189 -28.29 -17.42 -18.07
C ALA B 189 -28.58 -16.88 -19.47
N GLN B 190 -28.53 -15.55 -19.62
CA GLN B 190 -28.81 -14.91 -20.90
C GLN B 190 -27.82 -13.80 -21.20
N LEU B 191 -26.98 -14.05 -22.19
CA LEU B 191 -25.91 -13.11 -22.48
C LEU B 191 -25.80 -12.92 -23.96
N THR B 192 -25.04 -11.90 -24.36
CA THR B 192 -24.59 -11.81 -25.73
C THR B 192 -23.06 -11.64 -25.75
N VAL B 193 -22.42 -12.33 -26.68
CA VAL B 193 -20.98 -12.30 -26.85
C VAL B 193 -20.73 -11.94 -28.31
N ASN B 194 -20.14 -10.76 -28.51
CA ASN B 194 -19.98 -10.18 -29.82
C ASN B 194 -21.30 -10.18 -30.61
N ASN B 195 -22.31 -9.57 -30.01
CA ASN B 195 -23.65 -9.44 -30.58
C ASN B 195 -24.31 -10.74 -30.99
N VAL B 196 -23.93 -11.84 -30.36
CA VAL B 196 -24.59 -13.11 -30.59
C VAL B 196 -25.32 -13.60 -29.35
N ALA B 197 -26.63 -13.62 -29.40
CA ALA B 197 -27.45 -14.11 -28.29
C ALA B 197 -27.08 -15.54 -27.91
N ILE B 198 -26.79 -15.72 -26.63
CA ILE B 198 -26.52 -17.03 -26.04
C ILE B 198 -27.36 -17.22 -24.79
N GLU B 199 -28.00 -18.39 -24.71
CA GLU B 199 -28.75 -18.86 -23.55
C GLU B 199 -28.01 -20.08 -23.00
N ASN B 200 -28.00 -20.21 -21.67
CA ASN B 200 -27.30 -21.32 -21.03
C ASN B 200 -27.87 -21.74 -19.65
N SER B 201 -27.77 -23.03 -19.34
CA SER B 201 -28.21 -23.56 -18.06
C SER B 201 -27.44 -23.03 -16.89
N SER B 202 -26.18 -22.67 -17.11
CA SER B 202 -25.25 -22.49 -16.03
C SER B 202 -24.58 -21.12 -16.09
N ASN B 203 -24.10 -20.66 -14.94
CA ASN B 203 -23.30 -19.46 -14.84
C ASN B 203 -21.81 -19.77 -14.94
N THR B 204 -21.49 -21.04 -15.15
CA THR B 204 -20.15 -21.48 -15.49
C THR B 204 -20.21 -22.08 -16.87
N ILE B 205 -20.10 -21.22 -17.87
CA ILE B 205 -20.39 -21.61 -19.23
C ILE B 205 -19.11 -22.04 -19.93
N SER B 206 -18.99 -23.34 -20.14
CA SER B 206 -17.83 -23.86 -20.88
C SER B 206 -18.19 -24.59 -22.20
N ASP B 207 -19.49 -24.74 -22.48
CA ASP B 207 -19.96 -25.42 -23.69
C ASP B 207 -20.48 -24.48 -24.78
N ALA B 208 -20.40 -23.15 -24.58
CA ALA B 208 -20.98 -22.20 -25.55
C ALA B 208 -19.91 -21.76 -26.50
N LEU B 209 -18.91 -21.04 -25.97
CA LEU B 209 -17.74 -20.60 -26.74
C LEU B 209 -16.60 -21.62 -26.67
N GLU B 210 -15.90 -21.85 -27.79
CA GLU B 210 -14.88 -22.93 -27.82
C GLU B 210 -13.65 -22.62 -26.98
N ASN B 211 -13.15 -23.64 -26.29
CA ASN B 211 -11.94 -23.52 -25.46
C ASN B 211 -11.94 -22.36 -24.45
N ILE B 212 -13.13 -21.89 -24.09
CA ILE B 212 -13.28 -20.84 -23.12
C ILE B 212 -14.30 -21.24 -22.04
N THR B 213 -13.91 -21.08 -20.80
CA THR B 213 -14.84 -21.18 -19.70
C THR B 213 -15.14 -19.76 -19.24
N LEU B 214 -16.41 -19.40 -19.37
CA LEU B 214 -16.88 -18.07 -18.99
C LEU B 214 -17.64 -18.16 -17.64
N ASN B 215 -17.15 -17.40 -16.66
CA ASN B 215 -17.75 -17.40 -15.35
C ASN B 215 -18.62 -16.16 -15.12
N LEU B 216 -19.94 -16.33 -15.07
CA LEU B 216 -20.84 -15.21 -14.81
C LEU B 216 -21.03 -14.94 -13.31
N ASN B 217 -20.83 -13.69 -12.90
CA ASN B 217 -20.96 -13.30 -11.48
C ASN B 217 -22.13 -12.37 -11.19
N ASP B 218 -22.40 -11.46 -12.12
CA ASP B 218 -23.51 -10.53 -12.00
C ASP B 218 -23.94 -10.01 -13.36
N VAL B 219 -25.13 -9.42 -13.38
CA VAL B 219 -25.62 -8.72 -14.54
C VAL B 219 -24.64 -7.58 -14.91
N THR B 220 -24.35 -7.39 -16.19
CA THR B 220 -23.49 -6.28 -16.59
C THR B 220 -24.28 -5.01 -16.75
N THR B 221 -23.57 -3.89 -16.76
CA THR B 221 -24.14 -2.61 -17.20
C THR B 221 -23.13 -1.90 -18.09
N GLY B 222 -23.62 -1.30 -19.16
CA GLY B 222 -22.75 -0.63 -20.10
C GLY B 222 -22.00 -1.60 -20.99
N ASN B 223 -20.98 -1.06 -21.67
CA ASN B 223 -20.16 -1.80 -22.62
C ASN B 223 -18.96 -2.45 -21.94
N GLN B 224 -18.97 -3.78 -21.86
CA GLN B 224 -17.90 -4.52 -21.19
C GLN B 224 -17.22 -5.49 -22.12
N THR B 225 -15.99 -5.86 -21.79
CA THR B 225 -15.19 -6.67 -22.69
C THR B 225 -14.35 -7.71 -21.97
N LEU B 226 -14.27 -8.88 -22.60
CA LEU B 226 -13.34 -9.93 -22.23
C LEU B 226 -12.28 -9.94 -23.33
N THR B 227 -11.02 -9.94 -22.92
CA THR B 227 -9.91 -9.94 -23.85
C THR B 227 -9.09 -11.21 -23.71
N ILE B 228 -8.85 -11.89 -24.82
CA ILE B 228 -8.02 -13.07 -24.81
C ILE B 228 -6.76 -12.74 -25.56
N THR B 229 -5.62 -12.96 -24.93
CA THR B 229 -4.31 -12.64 -25.53
C THR B 229 -3.38 -13.85 -25.52
N GLN B 230 -2.52 -13.94 -26.54
CA GLN B 230 -1.52 -14.99 -26.63
C GLN B 230 -0.60 -14.94 -25.40
N ASP B 231 -0.24 -16.11 -24.89
CA ASP B 231 0.62 -16.23 -23.69
C ASP B 231 1.69 -17.30 -23.84
N THR B 232 2.92 -16.85 -24.00
CA THR B 232 4.03 -17.77 -24.13
C THR B 232 4.74 -18.07 -22.79
N SER B 233 4.48 -17.26 -21.77
CA SER B 233 5.22 -17.37 -20.51
C SER B 233 5.18 -18.80 -19.97
N LYS B 234 4.01 -19.42 -20.07
CA LYS B 234 3.81 -20.77 -19.52
C LYS B 234 4.72 -21.78 -20.22
N ALA B 235 4.72 -21.72 -21.54
CA ALA B 235 5.59 -22.58 -22.37
C ALA B 235 7.08 -22.36 -22.12
N GLN B 236 7.48 -21.11 -21.89
CA GLN B 236 8.88 -20.79 -21.56
C GLN B 236 9.33 -21.43 -20.26
N THR B 237 8.53 -21.27 -19.20
CA THR B 237 8.82 -21.87 -17.90
C THR B 237 9.01 -23.38 -18.07
N ALA B 238 8.08 -24.02 -18.75
CA ALA B 238 8.15 -25.45 -19.01
C ALA B 238 9.47 -25.81 -19.70
N ILE B 239 9.83 -25.04 -20.72
CA ILE B 239 11.09 -25.28 -21.45
C ILE B 239 12.32 -25.02 -20.58
N LYS B 240 12.29 -23.99 -19.75
CA LYS B 240 13.40 -23.70 -18.83
C LYS B 240 13.60 -24.85 -17.84
N ASP B 241 12.49 -25.30 -17.23
CA ASP B 241 12.54 -26.36 -16.23
C ASP B 241 13.07 -27.67 -16.81
N TRP B 242 12.68 -27.92 -18.06
CA TRP B 242 13.08 -29.11 -18.79
C TRP B 242 14.58 -29.08 -19.06
N VAL B 243 15.06 -27.97 -19.61
CA VAL B 243 16.51 -27.76 -19.82
C VAL B 243 17.32 -27.94 -18.54
N ASN B 244 16.84 -27.35 -17.45
CA ASN B 244 17.53 -27.47 -16.16
C ASN B 244 17.52 -28.88 -15.59
N ALA B 245 16.38 -29.57 -15.73
CA ALA B 245 16.27 -30.96 -15.28
C ALA B 245 17.23 -31.88 -16.03
N TYR B 246 17.32 -31.69 -17.35
CA TYR B 246 18.25 -32.46 -18.20
C TYR B 246 19.71 -32.17 -17.82
N ASN B 247 20.05 -30.89 -17.66
CA ASN B 247 21.40 -30.51 -17.24
C ASN B 247 21.79 -31.10 -15.89
N SER B 248 20.81 -31.22 -14.98
CA SER B 248 21.03 -31.90 -13.69
C SER B 248 21.29 -33.40 -13.86
N LEU B 249 20.55 -34.02 -14.78
CA LEU B 249 20.74 -35.44 -15.10
C LEU B 249 22.15 -35.69 -15.64
N ILE B 250 22.66 -34.79 -16.48
CA ILE B 250 24.03 -34.92 -17.00
C ILE B 250 25.06 -34.79 -15.87
N ASP B 251 24.80 -33.91 -14.91
CA ASP B 251 25.65 -33.81 -13.71
C ASP B 251 25.66 -35.14 -12.96
N THR B 252 24.50 -35.79 -12.84
CA THR B 252 24.39 -37.10 -12.17
C THR B 252 25.15 -38.21 -12.92
N PHE B 253 25.12 -38.17 -14.26
CA PHE B 253 25.94 -39.06 -15.10
C PHE B 253 27.44 -38.86 -14.80
N SER B 254 27.88 -37.61 -14.82
CA SER B 254 29.27 -37.26 -14.55
C SER B 254 29.70 -37.76 -13.16
N SER B 255 28.88 -37.47 -12.16
CA SER B 255 29.12 -37.92 -10.79
C SER B 255 29.24 -39.43 -10.74
N ASP B 279 30.05 -49.05 -16.69
CA ASP B 279 28.71 -49.58 -16.90
C ASP B 279 28.23 -49.30 -18.34
N SER B 280 27.43 -50.23 -18.88
CA SER B 280 26.86 -50.10 -20.23
C SER B 280 25.41 -49.60 -20.23
N THR B 281 24.72 -49.74 -19.10
CA THR B 281 23.31 -49.34 -18.97
C THR B 281 23.22 -47.82 -18.88
N LEU B 282 24.10 -47.23 -18.09
CA LEU B 282 24.24 -45.77 -18.01
C LEU B 282 24.65 -45.22 -19.37
N ARG B 283 25.71 -45.81 -19.94
CA ARG B 283 26.23 -45.38 -21.25
C ARG B 283 25.14 -45.35 -22.32
N THR B 284 24.30 -46.38 -22.36
CA THR B 284 23.22 -46.48 -23.34
C THR B 284 22.22 -45.34 -23.19
N ILE B 285 21.84 -45.05 -21.94
CA ILE B 285 20.87 -43.99 -21.67
C ILE B 285 21.44 -42.61 -22.00
N GLN B 286 22.69 -42.38 -21.62
CA GLN B 286 23.36 -41.11 -21.87
C GLN B 286 23.50 -40.84 -23.36
N THR B 287 23.90 -41.87 -24.11
CA THR B 287 24.12 -41.76 -25.57
C THR B 287 22.82 -41.56 -26.33
N GLN B 288 21.81 -42.32 -25.95
CA GLN B 288 20.50 -42.26 -26.62
C GLN B 288 19.83 -40.89 -26.46
N LEU B 289 19.86 -40.36 -25.24
CA LEU B 289 19.26 -39.06 -24.94
C LEU B 289 19.96 -37.97 -25.74
N LYS B 290 21.29 -38.05 -25.80
CA LYS B 290 22.09 -37.10 -26.58
C LYS B 290 21.65 -37.15 -28.05
N SER B 291 21.60 -38.36 -28.60
CA SER B 291 21.18 -38.60 -30.01
C SER B 291 19.79 -38.04 -30.30
N MSE B 292 18.84 -38.33 -29.41
CA MSE B 292 17.45 -37.89 -29.60
C MSE B 292 17.31 -36.37 -29.69
O MSE B 292 16.59 -35.89 -30.56
CB MSE B 292 16.56 -38.39 -28.46
CG MSE B 292 16.27 -39.91 -28.52
SE MSE B 292 15.07 -40.51 -27.07
CE MSE B 292 16.33 -40.92 -25.62
N LEU B 293 18.01 -35.65 -28.81
CA LEU B 293 18.02 -34.17 -28.85
C LEU B 293 18.83 -33.62 -30.05
N SER B 294 19.83 -34.36 -30.51
CA SER B 294 20.65 -33.94 -31.65
C SER B 294 19.91 -34.19 -32.97
N ASN B 295 19.26 -35.36 -33.09
CA ASN B 295 18.67 -35.87 -34.38
C ASN B 295 17.14 -35.75 -34.42
N THR B 296 16.67 -34.53 -34.42
CA THR B 296 15.25 -34.22 -34.32
C THR B 296 14.57 -34.17 -35.70
N VAL B 297 13.27 -34.50 -35.73
CA VAL B 297 12.41 -34.37 -36.92
C VAL B 297 11.16 -33.57 -36.52
N SER B 298 10.65 -32.74 -37.43
CA SER B 298 9.54 -31.83 -37.14
C SER B 298 8.76 -31.37 -38.37
N SER B 299 7.44 -31.26 -38.24
CA SER B 299 6.59 -30.82 -39.36
C SER B 299 6.61 -29.29 -39.53
N SER B 300 7.02 -28.57 -38.49
CA SER B 300 7.13 -27.10 -38.55
C SER B 300 8.45 -26.62 -39.19
N SER B 301 8.59 -25.29 -39.29
CA SER B 301 9.82 -24.64 -39.78
C SER B 301 11.00 -24.82 -38.83
N TYR B 302 10.71 -24.99 -37.55
CA TYR B 302 11.73 -25.14 -36.53
C TYR B 302 12.09 -26.63 -36.39
N LYS B 303 13.25 -27.03 -36.90
CA LYS B 303 13.57 -28.47 -36.95
C LYS B 303 14.69 -28.90 -36.01
N THR B 304 15.36 -27.94 -35.38
CA THR B 304 16.38 -28.25 -34.37
C THR B 304 16.20 -27.36 -33.16
N LEU B 305 16.74 -27.78 -32.01
CA LEU B 305 16.62 -27.00 -30.78
C LEU B 305 17.23 -25.60 -30.89
N ALA B 306 18.44 -25.50 -31.43
CA ALA B 306 19.08 -24.20 -31.62
C ALA B 306 18.10 -23.17 -32.18
N GLN B 307 17.49 -23.51 -33.30
CA GLN B 307 16.58 -22.59 -33.97
C GLN B 307 15.60 -21.91 -33.01
N ILE B 308 15.27 -22.58 -31.91
CA ILE B 308 14.36 -22.02 -30.90
C ILE B 308 15.09 -21.56 -29.62
N GLY B 309 16.37 -21.23 -29.74
CA GLY B 309 17.17 -20.68 -28.64
C GLY B 309 18.14 -21.64 -27.97
N ILE B 310 17.72 -22.89 -27.79
CA ILE B 310 18.48 -23.90 -27.04
C ILE B 310 19.66 -24.40 -27.84
N THR B 311 20.87 -24.21 -27.32
CA THR B 311 22.04 -24.71 -28.02
C THR B 311 22.76 -25.79 -27.19
N THR B 312 23.47 -26.66 -27.91
CA THR B 312 24.05 -27.87 -27.36
C THR B 312 25.59 -27.73 -27.30
N ASP B 313 26.12 -27.73 -26.08
CA ASP B 313 27.56 -27.60 -25.84
C ASP B 313 28.24 -28.92 -26.25
N PRO B 314 29.18 -28.87 -27.22
CA PRO B 314 29.72 -30.11 -27.78
C PRO B 314 30.48 -31.04 -26.80
N SER B 315 31.04 -30.48 -25.73
CA SER B 315 31.89 -31.26 -24.82
C SER B 315 31.11 -32.12 -23.81
N ASP B 316 30.13 -31.52 -23.15
CA ASP B 316 29.36 -32.18 -22.10
C ASP B 316 28.11 -32.88 -22.66
N GLY B 317 27.40 -32.18 -23.54
CA GLY B 317 26.08 -32.60 -24.00
C GLY B 317 25.00 -31.67 -23.47
N LYS B 318 25.34 -30.87 -22.45
CA LYS B 318 24.38 -30.05 -21.70
C LYS B 318 23.88 -28.83 -22.50
N LEU B 319 22.57 -28.59 -22.46
CA LEU B 319 21.91 -27.53 -23.23
C LEU B 319 21.95 -26.17 -22.49
N GLU B 320 22.15 -25.09 -23.24
CA GLU B 320 22.13 -23.72 -22.68
C GLU B 320 21.08 -22.86 -23.38
N LEU B 321 19.96 -22.57 -22.70
CA LEU B 321 18.83 -21.82 -23.28
C LEU B 321 19.16 -20.33 -23.39
N ASP B 322 18.85 -19.74 -24.54
CA ASP B 322 18.86 -18.30 -24.73
C ASP B 322 17.40 -17.83 -24.64
N ALA B 323 17.06 -17.14 -23.55
CA ALA B 323 15.65 -16.75 -23.29
C ALA B 323 15.11 -15.76 -24.31
N ASP B 324 15.98 -14.88 -24.81
CA ASP B 324 15.57 -13.88 -25.78
C ASP B 324 15.17 -14.53 -27.10
N LYS B 325 16.09 -15.31 -27.68
CA LYS B 325 15.82 -16.01 -28.93
C LYS B 325 14.67 -17.02 -28.83
N LEU B 326 14.37 -17.50 -27.61
CA LEU B 326 13.24 -18.42 -27.41
C LEU B 326 11.91 -17.70 -27.47
N THR B 327 11.85 -16.59 -26.78
CA THR B 327 10.65 -15.77 -26.70
C THR B 327 10.28 -15.32 -28.12
N ALA B 328 11.31 -14.92 -28.88
CA ALA B 328 11.13 -14.49 -30.27
C ALA B 328 10.43 -15.59 -31.09
N ALA B 329 11.03 -16.78 -31.06
CA ALA B 329 10.51 -17.91 -31.83
C ALA B 329 9.06 -18.22 -31.45
N LEU B 330 8.78 -18.19 -30.15
CA LEU B 330 7.43 -18.40 -29.65
C LEU B 330 6.47 -17.27 -30.10
N LYS B 331 6.95 -16.03 -30.02
CA LYS B 331 6.14 -14.89 -30.46
C LYS B 331 5.81 -14.98 -31.96
N LYS B 332 6.76 -15.50 -32.73
CA LYS B 332 6.63 -15.59 -34.18
C LYS B 332 5.68 -16.71 -34.59
N ASP B 333 5.85 -17.88 -33.98
CA ASP B 333 5.10 -19.08 -34.38
C ASP B 333 5.07 -20.12 -33.24
N ALA B 334 4.31 -19.78 -32.20
CA ALA B 334 4.23 -20.59 -30.99
C ALA B 334 3.85 -22.01 -31.33
N SER B 335 2.82 -22.14 -32.15
CA SER B 335 2.32 -23.46 -32.59
C SER B 335 3.43 -24.27 -33.29
N GLY B 336 4.25 -23.58 -34.07
CA GLY B 336 5.38 -24.20 -34.77
C GLY B 336 6.44 -24.77 -33.83
N VAL B 337 6.82 -24.00 -32.81
CA VAL B 337 7.70 -24.51 -31.74
C VAL B 337 7.08 -25.75 -31.10
N GLY B 338 5.78 -25.66 -30.82
CA GLY B 338 5.04 -26.78 -30.24
C GLY B 338 5.19 -28.05 -31.08
N ALA B 339 5.15 -27.90 -32.39
CA ALA B 339 5.28 -29.03 -33.31
C ALA B 339 6.62 -29.74 -33.11
N LEU B 340 7.68 -28.99 -32.83
CA LEU B 340 8.98 -29.60 -32.54
C LEU B 340 8.98 -30.31 -31.18
N ILE B 341 8.66 -29.57 -30.12
CA ILE B 341 8.73 -30.09 -28.75
C ILE B 341 7.73 -31.20 -28.44
N VAL B 342 6.47 -31.04 -28.86
CA VAL B 342 5.38 -31.98 -28.52
C VAL B 342 4.97 -32.89 -29.68
N GLY B 343 4.90 -32.35 -30.89
CA GLY B 343 4.50 -33.12 -32.05
C GLY B 343 3.10 -33.62 -31.90
N ASP B 344 2.82 -34.78 -32.48
CA ASP B 344 1.48 -35.38 -32.42
C ASP B 344 1.14 -36.00 -31.06
N GLY B 345 2.10 -35.98 -30.14
CA GLY B 345 1.88 -36.53 -28.80
C GLY B 345 1.93 -38.05 -28.67
N LYS B 346 1.77 -38.79 -29.77
CA LYS B 346 1.75 -40.25 -29.73
C LYS B 346 3.06 -40.86 -30.29
N LYS B 347 3.47 -40.44 -31.47
CA LYS B 347 4.63 -41.02 -32.15
C LYS B 347 5.74 -39.97 -32.45
N THR B 348 5.37 -38.70 -32.61
CA THR B 348 6.32 -37.68 -33.03
C THR B 348 6.46 -36.57 -31.99
N GLY B 349 7.62 -35.93 -31.99
CA GLY B 349 7.92 -34.86 -31.04
C GLY B 349 8.99 -35.28 -30.07
N ILE B 350 9.85 -34.32 -29.68
CA ILE B 350 10.97 -34.62 -28.79
C ILE B 350 10.52 -35.21 -27.46
N THR B 351 9.60 -34.52 -26.80
CA THR B 351 9.16 -34.92 -25.46
C THR B 351 8.43 -36.25 -25.58
N THR B 352 7.75 -36.46 -26.70
CA THR B 352 7.05 -37.72 -26.98
C THR B 352 8.02 -38.92 -26.98
N THR B 353 9.10 -38.81 -27.74
CA THR B 353 10.01 -39.97 -27.93
C THR B 353 10.89 -40.16 -26.69
N ILE B 354 11.27 -39.06 -26.06
CA ILE B 354 12.00 -39.10 -24.79
C ILE B 354 11.14 -39.75 -23.72
N GLY B 355 9.87 -39.35 -23.70
CA GLY B 355 8.89 -39.89 -22.75
C GLY B 355 8.74 -41.38 -22.89
N SER B 356 8.61 -41.84 -24.13
CA SER B 356 8.51 -43.27 -24.43
C SER B 356 9.76 -44.01 -23.95
N ASN B 357 10.94 -43.44 -24.20
CA ASN B 357 12.21 -44.07 -23.80
C ASN B 357 12.36 -44.14 -22.28
N LEU B 358 12.01 -43.05 -21.59
CA LEU B 358 12.06 -43.02 -20.12
C LEU B 358 11.14 -44.05 -19.48
N THR B 359 9.89 -44.11 -19.97
CA THR B 359 8.94 -45.09 -19.44
C THR B 359 9.50 -46.51 -19.58
N SER B 360 10.10 -46.77 -20.75
CA SER B 360 10.66 -48.09 -21.08
C SER B 360 11.88 -48.42 -20.23
N TRP B 361 12.69 -47.42 -19.92
CA TRP B 361 13.87 -47.64 -19.08
C TRP B 361 13.48 -47.82 -17.62
N LEU B 362 12.47 -47.08 -17.18
CA LEU B 362 11.99 -47.14 -15.78
C LEU B 362 10.95 -48.23 -15.52
N SER B 363 10.56 -48.96 -16.56
CA SER B 363 9.56 -50.03 -16.43
C SER B 363 10.13 -51.29 -15.77
N THR B 364 9.24 -52.17 -15.34
CA THR B 364 9.63 -53.41 -14.65
C THR B 364 10.44 -54.34 -15.56
N THR B 365 10.17 -54.30 -16.86
CA THR B 365 10.92 -55.11 -17.84
C THR B 365 12.11 -54.36 -18.46
N GLY B 366 12.37 -53.13 -18.01
CA GLY B 366 13.36 -52.26 -18.67
C GLY B 366 14.82 -52.62 -18.46
N ILE B 367 15.68 -51.82 -19.08
CA ILE B 367 17.13 -51.98 -18.97
C ILE B 367 17.64 -51.67 -17.57
N ILE B 368 16.96 -50.76 -16.86
CA ILE B 368 17.34 -50.38 -15.51
C ILE B 368 16.97 -51.47 -14.49
N LYS B 369 15.77 -52.03 -14.61
CA LYS B 369 15.34 -53.10 -13.70
C LYS B 369 16.15 -54.41 -13.86
N ALA B 370 16.80 -54.57 -15.01
CA ALA B 370 17.66 -55.73 -15.29
C ALA B 370 19.07 -55.54 -14.70
N ALA B 371 19.60 -54.31 -14.78
CA ALA B 371 20.88 -53.98 -14.15
C ALA B 371 20.76 -53.78 -12.64
N THR B 372 19.52 -53.84 -12.12
CA THR B 372 19.27 -53.96 -10.68
C THR B 372 19.36 -55.42 -10.26
N ASP B 373 18.59 -56.28 -10.93
CA ASP B 373 18.61 -57.72 -10.66
C ASP B 373 19.95 -58.37 -11.02
N LYS C 7 50.55 -18.95 -18.02
CA LYS C 7 50.78 -18.00 -19.18
C LYS C 7 49.69 -18.09 -20.28
N LEU C 8 49.37 -19.31 -20.71
CA LEU C 8 48.16 -19.54 -21.50
C LEU C 8 46.98 -18.91 -20.74
N SER C 9 46.96 -19.07 -19.41
CA SER C 9 45.89 -18.51 -18.54
C SER C 9 46.00 -17.01 -18.38
N ALA C 10 47.23 -16.52 -18.20
CA ALA C 10 47.49 -15.07 -18.23
C ALA C 10 46.93 -14.46 -19.52
N TYR C 11 47.28 -15.09 -20.65
CA TYR C 11 46.71 -14.70 -21.94
C TYR C 11 45.18 -14.88 -21.95
N GLY C 12 44.68 -15.92 -21.29
CA GLY C 12 43.23 -16.14 -21.05
C GLY C 12 42.45 -15.09 -20.29
N THR C 13 43.04 -14.54 -19.24
CA THR C 13 42.42 -13.45 -18.50
C THR C 13 42.31 -12.18 -19.34
N LEU C 14 43.40 -11.85 -20.03
CA LEU C 14 43.44 -10.72 -20.94
C LEU C 14 42.25 -10.76 -21.92
N LYS C 15 42.04 -11.92 -22.57
CA LYS C 15 40.90 -12.11 -23.48
C LYS C 15 39.55 -11.89 -22.77
N SER C 16 39.36 -12.46 -21.59
CA SER C 16 38.12 -12.22 -20.86
C SER C 16 37.93 -10.75 -20.59
N ALA C 17 38.98 -10.10 -20.11
CA ALA C 17 38.92 -8.67 -19.83
C ALA C 17 38.53 -7.92 -21.09
N LEU C 18 39.33 -8.06 -22.14
CA LEU C 18 39.06 -7.39 -23.40
C LEU C 18 37.66 -7.68 -23.92
N THR C 19 37.18 -8.89 -23.71
CA THR C 19 35.85 -9.25 -24.18
C THR C 19 34.78 -8.56 -23.33
N THR C 20 35.00 -8.50 -22.02
CA THR C 20 34.05 -7.79 -21.13
C THR C 20 33.93 -6.30 -21.54
N PHE C 21 35.05 -5.69 -21.86
CA PHE C 21 35.05 -4.32 -22.33
C PHE C 21 34.39 -4.20 -23.69
N GLN C 22 34.65 -5.19 -24.56
CA GLN C 22 34.06 -5.20 -25.90
C GLN C 22 32.55 -5.16 -25.79
N THR C 23 31.98 -5.87 -24.81
CA THR C 23 30.53 -5.90 -24.66
C THR C 23 30.02 -4.51 -24.34
N ALA C 24 30.68 -3.84 -23.39
CA ALA C 24 30.25 -2.50 -22.95
C ALA C 24 30.33 -1.54 -24.11
N ASN C 25 31.36 -1.71 -24.95
CA ASN C 25 31.58 -0.89 -26.12
C ASN C 25 30.51 -1.13 -27.16
N THR C 26 30.12 -2.39 -27.37
CA THR C 26 29.05 -2.69 -28.33
C THR C 26 27.76 -2.02 -27.86
N ALA C 27 27.54 -2.04 -26.54
CA ALA C 27 26.28 -1.54 -25.98
C ALA C 27 26.20 -0.05 -26.18
N LEU C 28 27.35 0.61 -26.14
CA LEU C 28 27.39 2.07 -26.26
C LEU C 28 27.30 2.48 -27.73
N SER C 29 27.59 1.54 -28.62
CA SER C 29 27.68 1.87 -30.04
C SER C 29 26.30 1.76 -30.74
N LYS C 30 25.24 2.25 -30.11
CA LYS C 30 23.91 2.26 -30.71
C LYS C 30 23.43 3.71 -30.85
N ALA C 31 23.34 4.21 -32.08
CA ALA C 31 22.89 5.60 -32.34
C ALA C 31 21.59 5.94 -31.57
N ASP C 32 20.67 4.97 -31.55
CA ASP C 32 19.36 5.20 -30.92
C ASP C 32 19.46 5.75 -29.51
N LEU C 33 20.53 5.41 -28.79
CA LEU C 33 20.75 5.93 -27.44
C LEU C 33 20.68 7.43 -27.39
N PHE C 34 21.13 8.06 -28.45
CA PHE C 34 21.28 9.52 -28.49
C PHE C 34 20.12 10.21 -29.22
N SER C 35 19.05 9.48 -29.48
CA SER C 35 17.78 10.05 -29.95
C SER C 35 16.68 9.48 -29.08
N ALA C 36 17.08 8.85 -27.99
CA ALA C 36 16.11 8.22 -27.14
C ALA C 36 15.10 9.25 -26.69
N THR C 37 13.86 8.80 -26.58
CA THR C 37 12.78 9.59 -26.03
C THR C 37 11.84 8.72 -25.24
N SER C 38 11.27 9.29 -24.19
CA SER C 38 10.29 8.62 -23.38
C SER C 38 8.95 9.23 -23.67
N THR C 39 7.89 8.65 -23.18
CA THR C 39 6.56 9.17 -23.43
C THR C 39 5.70 9.28 -22.20
N THR C 40 4.61 10.03 -22.34
CA THR C 40 3.66 10.22 -21.28
C THR C 40 2.32 10.52 -21.91
N SER C 41 1.27 9.91 -21.38
CA SER C 41 -0.06 10.13 -21.90
C SER C 41 -0.97 10.65 -20.80
N SER C 42 -1.93 11.48 -21.18
CA SER C 42 -2.89 12.04 -20.22
C SER C 42 -4.14 11.15 -20.01
N THR C 43 -4.17 9.97 -20.65
CA THR C 43 -5.33 9.06 -20.57
C THR C 43 -4.91 7.62 -20.68
N THR C 44 -5.67 6.77 -20.01
CA THR C 44 -5.54 5.35 -20.21
C THR C 44 -6.03 5.02 -21.63
N ALA C 45 -6.74 5.95 -22.26
CA ALA C 45 -7.38 5.70 -23.56
C ALA C 45 -6.38 5.35 -24.62
N PHE C 46 -5.15 5.77 -24.43
CA PHE C 46 -4.08 5.38 -25.33
C PHE C 46 -2.73 5.54 -24.66
N SER C 47 -1.73 4.91 -25.27
CA SER C 47 -0.35 4.97 -24.78
C SER C 47 0.54 4.82 -25.96
N ALA C 48 1.82 5.10 -25.76
CA ALA C 48 2.75 5.16 -26.93
C ALA C 48 4.16 4.84 -26.51
N THR C 49 4.85 4.05 -27.33
CA THR C 49 6.28 3.85 -27.15
C THR C 49 6.91 4.46 -28.36
N THR C 50 8.16 4.84 -28.21
CA THR C 50 8.95 5.45 -29.28
C THR C 50 10.18 4.62 -29.54
N ALA C 51 10.70 4.76 -30.74
CA ALA C 51 11.98 4.15 -31.13
C ALA C 51 12.84 5.35 -31.34
N GLY C 52 13.95 5.17 -32.02
CA GLY C 52 14.93 6.22 -32.15
C GLY C 52 14.39 7.33 -33.02
N ASN C 53 14.91 8.53 -32.82
CA ASN C 53 14.64 9.67 -33.68
C ASN C 53 13.22 10.18 -33.68
N ALA C 54 12.48 9.96 -32.60
CA ALA C 54 11.12 10.49 -32.52
C ALA C 54 11.20 11.98 -32.27
N ILE C 55 10.23 12.74 -32.76
CA ILE C 55 10.24 14.19 -32.58
C ILE C 55 9.56 14.57 -31.27
N ALA C 56 10.31 15.27 -30.41
CA ALA C 56 9.82 15.69 -29.10
C ALA C 56 8.77 16.78 -29.25
N GLY C 57 7.77 16.75 -28.39
CA GLY C 57 6.72 17.79 -28.33
C GLY C 57 5.40 17.29 -27.71
N LYS C 58 4.46 18.20 -27.50
CA LYS C 58 3.10 17.82 -27.07
C LYS C 58 2.31 17.49 -28.34
N TYR C 59 1.76 16.29 -28.40
CA TYR C 59 0.88 15.87 -29.47
C TYR C 59 -0.55 15.84 -28.93
N THR C 60 -1.46 16.63 -29.51
CA THR C 60 -2.87 16.50 -29.15
C THR C 60 -3.51 15.32 -29.86
N ILE C 61 -4.05 14.38 -29.11
CA ILE C 61 -4.70 13.22 -29.71
C ILE C 61 -6.18 13.07 -29.41
N SER C 62 -6.92 12.73 -30.45
CA SER C 62 -8.33 12.46 -30.36
C SER C 62 -8.58 11.09 -30.95
N VAL C 63 -9.45 10.31 -30.35
CA VAL C 63 -9.75 8.99 -30.90
C VAL C 63 -11.26 8.78 -30.95
N THR C 64 -11.82 8.79 -32.16
CA THR C 64 -13.27 8.72 -32.32
C THR C 64 -13.77 7.33 -32.60
N HIS C 65 -12.98 6.49 -33.27
CA HIS C 65 -13.35 5.08 -33.43
C HIS C 65 -12.16 4.17 -33.26
N LEU C 66 -12.37 3.01 -32.64
CA LEU C 66 -11.33 1.98 -32.59
C LEU C 66 -11.48 1.07 -33.79
N ALA C 67 -10.38 0.42 -34.16
CA ALA C 67 -10.36 -0.60 -35.22
C ALA C 67 -11.08 -1.83 -34.72
N GLN C 68 -11.94 -2.40 -35.56
CA GLN C 68 -12.63 -3.66 -35.27
C GLN C 68 -12.36 -4.70 -36.36
N ALA C 69 -12.53 -5.97 -36.01
CA ALA C 69 -12.35 -7.07 -36.98
C ALA C 69 -13.71 -7.60 -37.29
N GLN C 70 -14.00 -7.80 -38.56
CA GLN C 70 -15.30 -8.30 -38.99
C GLN C 70 -15.56 -9.65 -38.42
N THR C 71 -16.80 -9.87 -38.04
CA THR C 71 -17.27 -11.19 -37.63
C THR C 71 -18.63 -11.43 -38.23
N LEU C 72 -18.68 -12.47 -39.04
CA LEU C 72 -19.89 -12.93 -39.72
C LEU C 72 -20.41 -14.14 -38.99
N THR C 73 -21.74 -14.28 -38.88
CA THR C 73 -22.34 -15.41 -38.17
C THR C 73 -23.55 -15.89 -38.91
N THR C 74 -23.69 -17.21 -39.03
CA THR C 74 -24.85 -17.79 -39.67
C THR C 74 -26.14 -17.21 -39.09
N ARG C 75 -27.05 -16.79 -39.96
CA ARG C 75 -28.38 -16.31 -39.58
C ARG C 75 -29.24 -17.41 -38.98
N THR C 76 -29.01 -18.64 -39.39
CA THR C 76 -29.80 -19.76 -38.90
C THR C 76 -28.92 -20.66 -38.08
N THR C 77 -29.58 -21.56 -37.33
CA THR C 77 -28.87 -22.45 -36.42
C THR C 77 -29.01 -23.87 -36.92
N ARG C 78 -28.27 -24.77 -36.29
CA ARG C 78 -28.37 -26.20 -36.57
C ARG C 78 -28.52 -27.10 -35.34
N ASP C 79 -29.24 -28.20 -35.51
CA ASP C 79 -29.51 -29.17 -34.42
C ASP C 79 -28.26 -29.89 -33.89
N ASP C 80 -27.17 -29.98 -34.67
CA ASP C 80 -25.90 -30.55 -34.18
C ASP C 80 -24.70 -30.11 -35.00
N THR C 81 -23.51 -30.61 -34.64
CA THR C 81 -22.26 -30.21 -35.35
C THR C 81 -21.69 -31.29 -36.27
N LYS C 82 -22.27 -32.48 -36.22
CA LYS C 82 -21.75 -33.66 -36.95
C LYS C 82 -22.39 -33.84 -38.34
N THR C 83 -23.58 -33.28 -38.55
CA THR C 83 -24.44 -33.61 -39.69
C THR C 83 -24.20 -32.72 -40.90
N ALA C 84 -23.85 -33.33 -42.02
CA ALA C 84 -23.52 -32.59 -43.24
C ALA C 84 -24.67 -31.68 -43.70
N ILE C 85 -24.32 -30.43 -44.00
CA ILE C 85 -25.25 -29.46 -44.55
C ILE C 85 -25.42 -29.67 -46.05
N ALA C 86 -24.31 -29.97 -46.72
CA ALA C 86 -24.25 -30.06 -48.17
C ALA C 86 -24.36 -31.52 -48.60
N THR C 87 -25.10 -31.78 -49.67
CA THR C 87 -25.17 -33.14 -50.21
C THR C 87 -24.25 -33.28 -51.44
N SER C 88 -23.47 -32.24 -51.72
CA SER C 88 -22.46 -32.28 -52.80
C SER C 88 -21.12 -31.68 -52.37
N ASP C 89 -20.05 -32.19 -52.99
CA ASP C 89 -18.71 -31.59 -52.83
C ASP C 89 -18.80 -30.13 -53.30
N SER C 90 -18.02 -29.26 -52.68
CA SER C 90 -18.14 -27.82 -52.94
C SER C 90 -16.83 -27.10 -52.65
N LYS C 91 -16.74 -25.85 -53.12
CA LYS C 91 -15.56 -25.05 -52.85
C LYS C 91 -15.96 -23.75 -52.17
N LEU C 92 -15.46 -23.56 -50.96
CA LEU C 92 -15.59 -22.30 -50.25
C LEU C 92 -14.46 -21.38 -50.65
N THR C 93 -14.81 -20.15 -51.02
CA THR C 93 -13.81 -19.15 -51.38
C THR C 93 -13.91 -17.95 -50.47
N ILE C 94 -12.80 -17.68 -49.79
CA ILE C 94 -12.70 -16.55 -48.88
C ILE C 94 -11.90 -15.43 -49.55
N GLN C 95 -12.51 -14.25 -49.66
CA GLN C 95 -11.87 -13.12 -50.34
C GLN C 95 -11.83 -11.91 -49.45
N GLN C 96 -10.68 -11.65 -48.85
CA GLN C 96 -10.55 -10.43 -48.06
C GLN C 96 -10.37 -9.26 -49.01
N GLY C 97 -10.43 -8.05 -48.48
CA GLY C 97 -10.26 -6.87 -49.30
C GLY C 97 -8.80 -6.51 -49.45
N GLY C 98 -8.56 -5.29 -49.87
CA GLY C 98 -7.20 -4.74 -49.95
C GLY C 98 -6.18 -5.42 -50.85
N ASP C 99 -6.55 -5.83 -52.05
CA ASP C 99 -5.56 -6.36 -53.00
C ASP C 99 -4.97 -7.72 -52.53
N LYS C 100 -5.77 -8.45 -51.76
CA LYS C 100 -5.37 -9.75 -51.23
C LYS C 100 -5.91 -10.81 -52.16
N ASP C 101 -5.10 -11.81 -52.48
CA ASP C 101 -5.55 -12.91 -53.31
C ASP C 101 -6.61 -13.74 -52.57
N PRO C 102 -7.59 -14.27 -53.31
CA PRO C 102 -8.57 -15.14 -52.70
C PRO C 102 -7.96 -16.46 -52.35
N ILE C 103 -8.55 -17.12 -51.34
CA ILE C 103 -8.21 -18.49 -50.96
C ILE C 103 -9.41 -19.36 -51.19
N THR C 104 -9.20 -20.47 -51.88
CA THR C 104 -10.25 -21.45 -52.10
C THR C 104 -9.98 -22.72 -51.29
N ILE C 105 -11.04 -23.23 -50.67
CA ILE C 105 -10.94 -24.42 -49.84
C ILE C 105 -11.92 -25.46 -50.35
N ASP C 106 -11.43 -26.67 -50.59
CA ASP C 106 -12.31 -27.82 -50.86
C ASP C 106 -13.08 -28.25 -49.59
N ILE C 107 -14.39 -28.38 -49.71
CA ILE C 107 -15.23 -28.93 -48.65
C ILE C 107 -16.02 -30.09 -49.25
N SER C 108 -15.57 -31.31 -48.99
CA SER C 108 -16.32 -32.48 -49.42
C SER C 108 -17.63 -32.62 -48.61
N ALA C 109 -18.61 -33.25 -49.21
CA ALA C 109 -19.94 -33.41 -48.61
C ALA C 109 -19.81 -33.90 -47.17
N ALA C 110 -19.18 -35.06 -47.01
CA ALA C 110 -18.95 -35.64 -45.68
C ALA C 110 -18.29 -34.67 -44.69
N ASN C 111 -17.51 -33.71 -45.16
CA ASN C 111 -16.90 -32.71 -44.28
C ASN C 111 -17.70 -31.40 -44.23
N SER C 112 -18.95 -31.49 -44.63
CA SER C 112 -19.83 -30.34 -44.76
C SER C 112 -20.57 -30.01 -43.48
N SER C 113 -20.17 -30.61 -42.38
CA SER C 113 -20.77 -30.33 -41.08
C SER C 113 -20.15 -29.07 -40.48
N LEU C 114 -20.77 -28.51 -39.46
CA LEU C 114 -20.20 -27.33 -38.80
C LEU C 114 -18.79 -27.63 -38.30
N SER C 115 -18.57 -28.81 -37.74
CA SER C 115 -17.22 -29.25 -37.39
C SER C 115 -16.28 -29.26 -38.59
N GLY C 116 -16.72 -29.89 -39.67
CA GLY C 116 -15.88 -30.00 -40.85
C GLY C 116 -15.59 -28.67 -41.50
N ILE C 117 -16.60 -27.81 -41.60
CA ILE C 117 -16.41 -26.50 -42.21
C ILE C 117 -15.44 -25.74 -41.36
N ARG C 118 -15.61 -25.84 -40.04
CA ARG C 118 -14.74 -25.14 -39.13
C ARG C 118 -13.29 -25.59 -39.28
N ASP C 119 -13.04 -26.86 -39.15
CA ASP C 119 -11.67 -27.34 -39.30
C ASP C 119 -11.09 -26.98 -40.68
N ALA C 120 -11.93 -27.10 -41.71
CA ALA C 120 -11.52 -26.82 -43.09
C ALA C 120 -11.02 -25.39 -43.19
N ILE C 121 -11.81 -24.46 -42.68
CA ILE C 121 -11.43 -23.06 -42.74
C ILE C 121 -10.13 -22.81 -41.96
N ASN C 122 -10.10 -23.18 -40.68
CA ASN C 122 -8.93 -22.98 -39.82
C ASN C 122 -7.63 -23.63 -40.30
N ASN C 123 -7.69 -24.81 -40.91
CA ASN C 123 -6.48 -25.47 -41.41
C ASN C 123 -5.98 -24.80 -42.70
N ALA C 124 -6.87 -24.11 -43.40
CA ALA C 124 -6.53 -23.39 -44.63
C ALA C 124 -5.55 -22.25 -44.40
N LYS C 125 -5.48 -21.75 -43.16
CA LYS C 125 -4.64 -20.61 -42.82
C LYS C 125 -4.85 -19.51 -43.86
N ALA C 126 -6.09 -19.02 -43.90
CA ALA C 126 -6.54 -18.06 -44.90
C ALA C 126 -6.76 -16.65 -44.30
N GLY C 127 -6.22 -16.41 -43.12
CA GLY C 127 -6.36 -15.10 -42.48
C GLY C 127 -7.68 -14.85 -41.79
N VAL C 128 -8.50 -15.86 -41.65
CA VAL C 128 -9.70 -15.77 -40.83
C VAL C 128 -9.69 -16.93 -39.89
N SER C 129 -10.61 -16.91 -38.94
CA SER C 129 -10.79 -18.00 -37.95
C SER C 129 -12.26 -18.35 -37.84
N ALA C 130 -12.54 -19.63 -37.82
CA ALA C 130 -13.89 -20.12 -37.76
C ALA C 130 -14.09 -20.73 -36.37
N SER C 131 -15.31 -20.59 -35.85
CA SER C 131 -15.67 -21.28 -34.62
C SER C 131 -17.16 -21.48 -34.49
N ILE C 132 -17.53 -22.43 -33.66
CA ILE C 132 -18.92 -22.82 -33.50
C ILE C 132 -19.43 -22.27 -32.19
N ILE C 133 -20.59 -21.65 -32.22
CA ILE C 133 -21.20 -21.13 -31.02
C ILE C 133 -22.48 -21.87 -30.71
N ASN C 134 -22.52 -22.44 -29.52
CA ASN C 134 -23.71 -23.08 -29.01
C ASN C 134 -24.58 -22.02 -28.34
N VAL C 135 -25.61 -21.57 -29.05
CA VAL C 135 -26.42 -20.42 -28.61
C VAL C 135 -27.51 -20.82 -27.61
N GLY C 136 -27.54 -22.10 -27.28
CA GLY C 136 -28.53 -22.62 -26.37
C GLY C 136 -29.60 -23.50 -27.01
N ASN C 137 -30.16 -24.38 -26.18
CA ASN C 137 -31.25 -25.27 -26.58
C ASN C 137 -30.80 -26.15 -27.73
N GLY C 138 -29.55 -26.61 -27.65
CA GLY C 138 -29.01 -27.56 -28.61
C GLY C 138 -29.05 -27.03 -30.01
N GLU C 139 -28.67 -25.76 -30.14
CA GLU C 139 -28.63 -25.05 -31.41
C GLU C 139 -27.28 -24.39 -31.60
N TYR C 140 -26.73 -24.58 -32.79
CA TYR C 140 -25.36 -24.20 -33.10
C TYR C 140 -25.29 -23.19 -34.25
N ARG C 141 -24.40 -22.21 -34.13
CA ARG C 141 -24.11 -21.26 -35.20
C ARG C 141 -22.66 -21.28 -35.55
N LEU C 142 -22.35 -21.10 -36.83
CA LEU C 142 -20.98 -20.98 -37.28
C LEU C 142 -20.70 -19.53 -37.25
N SER C 143 -19.48 -19.18 -36.88
CA SER C 143 -19.06 -17.78 -36.80
C SER C 143 -17.66 -17.65 -37.40
N VAL C 144 -17.45 -16.65 -38.24
CA VAL C 144 -16.16 -16.49 -38.91
C VAL C 144 -15.61 -15.07 -38.82
N THR C 145 -14.43 -14.95 -38.23
CA THR C 145 -13.88 -13.63 -37.90
C THR C 145 -12.56 -13.42 -38.57
N SER C 146 -12.29 -12.19 -39.00
CA SER C 146 -11.03 -11.91 -39.66
C SER C 146 -9.95 -11.81 -38.61
N ASN C 147 -8.81 -12.43 -38.88
CA ASN C 147 -7.73 -12.43 -37.90
C ASN C 147 -7.22 -11.06 -37.50
N ASP C 148 -7.34 -10.09 -38.42
CA ASP C 148 -6.83 -8.74 -38.18
C ASP C 148 -7.92 -7.72 -38.37
N THR C 149 -7.80 -6.63 -37.64
CA THR C 149 -8.83 -5.59 -37.65
C THR C 149 -8.69 -4.69 -38.86
N GLY C 150 -9.81 -4.08 -39.23
CA GLY C 150 -9.83 -3.07 -40.28
C GLY C 150 -10.72 -3.36 -41.49
N LEU C 151 -11.20 -2.29 -42.11
CA LEU C 151 -12.08 -2.35 -43.27
C LEU C 151 -11.57 -3.27 -44.33
N ASP C 152 -10.27 -3.19 -44.53
CA ASP C 152 -9.62 -3.87 -45.61
C ASP C 152 -9.62 -5.41 -45.41
N ASN C 153 -9.73 -5.86 -44.17
CA ASN C 153 -9.72 -7.30 -43.88
C ASN C 153 -11.11 -7.95 -43.76
N ALA C 154 -12.15 -7.21 -44.12
CA ALA C 154 -13.51 -7.72 -44.15
C ALA C 154 -13.60 -8.75 -45.27
N MSE C 155 -14.55 -9.65 -45.12
CA MSE C 155 -14.62 -10.84 -45.93
C MSE C 155 -15.74 -10.81 -46.94
O MSE C 155 -16.74 -10.11 -46.78
CB MSE C 155 -14.90 -12.03 -45.03
CG MSE C 155 -13.70 -12.58 -44.36
SE MSE C 155 -14.36 -13.64 -42.94
CE MSE C 155 -14.49 -12.21 -41.68
N THR C 156 -15.56 -11.62 -47.96
CA THR C 156 -16.63 -12.08 -48.80
C THR C 156 -16.51 -13.58 -48.85
N LEU C 157 -17.59 -14.26 -48.48
CA LEU C 157 -17.67 -15.73 -48.52
C LEU C 157 -18.63 -16.21 -49.60
N SER C 158 -18.16 -17.17 -50.39
CA SER C 158 -18.99 -17.77 -51.41
C SER C 158 -18.66 -19.23 -51.57
N VAL C 159 -19.70 -19.99 -51.93
CA VAL C 159 -19.60 -21.42 -52.10
C VAL C 159 -20.15 -21.77 -53.45
N SER C 160 -19.46 -22.65 -54.15
CA SER C 160 -19.90 -23.11 -55.45
C SER C 160 -19.97 -24.61 -55.36
N GLY C 161 -21.07 -25.19 -55.77
CA GLY C 161 -21.22 -26.63 -55.67
C GLY C 161 -22.52 -27.04 -55.01
N ASP C 162 -22.81 -26.50 -53.83
CA ASP C 162 -24.03 -26.87 -53.10
C ASP C 162 -24.82 -25.63 -52.76
N ASP C 163 -26.01 -25.49 -53.32
CA ASP C 163 -26.89 -24.34 -53.07
C ASP C 163 -27.27 -24.19 -51.58
N ALA C 164 -27.39 -25.32 -50.89
CA ALA C 164 -27.76 -25.30 -49.46
C ALA C 164 -26.68 -24.66 -48.60
N LEU C 165 -25.42 -24.97 -48.94
CA LEU C 165 -24.27 -24.49 -48.16
C LEU C 165 -24.13 -23.00 -48.39
N GLN C 166 -24.09 -22.64 -49.66
CA GLN C 166 -24.06 -21.24 -50.06
C GLN C 166 -25.13 -20.43 -49.34
N SER C 167 -26.33 -20.99 -49.28
CA SER C 167 -27.49 -20.32 -48.71
C SER C 167 -27.33 -20.14 -47.21
N PHE C 168 -26.53 -21.01 -46.62
CA PHE C 168 -26.35 -21.08 -45.17
C PHE C 168 -25.18 -20.28 -44.71
N MSE C 169 -24.13 -20.20 -45.52
CA MSE C 169 -22.83 -19.63 -45.13
C MSE C 169 -22.37 -18.38 -45.87
O MSE C 169 -21.41 -17.75 -45.45
CB MSE C 169 -21.74 -20.63 -45.47
CG MSE C 169 -21.21 -21.37 -44.35
SE MSE C 169 -19.70 -22.27 -45.04
CE MSE C 169 -18.38 -20.96 -44.48
N GLY C 170 -22.95 -18.11 -47.03
CA GLY C 170 -22.37 -17.11 -47.89
C GLY C 170 -22.53 -15.71 -47.40
N TYR C 171 -21.53 -14.86 -47.66
CA TYR C 171 -21.66 -13.43 -47.38
C TYR C 171 -21.05 -12.58 -48.48
N ASP C 172 -21.86 -11.66 -49.01
CA ASP C 172 -21.40 -10.66 -49.94
C ASP C 172 -22.18 -9.39 -49.66
N ALA C 173 -21.47 -8.37 -49.18
CA ALA C 173 -22.09 -7.07 -48.82
C ALA C 173 -23.06 -6.61 -49.91
N SER C 174 -22.63 -6.74 -51.16
CA SER C 174 -23.43 -6.26 -52.30
C SER C 174 -24.66 -7.15 -52.63
N ALA C 175 -24.73 -8.33 -52.03
CA ALA C 175 -25.79 -9.30 -52.34
C ALA C 175 -27.12 -8.90 -51.71
N SER C 176 -28.22 -9.30 -52.36
CA SER C 176 -29.57 -9.01 -51.85
C SER C 176 -29.88 -9.86 -50.61
N SER C 177 -29.61 -11.16 -50.68
CA SER C 177 -29.85 -12.07 -49.56
C SER C 177 -28.55 -12.80 -49.20
N ASN C 178 -28.20 -12.78 -47.91
CA ASN C 178 -27.01 -13.46 -47.44
C ASN C 178 -27.37 -14.44 -46.36
N GLY C 179 -26.64 -15.56 -46.32
CA GLY C 179 -26.84 -16.55 -45.28
C GLY C 179 -26.21 -16.09 -43.96
N MSE C 180 -25.09 -15.42 -44.06
CA MSE C 180 -24.43 -14.86 -42.90
C MSE C 180 -24.92 -13.47 -42.61
O MSE C 180 -25.44 -12.76 -43.46
CB MSE C 180 -22.94 -14.77 -43.09
CG MSE C 180 -22.30 -16.02 -43.27
SE MSE C 180 -21.65 -16.85 -41.78
CE MSE C 180 -19.95 -17.46 -42.45
N GLU C 181 -24.67 -13.08 -41.37
CA GLU C 181 -25.14 -11.84 -40.80
C GLU C 181 -23.88 -11.09 -40.31
N VAL C 182 -23.87 -9.77 -40.35
CA VAL C 182 -22.70 -9.10 -39.79
C VAL C 182 -22.90 -8.92 -38.28
N SER C 183 -22.17 -9.68 -37.47
CA SER C 183 -22.25 -9.60 -36.02
C SER C 183 -21.45 -8.44 -35.50
N VAL C 184 -20.19 -8.36 -35.92
CA VAL C 184 -19.32 -7.19 -35.70
C VAL C 184 -18.90 -6.62 -37.06
N ALA C 185 -19.15 -5.32 -37.24
CA ALA C 185 -18.75 -4.60 -38.45
C ALA C 185 -17.26 -4.35 -38.43
N ALA C 186 -16.61 -4.59 -39.56
CA ALA C 186 -15.22 -4.19 -39.73
C ALA C 186 -15.17 -2.66 -39.62
N GLN C 187 -14.26 -2.14 -38.80
CA GLN C 187 -14.05 -0.71 -38.86
C GLN C 187 -12.61 -0.34 -38.63
N ASN C 188 -12.20 0.72 -39.30
CA ASN C 188 -10.87 1.23 -39.10
C ASN C 188 -10.83 2.14 -37.88
N ALA C 189 -9.65 2.17 -37.29
CA ALA C 189 -9.33 3.14 -36.24
C ALA C 189 -9.37 4.52 -36.87
N GLN C 190 -9.95 5.48 -36.14
CA GLN C 190 -10.09 6.86 -36.62
C GLN C 190 -9.70 7.90 -35.57
N LEU C 191 -8.60 8.59 -35.82
CA LEU C 191 -8.09 9.48 -34.80
C LEU C 191 -7.61 10.76 -35.46
N THR C 192 -7.36 11.79 -34.66
CA THR C 192 -6.61 12.91 -35.18
C THR C 192 -5.42 13.15 -34.25
N VAL C 193 -4.27 13.45 -34.85
CA VAL C 193 -3.05 13.74 -34.11
C VAL C 193 -2.61 15.14 -34.56
N ASN C 194 -2.59 16.07 -33.63
CA ASN C 194 -2.37 17.46 -33.92
C ASN C 194 -3.21 17.94 -35.10
N ASN C 195 -4.52 17.80 -34.95
CA ASN C 195 -5.50 18.21 -35.95
C ASN C 195 -5.32 17.64 -37.35
N VAL C 196 -4.64 16.51 -37.47
CA VAL C 196 -4.54 15.81 -38.73
C VAL C 196 -5.30 14.49 -38.65
N ALA C 197 -6.35 14.38 -39.45
CA ALA C 197 -7.12 13.13 -39.62
C ALA C 197 -6.24 11.97 -40.06
N ILE C 198 -6.30 10.88 -39.29
CA ILE C 198 -5.65 9.62 -39.59
C ILE C 198 -6.64 8.50 -39.46
N GLU C 199 -6.60 7.63 -40.44
CA GLU C 199 -7.36 6.37 -40.47
C GLU C 199 -6.34 5.24 -40.46
N ASN C 200 -6.68 4.13 -39.80
CA ASN C 200 -5.76 2.98 -39.74
C ASN C 200 -6.45 1.64 -39.52
N SER C 201 -5.82 0.59 -40.02
CA SER C 201 -6.33 -0.77 -39.87
C SER C 201 -6.31 -1.26 -38.48
N SER C 202 -5.34 -0.77 -37.71
CA SER C 202 -5.01 -1.39 -36.44
C SER C 202 -5.10 -0.43 -35.28
N ASN C 203 -5.27 -0.95 -34.08
CA ASN C 203 -5.23 -0.18 -32.87
C ASN C 203 -3.82 -0.18 -32.28
N THR C 204 -2.89 -0.84 -32.98
CA THR C 204 -1.47 -0.72 -32.69
C THR C 204 -0.84 -0.05 -33.88
N ILE C 205 -0.84 1.28 -33.87
CA ILE C 205 -0.46 2.04 -35.04
C ILE C 205 1.01 2.38 -34.98
N SER C 206 1.80 1.75 -35.83
CA SER C 206 3.21 2.08 -35.93
C SER C 206 3.66 2.54 -37.32
N ASP C 207 2.75 2.57 -38.28
CA ASP C 207 3.06 3.04 -39.62
C ASP C 207 2.48 4.43 -39.97
N ALA C 208 1.88 5.14 -39.04
CA ALA C 208 1.26 6.43 -39.34
C ALA C 208 2.22 7.55 -39.00
N LEU C 209 2.54 7.68 -37.71
CA LEU C 209 3.51 8.65 -37.22
C LEU C 209 4.93 8.06 -37.20
N GLU C 210 5.94 8.83 -37.54
CA GLU C 210 7.30 8.25 -37.64
C GLU C 210 7.92 7.90 -36.28
N ASN C 211 8.59 6.75 -36.25
CA ASN C 211 9.30 6.30 -35.05
C ASN C 211 8.47 6.26 -33.77
N ILE C 212 7.15 6.20 -33.91
CA ILE C 212 6.25 6.13 -32.79
C ILE C 212 5.29 4.98 -33.05
N THR C 213 5.07 4.17 -32.01
CA THR C 213 4.04 3.16 -31.98
C THR C 213 2.97 3.63 -31.03
N LEU C 214 1.79 3.88 -31.58
CA LEU C 214 0.66 4.41 -30.82
C LEU C 214 -0.31 3.30 -30.52
N ASN C 215 -0.57 3.06 -29.25
CA ASN C 215 -1.47 1.98 -28.84
C ASN C 215 -2.82 2.50 -28.44
N LEU C 216 -3.84 2.25 -29.26
CA LEU C 216 -5.19 2.70 -28.92
C LEU C 216 -5.97 1.71 -28.03
N ASN C 217 -6.52 2.20 -26.92
CA ASN C 217 -7.25 1.35 -25.94
C ASN C 217 -8.73 1.63 -25.87
N ASP C 218 -9.09 2.91 -26.03
CA ASP C 218 -10.49 3.32 -26.00
C ASP C 218 -10.68 4.66 -26.69
N VAL C 219 -11.93 4.98 -26.99
CA VAL C 219 -12.32 6.26 -27.53
C VAL C 219 -11.98 7.33 -26.52
N THR C 220 -11.42 8.46 -26.95
CA THR C 220 -11.11 9.56 -26.02
C THR C 220 -12.30 10.46 -25.77
N THR C 221 -12.23 11.24 -24.71
CA THR C 221 -13.21 12.32 -24.48
C THR C 221 -12.48 13.54 -23.97
N GLY C 222 -12.82 14.70 -24.52
CA GLY C 222 -12.15 15.93 -24.17
C GLY C 222 -10.81 16.06 -24.83
N ASN C 223 -10.01 16.98 -24.33
CA ASN C 223 -8.70 17.30 -24.89
C ASN C 223 -7.62 16.44 -24.21
N GLN C 224 -6.97 15.56 -24.98
CA GLN C 224 -5.92 14.66 -24.45
C GLN C 224 -4.63 14.79 -25.20
N THR C 225 -3.54 14.43 -24.54
CA THR C 225 -2.23 14.68 -25.10
C THR C 225 -1.28 13.56 -24.86
N LEU C 226 -0.45 13.30 -25.87
CA LEU C 226 0.71 12.42 -25.77
C LEU C 226 1.91 13.34 -25.83
N THR C 227 2.84 13.17 -24.89
CA THR C 227 4.04 14.01 -24.80
C THR C 227 5.27 13.17 -25.04
N ILE C 228 6.12 13.60 -25.96
CA ILE C 228 7.40 12.92 -26.20
C ILE C 228 8.51 13.83 -25.69
N THR C 229 9.38 13.30 -24.85
CA THR C 229 10.47 14.06 -24.27
C THR C 229 11.80 13.37 -24.51
N GLN C 230 12.86 14.16 -24.66
CA GLN C 230 14.22 13.65 -24.75
C GLN C 230 14.51 12.80 -23.53
N ASP C 231 15.25 11.70 -23.73
CA ASP C 231 15.65 10.80 -22.64
C ASP C 231 17.10 10.40 -22.74
N THR C 232 17.91 11.15 -22.02
CA THR C 232 19.34 10.94 -22.02
C THR C 232 19.75 9.85 -21.04
N SER C 233 18.84 9.43 -20.15
CA SER C 233 19.20 8.47 -19.12
C SER C 233 19.86 7.24 -19.73
N LYS C 234 19.27 6.73 -20.81
CA LYS C 234 19.73 5.50 -21.44
C LYS C 234 21.18 5.69 -21.91
N ALA C 235 21.44 6.77 -22.63
CA ALA C 235 22.82 7.09 -23.08
C ALA C 235 23.83 7.27 -21.95
N GLN C 236 23.40 7.84 -20.83
CA GLN C 236 24.28 8.01 -19.67
C GLN C 236 24.68 6.67 -19.04
N THR C 237 23.73 5.75 -18.87
CA THR C 237 24.04 4.44 -18.36
C THR C 237 25.06 3.76 -19.23
N ALA C 238 24.80 3.78 -20.54
CA ALA C 238 25.70 3.15 -21.49
C ALA C 238 27.09 3.70 -21.27
N ILE C 239 27.19 5.02 -21.18
CA ILE C 239 28.50 5.68 -21.02
C ILE C 239 29.17 5.37 -19.67
N LYS C 240 28.38 5.27 -18.62
CA LYS C 240 28.91 4.87 -17.28
C LYS C 240 29.46 3.42 -17.35
N ASP C 241 28.69 2.53 -17.96
CA ASP C 241 29.10 1.13 -18.01
C ASP C 241 30.39 0.99 -18.80
N TRP C 242 30.48 1.75 -19.87
CA TRP C 242 31.65 1.71 -20.75
C TRP C 242 32.88 2.21 -20.01
N VAL C 243 32.77 3.37 -19.39
CA VAL C 243 33.85 3.88 -18.54
C VAL C 243 34.27 2.84 -17.47
N ASN C 244 33.29 2.25 -16.79
CA ASN C 244 33.62 1.30 -15.74
C ASN C 244 34.28 0.04 -16.31
N ALA C 245 33.81 -0.44 -17.46
CA ALA C 245 34.38 -1.62 -18.09
C ALA C 245 35.83 -1.37 -18.45
N TYR C 246 36.12 -0.19 -19.02
CA TYR C 246 37.48 0.17 -19.44
C TYR C 246 38.41 0.29 -18.24
N ASN C 247 37.92 0.93 -17.19
CA ASN C 247 38.70 1.08 -15.96
C ASN C 247 39.04 -0.30 -15.40
N SER C 248 38.12 -1.25 -15.50
CA SER C 248 38.38 -2.63 -15.05
C SER C 248 39.44 -3.30 -15.89
N LEU C 249 39.41 -3.02 -17.18
CA LEU C 249 40.41 -3.56 -18.12
C LEU C 249 41.79 -3.06 -17.73
N ILE C 250 41.88 -1.79 -17.32
CA ILE C 250 43.17 -1.23 -16.93
C ILE C 250 43.64 -1.93 -15.66
N ASP C 251 42.72 -2.24 -14.76
CA ASP C 251 43.09 -2.95 -13.54
C ASP C 251 43.69 -4.31 -13.90
N THR C 252 43.10 -4.96 -14.90
CA THR C 252 43.59 -6.26 -15.37
C THR C 252 44.98 -6.18 -16.01
N PHE C 253 45.24 -5.10 -16.76
CA PHE C 253 46.59 -4.82 -17.29
C PHE C 253 47.58 -4.70 -16.13
N SER C 254 47.26 -3.85 -15.16
CA SER C 254 48.12 -3.64 -14.01
C SER C 254 48.41 -4.98 -13.32
N SER C 255 47.36 -5.74 -13.04
CA SER C 255 47.50 -7.04 -12.37
C SER C 255 48.42 -7.96 -13.18
N LEU C 256 48.18 -8.05 -14.48
CA LEU C 256 48.91 -8.96 -15.36
C LEU C 256 50.39 -8.63 -15.57
N THR C 257 50.88 -7.50 -15.06
CA THR C 257 52.25 -7.03 -15.40
C THR C 257 53.16 -6.57 -14.26
N LYS C 258 52.69 -6.59 -13.01
CA LYS C 258 53.49 -6.04 -11.90
C LYS C 258 54.72 -6.89 -11.49
N TYR C 259 54.51 -8.11 -10.98
CA TYR C 259 55.61 -8.98 -10.50
C TYR C 259 55.30 -9.57 -9.11
N ASN C 273 48.90 -14.22 -12.67
CA ASN C 273 48.95 -12.88 -12.04
C ASN C 273 50.35 -12.25 -12.03
N GLY C 274 50.73 -11.61 -13.13
CA GLY C 274 52.05 -10.97 -13.32
C GLY C 274 52.87 -11.52 -14.50
N ALA C 275 52.48 -12.69 -14.98
CA ALA C 275 53.25 -13.44 -15.97
C ALA C 275 53.45 -12.71 -17.29
N LEU C 276 52.54 -11.79 -17.64
CA LEU C 276 52.67 -11.06 -18.90
C LEU C 276 53.48 -9.74 -18.79
N LEU C 277 54.10 -9.48 -17.64
CA LEU C 277 55.04 -8.35 -17.52
C LEU C 277 55.93 -8.41 -18.76
N GLY C 278 56.09 -7.29 -19.45
CA GLY C 278 56.92 -7.26 -20.66
C GLY C 278 56.23 -7.61 -21.97
N ASP C 279 55.23 -8.48 -21.97
CA ASP C 279 54.58 -8.94 -23.23
C ASP C 279 54.29 -7.76 -24.17
N SER C 280 54.87 -7.84 -25.38
CA SER C 280 54.60 -6.90 -26.48
C SER C 280 53.13 -6.80 -26.80
N THR C 281 52.42 -7.92 -26.66
CA THR C 281 51.04 -8.04 -27.13
C THR C 281 50.10 -7.29 -26.20
N LEU C 282 50.35 -7.41 -24.89
CA LEU C 282 49.62 -6.59 -23.92
C LEU C 282 49.96 -5.12 -24.11
N ARG C 283 51.26 -4.81 -24.17
CA ARG C 283 51.74 -3.42 -24.35
C ARG C 283 51.07 -2.72 -25.53
N THR C 284 50.99 -3.42 -26.65
CA THR C 284 50.39 -2.87 -27.87
C THR C 284 48.91 -2.53 -27.66
N ILE C 285 48.17 -3.42 -27.04
CA ILE C 285 46.76 -3.20 -26.77
C ILE C 285 46.57 -2.03 -25.81
N GLN C 286 47.34 -2.02 -24.72
CA GLN C 286 47.20 -0.95 -23.73
C GLN C 286 47.52 0.41 -24.38
N THR C 287 48.59 0.47 -25.17
CA THR C 287 49.04 1.73 -25.76
C THR C 287 48.06 2.25 -26.79
N GLN C 288 47.57 1.35 -27.62
CA GLN C 288 46.67 1.71 -28.70
C GLN C 288 45.35 2.29 -28.13
N LEU C 289 44.79 1.61 -27.12
CA LEU C 289 43.52 2.03 -26.56
C LEU C 289 43.68 3.41 -25.97
N LYS C 290 44.77 3.62 -25.27
CA LYS C 290 45.07 4.91 -24.66
C LYS C 290 45.09 6.00 -25.74
N SER C 291 45.84 5.76 -26.80
CA SER C 291 45.93 6.69 -27.96
C SER C 291 44.56 7.00 -28.58
N MSE C 292 43.78 5.96 -28.81
CA MSE C 292 42.47 6.12 -29.42
C MSE C 292 41.62 7.11 -28.65
O MSE C 292 41.09 8.06 -29.23
CB MSE C 292 41.76 4.79 -29.50
CG MSE C 292 42.48 3.84 -30.42
SE MSE C 292 41.27 2.98 -31.64
CE MSE C 292 40.97 1.45 -30.46
N LEU C 293 41.51 6.88 -27.35
CA LEU C 293 40.69 7.71 -26.49
C LEU C 293 41.32 9.14 -26.33
N SER C 294 42.63 9.22 -26.48
CA SER C 294 43.29 10.52 -26.37
C SER C 294 43.12 11.34 -27.67
N ASN C 295 43.23 10.65 -28.82
CA ASN C 295 43.27 11.28 -30.15
C ASN C 295 41.94 11.17 -30.91
N THR C 296 40.85 11.54 -30.24
CA THR C 296 39.52 11.42 -30.83
C THR C 296 39.24 12.51 -31.83
N VAL C 297 38.31 12.22 -32.75
CA VAL C 297 37.89 13.17 -33.76
C VAL C 297 36.36 13.08 -33.92
N SER C 298 35.75 14.09 -34.50
CA SER C 298 34.31 14.20 -34.52
C SER C 298 33.86 15.26 -35.47
N SER C 299 32.74 14.99 -36.12
CA SER C 299 32.08 15.95 -36.98
C SER C 299 31.31 17.02 -36.23
N SER C 300 31.03 16.82 -34.95
CA SER C 300 30.33 17.83 -34.20
C SER C 300 31.29 18.69 -33.33
N SER C 301 30.69 19.71 -32.71
CA SER C 301 31.34 20.48 -31.68
C SER C 301 32.12 19.65 -30.66
N TYR C 302 31.65 18.44 -30.36
CA TYR C 302 32.31 17.65 -29.34
C TYR C 302 33.48 16.85 -29.84
N LYS C 303 34.67 17.43 -29.81
CA LYS C 303 35.83 16.78 -30.39
C LYS C 303 36.60 15.85 -29.42
N THR C 304 36.19 15.79 -28.14
CA THR C 304 37.00 15.06 -27.13
C THR C 304 36.17 14.60 -25.97
N LEU C 305 36.61 13.54 -25.30
CA LEU C 305 35.92 13.02 -24.12
C LEU C 305 35.88 14.06 -23.03
N ALA C 306 36.96 14.83 -22.86
CA ALA C 306 36.97 15.91 -21.82
C ALA C 306 35.82 16.90 -22.04
N GLN C 307 35.53 17.20 -23.30
CA GLN C 307 34.43 18.10 -23.62
C GLN C 307 33.05 17.57 -23.22
N ILE C 308 32.88 16.25 -23.10
CA ILE C 308 31.62 15.69 -22.61
C ILE C 308 31.67 15.15 -21.16
N GLY C 309 32.70 15.46 -20.40
CA GLY C 309 32.69 15.13 -18.98
C GLY C 309 33.62 14.03 -18.52
N ILE C 310 34.37 13.47 -19.45
CA ILE C 310 35.23 12.34 -19.12
C ILE C 310 36.65 12.83 -19.20
N THR C 311 37.36 12.84 -18.08
CA THR C 311 38.79 13.18 -18.06
C THR C 311 39.62 11.90 -18.00
N THR C 312 40.95 12.03 -18.07
CA THR C 312 41.87 10.90 -18.19
C THR C 312 43.13 11.00 -17.33
N ASP C 313 43.20 10.18 -16.29
CA ASP C 313 44.37 10.20 -15.41
C ASP C 313 45.63 9.92 -16.22
N PRO C 314 46.62 10.83 -16.13
CA PRO C 314 47.73 10.81 -17.06
C PRO C 314 48.85 9.84 -16.69
N SER C 315 48.58 8.87 -15.81
CA SER C 315 49.62 7.89 -15.45
C SER C 315 49.17 6.44 -15.58
N ASP C 316 47.88 6.16 -15.34
CA ASP C 316 47.31 4.83 -15.66
C ASP C 316 46.26 4.87 -16.76
N GLY C 317 45.89 6.06 -17.23
CA GLY C 317 44.88 6.17 -18.28
C GLY C 317 43.43 5.87 -17.93
N LYS C 318 43.12 5.56 -16.66
CA LYS C 318 41.73 5.32 -16.28
C LYS C 318 40.91 6.59 -16.52
N LEU C 319 39.63 6.45 -16.81
CA LEU C 319 38.76 7.59 -17.13
C LEU C 319 37.81 7.95 -16.01
N GLU C 320 37.83 9.21 -15.60
CA GLU C 320 36.88 9.70 -14.60
C GLU C 320 35.71 10.39 -15.31
N LEU C 321 34.51 9.83 -15.11
CA LEU C 321 33.26 10.42 -15.57
C LEU C 321 32.66 11.42 -14.54
N ASP C 322 32.52 12.69 -14.96
CA ASP C 322 31.70 13.67 -14.23
C ASP C 322 30.26 13.62 -14.75
N ALA C 323 29.36 13.03 -13.95
CA ALA C 323 28.00 12.75 -14.41
C ALA C 323 27.22 14.03 -14.69
N ASP C 324 27.30 15.01 -13.79
CA ASP C 324 26.69 16.33 -14.05
C ASP C 324 27.07 16.88 -15.43
N LYS C 325 28.37 17.01 -15.71
CA LYS C 325 28.84 17.68 -16.93
C LYS C 325 28.33 16.96 -18.16
N LEU C 326 28.35 15.63 -18.11
CA LEU C 326 27.82 14.78 -19.18
C LEU C 326 26.34 15.05 -19.41
N THR C 327 25.55 15.09 -18.34
CA THR C 327 24.10 15.28 -18.46
C THR C 327 23.86 16.61 -19.16
N ALA C 328 24.64 17.61 -18.77
CA ALA C 328 24.58 18.94 -19.40
C ALA C 328 24.81 18.80 -20.90
N ALA C 329 25.95 18.23 -21.26
CA ALA C 329 26.35 18.14 -22.65
C ALA C 329 25.29 17.40 -23.45
N LEU C 330 24.72 16.35 -22.88
CA LEU C 330 23.64 15.60 -23.53
C LEU C 330 22.38 16.45 -23.67
N LYS C 331 22.04 17.20 -22.62
CA LYS C 331 20.83 18.05 -22.61
C LYS C 331 20.95 19.07 -23.72
N LYS C 332 22.18 19.55 -23.92
CA LYS C 332 22.45 20.66 -24.83
C LYS C 332 22.40 20.20 -26.25
N ASP C 333 23.06 19.09 -26.54
CA ASP C 333 23.21 18.59 -27.90
C ASP C 333 23.50 17.05 -27.93
N ALA C 334 22.49 16.30 -27.59
CA ALA C 334 22.61 14.86 -27.45
C ALA C 334 23.15 14.22 -28.70
N SER C 335 22.58 14.64 -29.81
CA SER C 335 23.02 14.12 -31.13
C SER C 335 24.51 14.42 -31.37
N GLY C 336 24.95 15.60 -30.93
CA GLY C 336 26.36 16.00 -31.03
C GLY C 336 27.30 15.10 -30.23
N VAL C 337 26.94 14.82 -28.97
CA VAL C 337 27.69 13.80 -28.22
C VAL C 337 27.75 12.48 -29.00
N GLY C 338 26.61 12.12 -29.56
CA GLY C 338 26.49 10.89 -30.31
C GLY C 338 27.47 10.84 -31.42
N ALA C 339 27.69 11.98 -32.06
CA ALA C 339 28.62 12.05 -33.18
C ALA C 339 30.00 11.61 -32.71
N LEU C 340 30.42 12.07 -31.55
CA LEU C 340 31.74 11.74 -31.02
C LEU C 340 31.78 10.25 -30.68
N ILE C 341 30.90 9.78 -29.81
CA ILE C 341 30.94 8.38 -29.34
C ILE C 341 30.67 7.31 -30.43
N VAL C 342 29.68 7.56 -31.27
CA VAL C 342 29.23 6.56 -32.28
C VAL C 342 29.64 6.88 -33.72
N GLY C 343 29.59 8.15 -34.08
CA GLY C 343 29.99 8.58 -35.43
C GLY C 343 29.12 7.92 -36.48
N ASP C 344 29.70 7.72 -37.68
CA ASP C 344 28.95 7.10 -38.78
C ASP C 344 28.72 5.60 -38.61
N GLY C 345 29.25 5.05 -37.52
CA GLY C 345 29.08 3.62 -37.21
C GLY C 345 29.94 2.65 -38.02
N LYS C 346 30.47 3.08 -39.15
CA LYS C 346 31.28 2.20 -40.02
C LYS C 346 32.79 2.50 -39.92
N LYS C 347 33.14 3.77 -40.09
CA LYS C 347 34.54 4.21 -40.14
C LYS C 347 34.90 5.22 -39.03
N THR C 348 33.93 5.99 -38.58
CA THR C 348 34.20 7.07 -37.66
C THR C 348 33.47 6.88 -36.34
N GLY C 349 34.03 7.46 -35.28
CA GLY C 349 33.46 7.36 -33.93
C GLY C 349 34.31 6.52 -32.99
N ILE C 350 34.37 6.90 -31.72
CA ILE C 350 35.25 6.22 -30.78
C ILE C 350 34.91 4.72 -30.70
N THR C 351 33.64 4.45 -30.44
CA THR C 351 33.21 3.09 -30.21
C THR C 351 33.36 2.28 -31.49
N THR C 352 33.23 2.96 -32.62
CA THR C 352 33.45 2.35 -33.93
C THR C 352 34.88 1.84 -34.09
N THR C 353 35.86 2.69 -33.82
CA THR C 353 37.27 2.34 -34.10
C THR C 353 37.84 1.40 -33.03
N ILE C 354 37.38 1.57 -31.79
CA ILE C 354 37.70 0.64 -30.71
C ILE C 354 37.10 -0.70 -31.06
N GLY C 355 35.86 -0.71 -31.53
CA GLY C 355 35.16 -1.96 -31.85
C GLY C 355 35.92 -2.76 -32.92
N SER C 356 36.39 -2.04 -33.95
CA SER C 356 37.20 -2.63 -34.99
C SER C 356 38.48 -3.21 -34.41
N ASN C 357 39.11 -2.48 -33.51
CA ASN C 357 40.38 -2.94 -32.95
C ASN C 357 40.20 -4.18 -32.07
N LEU C 358 39.15 -4.19 -31.26
CA LEU C 358 38.83 -5.33 -30.40
C LEU C 358 38.51 -6.59 -31.22
N THR C 359 37.69 -6.44 -32.26
CA THR C 359 37.35 -7.55 -33.14
C THR C 359 38.62 -8.17 -33.70
N SER C 360 39.53 -7.29 -34.11
CA SER C 360 40.78 -7.68 -34.77
C SER C 360 41.75 -8.35 -33.80
N TRP C 361 41.78 -7.89 -32.58
CA TRP C 361 42.64 -8.49 -31.56
C TRP C 361 42.10 -9.84 -31.08
N LEU C 362 40.76 -9.95 -31.00
CA LEU C 362 40.11 -11.18 -30.57
C LEU C 362 39.79 -12.19 -31.70
N SER C 363 40.12 -11.85 -32.94
CA SER C 363 39.89 -12.75 -34.08
C SER C 363 40.90 -13.89 -34.14
N THR C 364 40.59 -14.90 -34.96
CA THR C 364 41.44 -16.09 -35.11
C THR C 364 42.81 -15.75 -35.72
N THR C 365 42.85 -14.73 -36.56
CA THR C 365 44.12 -14.25 -37.13
C THR C 365 44.74 -13.09 -36.31
N GLY C 366 44.00 -12.66 -35.28
CA GLY C 366 44.37 -11.54 -34.40
C GLY C 366 45.63 -11.76 -33.61
N ILE C 367 45.96 -10.84 -32.70
CA ILE C 367 47.29 -10.85 -32.07
C ILE C 367 47.33 -11.57 -30.71
N ILE C 368 46.16 -11.74 -30.08
CA ILE C 368 46.02 -12.58 -28.89
C ILE C 368 46.12 -14.07 -29.23
N LYS C 369 45.36 -14.55 -30.21
CA LYS C 369 45.50 -15.95 -30.66
C LYS C 369 46.94 -16.30 -31.05
N ALA C 370 47.58 -15.45 -31.88
CA ALA C 370 48.95 -15.71 -32.38
C ALA C 370 49.94 -15.94 -31.25
N ALA C 371 49.82 -15.10 -30.20
CA ALA C 371 50.59 -15.26 -28.97
C ALA C 371 50.22 -16.51 -28.15
N THR C 372 48.92 -16.86 -28.09
CA THR C 372 48.45 -18.09 -27.40
C THR C 372 48.88 -19.35 -28.18
N ASP C 373 48.56 -19.41 -29.46
CA ASP C 373 49.15 -20.44 -30.33
C ASP C 373 50.65 -20.58 -30.00
N GLY C 374 51.36 -19.44 -30.06
CA GLY C 374 52.79 -19.38 -29.80
C GLY C 374 53.25 -20.04 -28.50
N VAL C 375 52.42 -20.00 -27.47
CA VAL C 375 52.74 -20.65 -26.20
C VAL C 375 52.49 -22.14 -26.34
N LYS D 7 58.68 3.70 -0.28
CA LYS D 7 58.08 5.03 0.02
C LYS D 7 57.50 5.69 -1.25
N LEU D 8 57.26 4.89 -2.28
CA LEU D 8 56.62 5.34 -3.51
C LEU D 8 55.11 5.34 -3.30
N SER D 9 54.60 4.21 -2.80
CA SER D 9 53.18 4.05 -2.49
C SER D 9 52.72 4.95 -1.34
N ALA D 10 53.66 5.33 -0.48
CA ALA D 10 53.40 6.24 0.62
C ALA D 10 53.01 7.64 0.13
N TYR D 11 53.78 8.15 -0.82
CA TYR D 11 53.45 9.42 -1.48
C TYR D 11 52.15 9.32 -2.28
N GLY D 12 51.86 8.14 -2.81
CA GLY D 12 50.60 7.87 -3.53
C GLY D 12 49.35 8.04 -2.68
N THR D 13 49.40 7.54 -1.45
CA THR D 13 48.28 7.70 -0.50
C THR D 13 48.10 9.16 -0.06
N LEU D 14 49.21 9.87 0.11
CA LEU D 14 49.18 11.30 0.50
C LEU D 14 48.53 12.18 -0.58
N LYS D 15 48.74 11.84 -1.85
CA LYS D 15 47.96 12.44 -2.93
C LYS D 15 46.52 11.92 -2.87
N SER D 16 46.37 10.59 -2.76
CA SER D 16 45.06 9.91 -2.76
C SER D 16 44.02 10.49 -1.79
N ALA D 17 44.46 10.91 -0.61
CA ALA D 17 43.58 11.51 0.39
C ALA D 17 43.35 12.99 0.12
N LEU D 18 44.39 13.68 -0.39
CA LEU D 18 44.29 15.12 -0.72
C LEU D 18 43.32 15.39 -1.87
N THR D 19 43.23 14.45 -2.82
CA THR D 19 42.31 14.58 -3.94
C THR D 19 40.86 14.33 -3.49
N THR D 20 40.66 13.34 -2.61
CA THR D 20 39.32 13.07 -2.06
C THR D 20 38.82 14.28 -1.28
N PHE D 21 39.71 14.93 -0.53
CA PHE D 21 39.36 16.14 0.21
C PHE D 21 39.10 17.33 -0.74
N GLN D 22 39.90 17.41 -1.80
CA GLN D 22 39.76 18.44 -2.83
C GLN D 22 38.34 18.41 -3.42
N THR D 23 37.81 17.21 -3.60
CA THR D 23 36.47 17.05 -4.16
C THR D 23 35.43 17.65 -3.23
N ALA D 24 35.51 17.30 -1.95
CA ALA D 24 34.58 17.79 -0.95
C ALA D 24 34.65 19.31 -0.85
N ASN D 25 35.87 19.85 -0.99
CA ASN D 25 36.11 21.29 -0.95
C ASN D 25 35.53 22.00 -2.16
N THR D 26 35.64 21.38 -3.34
CA THR D 26 35.04 21.95 -4.54
C THR D 26 33.53 21.97 -4.39
N ALA D 27 32.97 20.91 -3.82
CA ALA D 27 31.52 20.80 -3.68
C ALA D 27 30.99 21.86 -2.76
N LEU D 28 31.77 22.21 -1.74
CA LEU D 28 31.35 23.23 -0.78
C LEU D 28 31.54 24.63 -1.34
N SER D 29 32.40 24.79 -2.34
CA SER D 29 32.75 26.13 -2.86
C SER D 29 31.76 26.66 -3.91
N LYS D 30 30.45 26.45 -3.66
CA LYS D 30 29.39 26.92 -4.57
C LYS D 30 28.52 27.91 -3.80
N ALA D 31 28.58 29.18 -4.18
CA ALA D 31 27.77 30.24 -3.57
C ALA D 31 26.28 29.89 -3.48
N ASP D 32 25.77 29.26 -4.54
CA ASP D 32 24.35 28.91 -4.62
C ASP D 32 23.86 28.11 -3.41
N LEU D 33 24.74 27.34 -2.78
CA LEU D 33 24.37 26.55 -1.59
C LEU D 33 23.75 27.44 -0.54
N PHE D 34 24.25 28.67 -0.45
CA PHE D 34 23.88 29.58 0.63
C PHE D 34 22.78 30.57 0.25
N SER D 35 22.19 30.36 -0.92
CA SER D 35 20.99 31.08 -1.35
C SER D 35 19.85 30.12 -1.71
N ALA D 36 19.92 28.87 -1.25
CA ALA D 36 19.03 27.81 -1.73
C ALA D 36 17.58 28.01 -1.30
N THR D 37 16.68 27.59 -2.17
CA THR D 37 15.26 27.59 -1.90
C THR D 37 14.60 26.42 -2.60
N SER D 38 13.56 25.90 -1.96
CA SER D 38 12.76 24.81 -2.48
C SER D 38 11.40 25.38 -2.86
N THR D 39 10.61 24.60 -3.56
CA THR D 39 9.33 25.08 -4.04
C THR D 39 8.21 24.13 -3.80
N THR D 40 7.00 24.67 -3.84
CA THR D 40 5.80 23.89 -3.63
C THR D 40 4.66 24.52 -4.41
N SER D 41 3.91 23.71 -5.14
CA SER D 41 2.83 24.22 -5.97
C SER D 41 1.51 23.61 -5.57
N SER D 42 0.44 24.38 -5.66
CA SER D 42 -0.90 23.93 -5.29
C SER D 42 -1.62 23.18 -6.39
N THR D 43 -0.98 23.02 -7.55
CA THR D 43 -1.61 22.36 -8.72
C THR D 43 -0.59 21.55 -9.51
N THR D 44 -1.08 20.52 -10.16
CA THR D 44 -0.30 19.83 -11.16
C THR D 44 -0.19 20.72 -12.41
N ALA D 45 -1.03 21.77 -12.48
CA ALA D 45 -1.08 22.69 -13.62
C ALA D 45 0.22 23.41 -13.89
N PHE D 46 1.03 23.56 -12.85
CA PHE D 46 2.37 24.06 -13.02
C PHE D 46 3.29 23.65 -11.90
N SER D 47 4.59 23.77 -12.14
CA SER D 47 5.58 23.48 -11.12
C SER D 47 6.73 24.40 -11.36
N ALA D 48 7.67 24.43 -10.44
CA ALA D 48 8.78 25.40 -10.55
C ALA D 48 10.01 24.89 -9.84
N THR D 49 11.17 25.10 -10.45
CA THR D 49 12.44 24.92 -9.77
C THR D 49 13.09 26.30 -9.64
N THR D 50 13.96 26.43 -8.65
CA THR D 50 14.66 27.68 -8.37
C THR D 50 16.14 27.45 -8.42
N ALA D 51 16.87 28.53 -8.67
CA ALA D 51 18.31 28.51 -8.59
C ALA D 51 18.67 29.41 -7.41
N GLY D 52 19.90 29.88 -7.41
CA GLY D 52 20.36 30.67 -6.28
C GLY D 52 19.62 31.99 -6.26
N ASN D 53 19.46 32.54 -5.05
CA ASN D 53 18.98 33.89 -4.85
C ASN D 53 17.54 34.12 -5.28
N ALA D 54 16.69 33.11 -5.21
CA ALA D 54 15.28 33.32 -5.48
C ALA D 54 14.66 34.04 -4.26
N ILE D 55 13.64 34.85 -4.50
CA ILE D 55 12.96 35.56 -3.41
C ILE D 55 11.84 34.72 -2.81
N ALA D 56 11.95 34.49 -1.51
CA ALA D 56 10.98 33.67 -0.78
C ALA D 56 9.62 34.36 -0.68
N GLY D 57 8.54 33.58 -0.78
CA GLY D 57 7.17 34.10 -0.60
C GLY D 57 6.09 33.27 -1.28
N LYS D 58 4.83 33.65 -1.07
CA LYS D 58 3.71 33.07 -1.80
C LYS D 58 3.58 33.85 -3.09
N TYR D 59 3.56 33.14 -4.21
CA TYR D 59 3.29 33.72 -5.51
C TYR D 59 1.94 33.25 -5.98
N THR D 60 1.01 34.16 -6.22
CA THR D 60 -0.26 33.75 -6.84
C THR D 60 -0.12 33.64 -8.35
N ILE D 61 -0.38 32.45 -8.87
CA ILE D 61 -0.23 32.22 -10.33
C ILE D 61 -1.51 31.81 -11.03
N SER D 62 -1.73 32.41 -12.18
CA SER D 62 -2.86 32.12 -13.03
C SER D 62 -2.33 31.81 -14.42
N VAL D 63 -2.91 30.83 -15.08
CA VAL D 63 -2.46 30.49 -16.42
C VAL D 63 -3.65 30.41 -17.32
N THR D 64 -3.77 31.33 -18.27
CA THR D 64 -4.93 31.37 -19.17
C THR D 64 -4.69 30.74 -20.51
N HIS D 65 -3.46 30.76 -21.00
CA HIS D 65 -3.12 30.11 -22.28
C HIS D 65 -1.73 29.50 -22.26
N LEU D 66 -1.60 28.31 -22.82
CA LEU D 66 -0.30 27.67 -22.93
C LEU D 66 0.33 28.06 -24.23
N ALA D 67 1.66 28.01 -24.29
CA ALA D 67 2.38 28.28 -25.55
C ALA D 67 2.20 27.07 -26.45
N GLN D 68 2.12 27.29 -27.76
CA GLN D 68 2.09 26.23 -28.76
C GLN D 68 3.15 26.45 -29.81
N ALA D 69 3.53 25.37 -30.49
CA ALA D 69 4.48 25.41 -31.58
C ALA D 69 3.72 25.18 -32.85
N GLN D 70 4.01 26.01 -33.84
CA GLN D 70 3.35 25.91 -35.13
C GLN D 70 3.62 24.58 -35.77
N THR D 71 2.60 24.06 -36.44
CA THR D 71 2.73 22.87 -37.24
C THR D 71 1.92 23.07 -38.51
N LEU D 72 2.65 23.04 -39.63
CA LEU D 72 2.11 23.17 -40.97
C LEU D 72 2.01 21.77 -41.56
N THR D 73 0.99 21.50 -42.37
CA THR D 73 0.81 20.19 -42.99
C THR D 73 0.29 20.29 -44.40
N THR D 74 0.85 19.51 -45.32
CA THR D 74 0.42 19.58 -46.72
C THR D 74 -1.10 19.42 -46.83
N ARG D 75 -1.75 20.26 -47.63
CA ARG D 75 -3.20 20.21 -47.85
C ARG D 75 -3.57 19.04 -48.65
N THR D 76 -2.65 18.56 -49.47
CA THR D 76 -2.93 17.41 -50.34
C THR D 76 -2.01 16.27 -49.96
N THR D 77 -2.37 15.08 -50.42
CA THR D 77 -1.65 13.87 -50.05
C THR D 77 -0.91 13.32 -51.24
N ARG D 78 -0.05 12.33 -50.99
CA ARG D 78 0.64 11.61 -52.06
C ARG D 78 0.59 10.10 -51.99
N ASP D 79 0.57 9.46 -53.17
CA ASP D 79 0.44 7.99 -53.25
C ASP D 79 1.66 7.24 -52.70
N ASP D 80 2.82 7.86 -52.61
CA ASP D 80 3.99 7.21 -51.94
C ASP D 80 5.03 8.21 -51.44
N THR D 81 6.12 7.71 -50.85
CA THR D 81 7.15 8.58 -50.27
C THR D 81 8.45 8.58 -51.08
N LYS D 82 8.52 7.75 -52.12
CA LYS D 82 9.73 7.58 -52.96
C LYS D 82 9.75 8.46 -54.24
N THR D 83 8.58 8.90 -54.71
CA THR D 83 8.44 9.52 -56.01
C THR D 83 8.56 11.04 -56.00
N ALA D 84 9.53 11.58 -56.73
CA ALA D 84 9.83 13.02 -56.76
C ALA D 84 8.63 13.88 -57.14
N ILE D 85 8.41 14.91 -56.36
CA ILE D 85 7.36 15.89 -56.61
C ILE D 85 7.77 16.91 -57.63
N ALA D 86 9.04 17.29 -57.58
CA ALA D 86 9.61 18.34 -58.42
C ALA D 86 10.35 17.72 -59.61
N THR D 87 10.21 18.30 -60.79
CA THR D 87 11.02 17.86 -61.94
C THR D 87 12.24 18.77 -62.15
N SER D 88 12.46 19.73 -61.26
CA SER D 88 13.64 20.57 -61.33
C SER D 88 14.30 20.76 -59.98
N ASP D 89 15.61 21.01 -59.97
CA ASP D 89 16.36 21.37 -58.76
C ASP D 89 15.72 22.63 -58.18
N SER D 90 15.74 22.77 -56.87
CA SER D 90 15.05 23.90 -56.21
C SER D 90 15.64 24.27 -54.84
N LYS D 91 15.25 25.42 -54.32
CA LYS D 91 15.76 25.82 -53.02
C LYS D 91 14.59 26.10 -52.08
N LEU D 92 14.53 25.33 -50.99
CA LEU D 92 13.55 25.55 -49.94
C LEU D 92 14.15 26.52 -48.96
N THR D 93 13.40 27.57 -48.62
CA THR D 93 13.85 28.56 -47.66
C THR D 93 12.88 28.60 -46.51
N ILE D 94 13.41 28.34 -45.32
CA ILE D 94 12.65 28.38 -44.08
C ILE D 94 13.02 29.68 -43.39
N GLN D 95 12.00 30.49 -43.06
CA GLN D 95 12.18 31.79 -42.38
C GLN D 95 11.32 31.85 -41.14
N GLN D 96 11.92 31.65 -39.98
CA GLN D 96 11.18 31.85 -38.73
C GLN D 96 11.10 33.35 -38.45
N GLY D 97 10.29 33.70 -37.48
CA GLY D 97 10.11 35.08 -37.10
C GLY D 97 11.15 35.53 -36.07
N GLY D 98 10.89 36.68 -35.45
CA GLY D 98 11.75 37.21 -34.44
C GLY D 98 13.20 37.53 -34.78
N ASP D 99 13.48 38.09 -35.94
CA ASP D 99 14.86 38.59 -36.17
C ASP D 99 15.87 37.46 -36.37
N LYS D 100 15.37 36.33 -36.85
CA LYS D 100 16.16 35.14 -37.10
C LYS D 100 16.53 35.17 -38.55
N ASP D 101 17.76 34.78 -38.87
CA ASP D 101 18.15 34.66 -40.27
C ASP D 101 17.46 33.51 -40.94
N PRO D 102 17.16 33.66 -42.24
CA PRO D 102 16.60 32.53 -43.00
C PRO D 102 17.62 31.42 -43.30
N ILE D 103 17.12 30.21 -43.47
CA ILE D 103 17.95 29.07 -43.83
C ILE D 103 17.49 28.58 -45.17
N THR D 104 18.43 28.44 -46.09
CA THR D 104 18.10 27.90 -47.41
C THR D 104 18.65 26.48 -47.56
N ILE D 105 17.83 25.61 -48.11
CA ILE D 105 18.22 24.21 -48.31
C ILE D 105 18.08 23.82 -49.75
N ASP D 106 19.15 23.32 -50.35
CA ASP D 106 19.10 22.77 -51.71
C ASP D 106 18.30 21.43 -51.73
N ILE D 107 17.33 21.34 -52.64
CA ILE D 107 16.58 20.11 -52.87
C ILE D 107 16.68 19.77 -54.36
N SER D 108 17.54 18.82 -54.67
CA SER D 108 17.68 18.38 -56.06
C SER D 108 16.45 17.56 -56.43
N ALA D 109 16.12 17.54 -57.71
CA ALA D 109 14.90 16.88 -58.20
C ALA D 109 14.76 15.46 -57.66
N ALA D 110 15.78 14.65 -57.90
CA ALA D 110 15.80 13.28 -57.41
C ALA D 110 15.59 13.15 -55.87
N ASN D 111 15.89 14.18 -55.10
CA ASN D 111 15.59 14.17 -53.65
C ASN D 111 14.30 14.89 -53.27
N SER D 112 13.46 15.09 -54.26
CA SER D 112 12.24 15.87 -54.17
C SER D 112 11.06 15.05 -53.66
N SER D 113 11.32 13.86 -53.18
CA SER D 113 10.26 13.01 -52.67
C SER D 113 9.99 13.38 -51.20
N LEU D 114 8.86 12.94 -50.67
CA LEU D 114 8.55 13.23 -49.26
C LEU D 114 9.74 12.80 -48.40
N SER D 115 10.26 11.62 -48.70
CA SER D 115 11.44 11.15 -47.98
C SER D 115 12.57 12.13 -48.05
N GLY D 116 12.90 12.53 -49.27
CA GLY D 116 14.00 13.41 -49.49
C GLY D 116 13.81 14.79 -48.89
N ILE D 117 12.63 15.34 -49.06
CA ILE D 117 12.33 16.64 -48.48
C ILE D 117 12.47 16.55 -46.99
N ARG D 118 11.94 15.48 -46.41
CA ARG D 118 12.02 15.32 -44.99
C ARG D 118 13.47 15.28 -44.52
N ASP D 119 14.26 14.38 -45.08
CA ASP D 119 15.64 14.26 -44.65
C ASP D 119 16.37 15.59 -44.84
N ALA D 120 16.08 16.23 -45.97
CA ALA D 120 16.73 17.48 -46.32
C ALA D 120 16.49 18.49 -45.23
N ILE D 121 15.23 18.63 -44.83
CA ILE D 121 14.86 19.62 -43.83
C ILE D 121 15.58 19.28 -42.53
N ASN D 122 15.33 18.08 -41.99
CA ASN D 122 15.92 17.65 -40.72
C ASN D 122 17.45 17.69 -40.62
N ASN D 123 18.16 17.38 -41.70
CA ASN D 123 19.63 17.46 -41.66
C ASN D 123 20.13 18.91 -41.69
N ALA D 124 19.27 19.80 -42.16
CA ALA D 124 19.60 21.24 -42.22
C ALA D 124 19.78 21.87 -40.86
N LYS D 125 19.19 21.27 -39.82
CA LYS D 125 19.22 21.81 -38.45
C LYS D 125 18.86 23.29 -38.51
N ALA D 126 17.64 23.52 -39.02
CA ALA D 126 17.10 24.84 -39.26
C ALA D 126 16.04 25.24 -38.23
N GLY D 127 15.99 24.54 -37.09
CA GLY D 127 15.04 24.89 -36.05
C GLY D 127 13.61 24.45 -36.30
N VAL D 128 13.41 23.61 -37.26
CA VAL D 128 12.13 22.93 -37.44
C VAL D 128 12.41 21.47 -37.63
N SER D 129 11.35 20.69 -37.58
CA SER D 129 11.42 19.24 -37.78
C SER D 129 10.36 18.80 -38.76
N ALA D 130 10.74 17.99 -39.70
CA ALA D 130 9.82 17.54 -40.73
C ALA D 130 9.48 16.09 -40.41
N SER D 131 8.27 15.68 -40.76
CA SER D 131 7.95 14.25 -40.73
C SER D 131 6.80 13.90 -41.65
N ILE D 132 6.69 12.63 -41.97
CA ILE D 132 5.70 12.15 -42.90
C ILE D 132 4.60 11.44 -42.15
N ILE D 133 3.35 11.79 -42.47
CA ILE D 133 2.23 11.16 -41.81
C ILE D 133 1.45 10.35 -42.82
N ASN D 134 1.29 9.06 -42.52
CA ASN D 134 0.45 8.18 -43.31
C ASN D 134 -0.97 8.28 -42.82
N VAL D 135 -1.80 9.03 -43.51
CA VAL D 135 -3.17 9.37 -43.03
C VAL D 135 -4.20 8.28 -43.36
N GLY D 136 -3.71 7.20 -43.96
CA GLY D 136 -4.54 6.10 -44.35
C GLY D 136 -4.76 5.97 -45.85
N ASN D 137 -5.02 4.74 -46.25
CA ASN D 137 -5.37 4.40 -47.60
C ASN D 137 -4.22 4.71 -48.53
N GLY D 138 -3.02 4.44 -48.01
CA GLY D 138 -1.80 4.62 -48.80
C GLY D 138 -1.62 6.04 -49.24
N GLU D 139 -1.88 6.96 -48.34
CA GLU D 139 -1.80 8.37 -48.62
C GLU D 139 -0.97 9.06 -47.59
N TYR D 140 -0.05 9.90 -48.04
CA TYR D 140 0.97 10.48 -47.19
C TYR D 140 0.91 12.01 -47.18
N ARG D 141 1.15 12.62 -46.04
CA ARG D 141 1.26 14.06 -45.92
C ARG D 141 2.58 14.41 -45.30
N LEU D 142 3.13 15.54 -45.69
CA LEU D 142 4.33 16.04 -45.06
C LEU D 142 3.86 16.95 -44.00
N SER D 143 4.59 17.03 -42.91
CA SER D 143 4.21 17.90 -41.82
C SER D 143 5.49 18.53 -41.33
N VAL D 144 5.46 19.82 -41.04
CA VAL D 144 6.62 20.54 -40.53
C VAL D 144 6.27 21.37 -39.27
N THR D 145 7.02 21.15 -38.20
CA THR D 145 6.74 21.79 -36.93
C THR D 145 7.93 22.48 -36.37
N SER D 146 7.71 23.63 -35.74
CA SER D 146 8.81 24.41 -35.22
C SER D 146 9.30 23.78 -33.96
N ASN D 147 10.60 23.67 -33.82
CA ASN D 147 11.17 22.99 -32.66
C ASN D 147 10.86 23.59 -31.35
N ASP D 148 10.58 24.90 -31.32
CA ASP D 148 10.22 25.62 -30.09
C ASP D 148 8.87 26.33 -30.20
N THR D 149 8.21 26.51 -29.08
CA THR D 149 6.88 27.08 -29.08
C THR D 149 6.96 28.57 -29.17
N GLY D 150 5.89 29.19 -29.64
CA GLY D 150 5.73 30.65 -29.58
C GLY D 150 5.48 31.33 -30.91
N LEU D 151 4.81 32.47 -30.88
CA LEU D 151 4.49 33.24 -32.09
C LEU D 151 5.72 33.51 -32.97
N ASP D 152 6.81 33.84 -32.31
CA ASP D 152 8.01 34.24 -32.95
C ASP D 152 8.66 33.10 -33.72
N ASN D 153 8.36 31.86 -33.38
CA ASN D 153 8.99 30.71 -34.06
C ASN D 153 8.15 30.10 -35.18
N ALA D 154 7.05 30.78 -35.52
CA ALA D 154 6.21 30.39 -36.63
C ALA D 154 6.98 30.60 -37.92
N MSE D 155 6.61 29.80 -38.92
CA MSE D 155 7.38 29.64 -40.15
C MSE D 155 6.81 30.34 -41.36
O MSE D 155 5.60 30.53 -41.48
CB MSE D 155 7.43 28.16 -40.52
CG MSE D 155 8.46 27.38 -39.79
SE MSE D 155 7.98 25.55 -39.98
CE MSE D 155 6.66 25.50 -38.54
N THR D 156 7.71 30.65 -42.27
CA THR D 156 7.36 30.90 -43.65
C THR D 156 8.16 29.93 -44.51
N LEU D 157 7.46 29.18 -45.34
CA LEU D 157 8.12 28.28 -46.28
C LEU D 157 7.97 28.76 -47.74
N SER D 158 9.06 28.74 -48.46
CA SER D 158 9.00 29.07 -49.87
C SER D 158 10.04 28.29 -50.66
N VAL D 159 9.68 27.99 -51.90
CA VAL D 159 10.48 27.20 -52.77
C VAL D 159 10.65 27.97 -54.04
N SER D 160 11.86 27.99 -54.56
CA SER D 160 12.11 28.65 -55.81
C SER D 160 12.71 27.59 -56.68
N GLY D 161 12.31 27.51 -57.94
CA GLY D 161 12.86 26.51 -58.83
C GLY D 161 11.79 25.64 -59.43
N ASP D 162 10.88 25.13 -58.62
CA ASP D 162 9.85 24.24 -59.11
C ASP D 162 8.47 24.67 -58.66
N ASP D 163 7.63 25.10 -59.60
CA ASP D 163 6.28 25.56 -59.27
C ASP D 163 5.42 24.47 -58.57
N ALA D 164 5.66 23.22 -58.88
CA ALA D 164 4.88 22.12 -58.33
C ALA D 164 5.17 21.93 -56.87
N LEU D 165 6.44 22.07 -56.51
CA LEU D 165 6.88 21.86 -55.12
C LEU D 165 6.35 23.01 -54.32
N GLN D 166 6.64 24.24 -54.76
CA GLN D 166 6.11 25.42 -54.13
C GLN D 166 4.60 25.29 -53.84
N SER D 167 3.89 24.80 -54.84
CA SER D 167 2.43 24.71 -54.82
C SER D 167 1.94 23.70 -53.82
N PHE D 168 2.82 22.75 -53.53
CA PHE D 168 2.55 21.64 -52.61
C PHE D 168 2.93 21.91 -51.18
N MSE D 169 4.04 22.63 -50.97
CA MSE D 169 4.71 22.80 -49.67
C MSE D 169 4.72 24.21 -49.07
O MSE D 169 5.04 24.39 -47.91
CB MSE D 169 6.19 22.50 -49.84
CG MSE D 169 6.65 21.21 -49.31
SE MSE D 169 8.57 21.38 -49.33
CE MSE D 169 8.72 21.77 -47.44
N GLY D 170 4.51 25.23 -49.89
CA GLY D 170 4.80 26.55 -49.43
C GLY D 170 3.80 27.03 -48.42
N TYR D 171 4.28 27.85 -47.49
CA TYR D 171 3.38 28.55 -46.59
C TYR D 171 3.82 29.97 -46.37
N ASP D 172 2.90 30.90 -46.58
CA ASP D 172 3.10 32.29 -46.20
C ASP D 172 1.77 32.87 -45.72
N ALA D 173 1.71 33.21 -44.43
CA ALA D 173 0.46 33.71 -43.81
C ALA D 173 -0.22 34.75 -44.72
N SER D 174 0.58 35.67 -45.25
CA SER D 174 0.06 36.78 -46.03
C SER D 174 -0.40 36.39 -47.44
N ALA D 175 -0.07 35.17 -47.87
CA ALA D 175 -0.34 34.71 -49.24
C ALA D 175 -1.82 34.38 -49.43
N SER D 176 -2.29 34.54 -50.66
CA SER D 176 -3.69 34.21 -51.02
C SER D 176 -3.93 32.68 -50.96
N SER D 177 -3.09 31.93 -51.64
CA SER D 177 -3.19 30.48 -51.67
C SER D 177 -1.89 29.81 -51.16
N ASN D 178 -2.03 28.86 -50.25
CA ASN D 178 -0.88 28.18 -49.71
C ASN D 178 -1.06 26.70 -49.90
N GLY D 179 0.05 26.00 -50.03
CA GLY D 179 0.00 24.55 -50.22
C GLY D 179 -0.12 23.91 -48.86
N MSE D 180 0.52 24.52 -47.89
CA MSE D 180 0.38 24.04 -46.51
C MSE D 180 -0.80 24.68 -45.77
O MSE D 180 -1.31 25.74 -46.08
CB MSE D 180 1.64 24.35 -45.71
CG MSE D 180 2.83 23.74 -46.20
SE MSE D 180 3.37 22.17 -45.45
CE MSE D 180 5.21 22.38 -45.30
N GLU D 181 -1.16 24.01 -44.72
CA GLU D 181 -2.33 24.34 -43.93
C GLU D 181 -1.81 24.54 -42.52
N VAL D 182 -2.43 25.37 -41.73
CA VAL D 182 -1.98 25.47 -40.34
C VAL D 182 -2.69 24.46 -39.47
N SER D 183 -2.00 23.40 -39.05
CA SER D 183 -2.62 22.31 -38.27
C SER D 183 -2.72 22.70 -36.81
N VAL D 184 -1.59 23.14 -36.27
CA VAL D 184 -1.51 23.79 -34.97
C VAL D 184 -0.99 25.23 -35.13
N ALA D 185 -1.76 26.18 -34.62
CA ALA D 185 -1.40 27.62 -34.59
C ALA D 185 -0.32 27.92 -33.59
N ALA D 186 0.70 28.64 -34.00
CA ALA D 186 1.67 29.11 -33.03
C ALA D 186 0.93 29.99 -32.04
N GLN D 187 1.15 29.79 -30.74
CA GLN D 187 0.67 30.80 -29.77
C GLN D 187 1.59 31.04 -28.54
N ASN D 188 1.46 32.20 -27.84
CA ASN D 188 2.26 32.43 -26.61
C ASN D 188 1.58 32.01 -25.32
N ALA D 189 2.39 31.58 -24.35
CA ALA D 189 1.95 31.37 -22.98
C ALA D 189 1.46 32.67 -22.42
N GLN D 190 0.35 32.63 -21.70
CA GLN D 190 -0.19 33.82 -21.05
C GLN D 190 -0.60 33.56 -19.60
N LEU D 191 0.09 34.22 -18.68
CA LEU D 191 -0.12 33.99 -17.29
C LEU D 191 -0.10 35.31 -16.56
N THR D 192 -0.52 35.27 -15.28
CA THR D 192 -0.24 36.38 -14.35
C THR D 192 0.42 35.81 -13.09
N VAL D 193 1.43 36.50 -12.59
CA VAL D 193 2.13 36.10 -11.39
C VAL D 193 2.04 37.28 -10.44
N ASN D 194 1.38 37.08 -9.31
CA ASN D 194 1.08 38.18 -8.39
C ASN D 194 0.49 39.39 -9.13
N ASN D 195 -0.62 39.15 -9.82
CA ASN D 195 -1.36 40.14 -10.58
C ASN D 195 -0.56 40.92 -11.59
N VAL D 196 0.56 40.36 -12.07
CA VAL D 196 1.32 40.99 -13.16
C VAL D 196 1.22 40.14 -14.43
N ALA D 197 0.57 40.68 -15.45
CA ALA D 197 0.46 40.00 -16.75
C ALA D 197 1.85 39.71 -17.37
N ILE D 198 2.04 38.45 -17.72
CA ILE D 198 3.26 37.99 -18.40
C ILE D 198 2.88 37.18 -19.63
N GLU D 199 3.55 37.50 -20.71
CA GLU D 199 3.44 36.77 -21.97
C GLU D 199 4.80 36.11 -22.24
N ASN D 200 4.80 34.91 -22.80
CA ASN D 200 6.06 34.20 -23.06
C ASN D 200 6.00 33.18 -24.22
N SER D 201 7.13 33.02 -24.90
CA SER D 201 7.24 32.07 -25.99
C SER D 201 7.07 30.65 -25.56
N SER D 202 7.46 30.36 -24.32
CA SER D 202 7.66 28.99 -23.91
C SER D 202 6.81 28.64 -22.71
N ASN D 203 6.56 27.34 -22.54
CA ASN D 203 5.94 26.83 -21.34
C ASN D 203 6.98 26.41 -20.31
N THR D 204 8.25 26.59 -20.62
CA THR D 204 9.32 26.43 -19.65
C THR D 204 9.93 27.79 -19.46
N ILE D 205 9.35 28.59 -18.58
CA ILE D 205 9.68 30.00 -18.49
C ILE D 205 10.77 30.24 -17.47
N SER D 206 11.96 30.55 -17.96
CA SER D 206 13.07 30.87 -17.05
C SER D 206 13.61 32.30 -17.21
N ASP D 207 13.09 33.06 -18.17
CA ASP D 207 13.56 34.42 -18.39
C ASP D 207 12.63 35.51 -17.90
N ALA D 208 11.53 35.15 -17.23
CA ALA D 208 10.50 36.13 -16.85
C ALA D 208 10.75 36.56 -15.44
N LEU D 209 10.60 35.59 -14.52
CA LEU D 209 10.87 35.80 -13.10
C LEU D 209 12.31 35.44 -12.76
N GLU D 210 12.96 36.24 -11.91
CA GLU D 210 14.40 36.04 -11.63
C GLU D 210 14.72 34.77 -10.85
N ASN D 211 15.79 34.09 -11.25
CA ASN D 211 16.24 32.85 -10.60
C ASN D 211 15.18 31.74 -10.41
N ILE D 212 14.11 31.82 -11.18
CA ILE D 212 13.04 30.83 -11.12
C ILE D 212 12.79 30.27 -12.51
N THR D 213 12.68 28.97 -12.59
CA THR D 213 12.20 28.34 -13.79
C THR D 213 10.79 27.87 -13.48
N LEU D 214 9.83 28.39 -14.23
CA LEU D 214 8.43 28.04 -14.09
C LEU D 214 7.99 27.10 -15.20
N ASN D 215 7.50 25.94 -14.85
CA ASN D 215 7.07 24.95 -15.85
C ASN D 215 5.56 24.89 -15.97
N LEU D 216 5.02 25.35 -17.08
CA LEU D 216 3.58 25.32 -17.30
C LEU D 216 3.12 23.99 -17.91
N ASN D 217 2.11 23.39 -17.31
CA ASN D 217 1.58 22.11 -17.76
C ASN D 217 0.16 22.20 -18.30
N ASP D 218 -0.68 22.99 -17.65
CA ASP D 218 -2.08 23.14 -18.05
C ASP D 218 -2.60 24.50 -17.59
N VAL D 219 -3.72 24.88 -18.18
CA VAL D 219 -4.43 26.08 -17.82
C VAL D 219 -4.92 25.91 -16.41
N THR D 220 -4.80 26.95 -15.57
CA THR D 220 -5.25 26.87 -14.20
C THR D 220 -6.73 27.20 -14.08
N THR D 221 -7.33 26.76 -12.97
CA THR D 221 -8.69 27.20 -12.60
C THR D 221 -8.71 27.53 -11.13
N GLY D 222 -9.37 28.64 -10.79
CA GLY D 222 -9.40 29.11 -9.42
C GLY D 222 -8.10 29.78 -8.98
N ASN D 223 -7.96 29.93 -7.68
CA ASN D 223 -6.82 30.60 -7.07
C ASN D 223 -5.71 29.62 -6.73
N GLN D 224 -4.57 29.70 -7.42
CA GLN D 224 -3.45 28.79 -7.20
C GLN D 224 -2.20 29.52 -6.82
N THR D 225 -1.28 28.81 -6.21
CA THR D 225 -0.08 29.45 -5.67
C THR D 225 1.15 28.61 -5.84
N LEU D 226 2.26 29.31 -6.06
CA LEU D 226 3.59 28.73 -6.01
C LEU D 226 4.22 29.33 -4.78
N THR D 227 4.85 28.51 -3.95
CA THR D 227 5.50 28.97 -2.73
C THR D 227 7.00 28.72 -2.81
N ILE D 228 7.80 29.72 -2.53
CA ILE D 228 9.23 29.54 -2.47
C ILE D 228 9.67 29.75 -1.03
N THR D 229 10.39 28.76 -0.49
CA THR D 229 10.83 28.78 0.89
C THR D 229 12.33 28.56 0.98
N GLN D 230 12.94 29.16 2.00
CA GLN D 230 14.35 28.98 2.28
C GLN D 230 14.66 27.51 2.50
N ASP D 231 15.82 27.07 2.00
CA ASP D 231 16.29 25.68 2.20
C ASP D 231 17.82 25.64 2.47
N THR D 232 18.21 25.46 3.72
CA THR D 232 19.62 25.35 4.13
C THR D 232 20.17 23.91 4.08
N SER D 233 19.30 22.94 3.84
CA SER D 233 19.67 21.53 3.90
C SER D 233 20.84 21.21 2.98
N LYS D 234 20.82 21.76 1.78
CA LYS D 234 21.87 21.51 0.78
C LYS D 234 23.24 22.01 1.30
N ALA D 235 23.27 23.24 1.80
CA ALA D 235 24.49 23.79 2.39
C ALA D 235 25.02 22.97 3.59
N GLN D 236 24.11 22.48 4.42
CA GLN D 236 24.50 21.64 5.57
C GLN D 236 25.21 20.36 5.13
N THR D 237 24.61 19.66 4.16
CA THR D 237 25.20 18.44 3.61
C THR D 237 26.61 18.72 3.11
N ALA D 238 26.74 19.77 2.31
CA ALA D 238 28.05 20.17 1.78
C ALA D 238 29.05 20.38 2.90
N ILE D 239 28.62 21.06 3.96
CA ILE D 239 29.49 21.32 5.10
C ILE D 239 29.82 20.06 5.91
N LYS D 240 28.85 19.17 6.08
CA LYS D 240 29.10 17.88 6.76
C LYS D 240 30.10 17.05 5.96
N ASP D 241 29.92 16.97 4.64
CA ASP D 241 30.80 16.15 3.79
C ASP D 241 32.25 16.66 3.81
N TRP D 242 32.36 17.99 3.85
CA TRP D 242 33.64 18.68 3.87
C TRP D 242 34.39 18.41 5.19
N VAL D 243 33.68 18.59 6.31
CA VAL D 243 34.21 18.24 7.64
C VAL D 243 34.67 16.78 7.70
N ASN D 244 33.85 15.87 7.19
CA ASN D 244 34.19 14.44 7.22
C ASN D 244 35.38 14.12 6.32
N ALA D 245 35.43 14.74 5.14
CA ALA D 245 36.55 14.54 4.22
C ALA D 245 37.89 15.01 4.82
N TYR D 246 37.87 16.17 5.47
CA TYR D 246 39.05 16.72 6.15
C TYR D 246 39.50 15.83 7.31
N ASN D 247 38.54 15.39 8.13
CA ASN D 247 38.82 14.46 9.25
C ASN D 247 39.43 13.13 8.76
N SER D 248 39.00 12.66 7.58
CA SER D 248 39.61 11.47 6.95
C SER D 248 41.04 11.75 6.52
N LEU D 249 41.27 12.95 5.98
CA LEU D 249 42.61 13.36 5.57
C LEU D 249 43.57 13.35 6.76
N ILE D 250 43.11 13.83 7.91
CA ILE D 250 43.94 13.85 9.11
C ILE D 250 44.24 12.43 9.57
N ASP D 251 43.27 11.52 9.43
CA ASP D 251 43.53 10.12 9.70
C ASP D 251 44.63 9.55 8.80
N THR D 252 44.63 9.96 7.53
CA THR D 252 45.67 9.55 6.59
C THR D 252 47.04 10.11 6.94
N PHE D 253 47.08 11.35 7.43
CA PHE D 253 48.33 11.95 7.94
C PHE D 253 48.87 11.13 9.12
N SER D 254 48.00 10.83 10.09
CA SER D 254 48.36 10.04 11.26
C SER D 254 48.90 8.67 10.86
N SER D 255 48.18 8.00 9.97
CA SER D 255 48.62 6.71 9.44
C SER D 255 50.03 6.77 8.85
N LEU D 256 50.39 7.91 8.25
CA LEU D 256 51.74 8.10 7.67
C LEU D 256 52.83 8.65 8.63
N THR D 257 52.42 9.21 9.77
CA THR D 257 53.35 9.71 10.80
C THR D 257 53.50 8.75 11.98
N LYS D 258 52.38 8.21 12.46
CA LYS D 258 52.37 7.32 13.63
C LYS D 258 53.03 5.97 13.34
N THR D 281 57.31 17.51 3.29
CA THR D 281 56.23 17.82 2.36
C THR D 281 54.87 17.56 3.00
N LEU D 282 54.76 16.44 3.70
CA LEU D 282 53.54 16.12 4.47
C LEU D 282 53.34 17.16 5.58
N ARG D 283 54.41 17.40 6.33
CA ARG D 283 54.38 18.36 7.44
C ARG D 283 53.89 19.74 6.98
N THR D 284 54.38 20.20 5.84
CA THR D 284 54.00 21.50 5.28
C THR D 284 52.50 21.57 4.97
N ILE D 285 51.99 20.52 4.34
CA ILE D 285 50.56 20.46 3.98
C ILE D 285 49.68 20.39 5.23
N GLN D 286 50.07 19.56 6.19
CA GLN D 286 49.30 19.41 7.44
C GLN D 286 49.26 20.71 8.26
N THR D 287 50.41 21.38 8.35
CA THR D 287 50.52 22.63 9.12
C THR D 287 49.76 23.78 8.46
N GLN D 288 49.87 23.88 7.12
CA GLN D 288 49.22 24.94 6.34
C GLN D 288 47.70 24.86 6.42
N LEU D 289 47.15 23.65 6.24
CA LEU D 289 45.70 23.43 6.29
C LEU D 289 45.17 23.79 7.68
N LYS D 290 45.90 23.39 8.71
CA LYS D 290 45.54 23.72 10.09
C LYS D 290 45.47 25.24 10.27
N SER D 291 46.53 25.92 9.85
CA SER D 291 46.62 27.40 9.95
C SER D 291 45.46 28.10 9.23
N MSE D 292 45.19 27.65 8.00
CA MSE D 292 44.15 28.27 7.18
C MSE D 292 42.77 28.22 7.84
O MSE D 292 42.06 29.22 7.88
CB MSE D 292 44.14 27.68 5.78
CG MSE D 292 45.40 28.17 5.02
SE MSE D 292 45.54 27.70 3.14
CE MSE D 292 45.38 25.75 3.30
N LEU D 293 42.42 27.06 8.39
CA LEU D 293 41.16 26.90 9.13
C LEU D 293 41.15 27.66 10.48
N SER D 294 42.33 27.81 11.08
CA SER D 294 42.46 28.50 12.37
C SER D 294 42.43 30.03 12.24
N ASN D 295 43.37 30.60 11.51
CA ASN D 295 43.33 32.04 11.25
C ASN D 295 42.31 32.30 10.11
N THR D 296 41.03 32.38 10.48
CA THR D 296 39.93 32.65 9.54
C THR D 296 39.57 34.14 9.53
N VAL D 297 39.08 34.62 8.39
CA VAL D 297 38.63 36.02 8.23
C VAL D 297 37.37 36.02 7.34
N SER D 298 36.67 37.16 7.27
CA SER D 298 35.46 37.24 6.44
C SER D 298 34.91 38.65 6.28
N SER D 299 34.05 38.79 5.28
CA SER D 299 33.31 40.03 5.03
C SER D 299 32.04 40.08 5.90
N SER D 300 31.48 38.91 6.18
CA SER D 300 30.25 38.78 6.98
C SER D 300 30.47 39.12 8.45
N SER D 301 29.39 39.08 9.24
CA SER D 301 29.50 39.23 10.71
C SER D 301 30.25 38.02 11.29
N TYR D 302 30.16 36.87 10.63
CA TYR D 302 30.91 35.64 10.99
C TYR D 302 32.37 35.68 10.50
N LYS D 303 33.30 35.48 11.43
CA LYS D 303 34.74 35.47 11.15
C LYS D 303 35.35 34.08 11.37
N THR D 304 35.00 33.46 12.49
CA THR D 304 35.59 32.20 12.94
C THR D 304 34.69 31.00 12.62
N LEU D 305 35.31 29.84 12.41
CA LEU D 305 34.55 28.62 12.13
C LEU D 305 33.83 28.08 13.39
N ALA D 306 34.36 28.40 14.57
CA ALA D 306 33.68 28.06 15.82
C ALA D 306 32.38 28.88 15.98
N GLN D 307 32.41 30.13 15.54
CA GLN D 307 31.23 30.99 15.56
C GLN D 307 30.05 30.30 14.87
N ILE D 308 30.32 29.65 13.74
CA ILE D 308 29.28 28.94 12.95
C ILE D 308 29.04 27.46 13.33
N GLY D 309 29.69 26.97 14.40
CA GLY D 309 29.40 25.64 14.93
C GLY D 309 30.48 24.59 14.76
N ILE D 310 31.35 24.78 13.76
CA ILE D 310 32.46 23.86 13.53
C ILE D 310 33.60 24.19 14.50
N THR D 311 33.69 23.44 15.59
CA THR D 311 34.75 23.64 16.59
C THR D 311 35.90 22.67 16.29
N THR D 312 37.07 22.92 16.88
CA THR D 312 38.29 22.15 16.60
C THR D 312 38.83 21.45 17.86
N ASP D 313 39.55 20.33 17.67
CA ASP D 313 40.25 19.60 18.75
C ASP D 313 41.71 20.07 18.86
N PRO D 314 42.12 20.56 20.05
CA PRO D 314 43.51 20.95 20.23
C PRO D 314 44.47 19.75 20.45
N SER D 315 44.14 18.59 19.86
CA SER D 315 44.99 17.41 19.95
C SER D 315 45.57 17.10 18.58
N ASP D 316 44.70 16.69 17.65
CA ASP D 316 45.12 16.31 16.32
C ASP D 316 44.76 17.36 15.25
N GLY D 317 43.76 18.21 15.56
CA GLY D 317 43.33 19.28 14.65
C GLY D 317 41.97 19.08 14.01
N LYS D 318 41.35 17.92 14.26
CA LYS D 318 40.07 17.57 13.63
C LYS D 318 38.96 18.56 13.94
N LEU D 319 37.93 18.52 13.09
CA LEU D 319 36.76 19.38 13.24
C LEU D 319 35.58 18.56 13.74
N GLU D 320 35.00 18.99 14.87
CA GLU D 320 33.75 18.41 15.39
C GLU D 320 32.57 19.31 14.99
N LEU D 321 31.74 18.85 14.07
CA LEU D 321 30.59 19.63 13.59
C LEU D 321 29.38 19.45 14.52
N ASP D 322 28.81 20.58 14.95
CA ASP D 322 27.63 20.60 15.81
C ASP D 322 26.39 21.02 15.01
N ALA D 323 25.73 20.03 14.41
CA ALA D 323 24.63 20.23 13.46
C ALA D 323 23.54 21.22 13.90
N ASP D 324 23.23 21.25 15.20
CA ASP D 324 22.21 22.20 15.71
C ASP D 324 22.63 23.64 15.45
N LYS D 325 23.77 24.04 16.02
CA LYS D 325 24.27 25.41 15.91
C LYS D 325 24.50 25.85 14.45
N LEU D 326 24.97 24.93 13.61
CA LEU D 326 25.13 25.20 12.17
C LEU D 326 23.81 25.63 11.53
N THR D 327 22.75 24.91 11.86
CA THR D 327 21.41 25.15 11.30
C THR D 327 20.90 26.52 11.75
N ALA D 328 21.11 26.81 13.03
CA ALA D 328 20.75 28.11 13.60
C ALA D 328 21.43 29.25 12.83
N ALA D 329 22.76 29.18 12.72
CA ALA D 329 23.54 30.22 12.05
C ALA D 329 23.09 30.42 10.60
N LEU D 330 22.81 29.31 9.91
CA LEU D 330 22.27 29.36 8.55
C LEU D 330 20.88 29.95 8.48
N LYS D 331 20.02 29.57 9.43
CA LYS D 331 18.65 30.10 9.50
C LYS D 331 18.68 31.61 9.73
N LYS D 332 19.65 32.07 10.53
CA LYS D 332 19.76 33.48 10.94
C LYS D 332 20.31 34.37 9.82
N ASP D 333 21.37 33.89 9.16
CA ASP D 333 22.05 34.67 8.12
C ASP D 333 22.85 33.73 7.17
N ALA D 334 22.11 33.01 6.34
CA ALA D 334 22.72 32.02 5.46
C ALA D 334 23.81 32.67 4.60
N SER D 335 23.45 33.80 4.02
CA SER D 335 24.36 34.57 3.15
C SER D 335 25.65 34.91 3.89
N GLY D 336 25.51 35.24 5.17
CA GLY D 336 26.66 35.56 6.03
C GLY D 336 27.61 34.39 6.24
N VAL D 337 27.05 33.20 6.50
CA VAL D 337 27.84 31.98 6.57
C VAL D 337 28.57 31.74 5.26
N GLY D 338 27.85 31.96 4.17
CA GLY D 338 28.41 31.84 2.82
C GLY D 338 29.62 32.73 2.57
N ALA D 339 29.59 33.91 3.16
CA ALA D 339 30.71 34.86 3.07
C ALA D 339 31.98 34.28 3.68
N LEU D 340 31.85 33.58 4.81
CA LEU D 340 32.99 32.93 5.44
C LEU D 340 33.51 31.76 4.59
N ILE D 341 32.62 30.80 4.32
CA ILE D 341 33.02 29.57 3.61
C ILE D 341 33.48 29.80 2.16
N VAL D 342 32.75 30.62 1.42
CA VAL D 342 32.98 30.80 -0.01
C VAL D 342 33.66 32.12 -0.35
N GLY D 343 33.24 33.19 0.31
CA GLY D 343 33.80 34.52 0.05
C GLY D 343 33.54 34.94 -1.38
N ASP D 344 34.45 35.75 -1.91
CA ASP D 344 34.32 36.26 -3.29
C ASP D 344 34.60 35.18 -4.37
N GLY D 345 34.98 33.98 -3.95
CA GLY D 345 35.24 32.88 -4.88
C GLY D 345 36.58 32.92 -5.62
N LYS D 346 37.21 34.09 -5.69
CA LYS D 346 38.48 34.26 -6.43
C LYS D 346 39.66 34.35 -5.48
N LYS D 347 39.58 35.26 -4.52
CA LYS D 347 40.69 35.56 -3.61
C LYS D 347 40.36 35.27 -2.14
N THR D 348 39.08 35.41 -1.77
CA THR D 348 38.70 35.35 -0.36
C THR D 348 37.74 34.20 -0.10
N GLY D 349 37.75 33.71 1.14
CA GLY D 349 36.91 32.58 1.53
C GLY D 349 37.73 31.34 1.84
N ILE D 350 37.30 30.57 2.83
CA ILE D 350 38.05 29.39 3.28
C ILE D 350 38.25 28.38 2.16
N THR D 351 37.15 28.01 1.50
CA THR D 351 37.20 27.01 0.44
C THR D 351 38.01 27.54 -0.75
N THR D 352 37.95 28.86 -0.95
CA THR D 352 38.70 29.53 -2.02
C THR D 352 40.21 29.36 -1.85
N THR D 353 40.71 29.67 -0.65
CA THR D 353 42.16 29.65 -0.40
C THR D 353 42.69 28.21 -0.24
N ILE D 354 41.88 27.34 0.37
CA ILE D 354 42.19 25.91 0.46
C ILE D 354 42.25 25.32 -0.94
N GLY D 355 41.27 25.69 -1.76
CA GLY D 355 41.19 25.21 -3.14
C GLY D 355 42.42 25.57 -3.95
N SER D 356 42.85 26.82 -3.80
CA SER D 356 44.08 27.32 -4.46
C SER D 356 45.31 26.55 -4.01
N ASN D 357 45.40 26.28 -2.71
CA ASN D 357 46.53 25.53 -2.15
C ASN D 357 46.56 24.07 -2.62
N LEU D 358 45.39 23.43 -2.62
CA LEU D 358 45.27 22.04 -3.09
C LEU D 358 45.68 21.92 -4.57
N THR D 359 45.15 22.80 -5.41
CA THR D 359 45.49 22.79 -6.83
C THR D 359 47.01 22.90 -7.01
N SER D 360 47.61 23.79 -6.23
CA SER D 360 49.05 24.09 -6.27
C SER D 360 49.90 22.92 -5.77
N TRP D 361 49.41 22.20 -4.77
CA TRP D 361 50.09 21.02 -4.24
C TRP D 361 49.98 19.82 -5.19
N LEU D 362 48.81 19.68 -5.83
CA LEU D 362 48.55 18.57 -6.75
C LEU D 362 48.94 18.84 -8.22
N SER D 363 49.45 20.03 -8.49
CA SER D 363 49.88 20.40 -9.85
C SER D 363 51.20 19.72 -10.24
N THR D 364 51.52 19.76 -11.53
CA THR D 364 52.75 19.14 -12.04
C THR D 364 54.01 19.83 -11.52
N THR D 365 53.94 21.12 -11.24
CA THR D 365 55.06 21.88 -10.66
C THR D 365 55.02 21.96 -9.12
N GLY D 366 54.04 21.32 -8.49
CA GLY D 366 53.81 21.47 -7.04
C GLY D 366 54.76 20.75 -6.10
N ILE D 367 54.33 20.61 -4.85
CA ILE D 367 55.10 19.94 -3.81
C ILE D 367 55.02 18.41 -3.90
N ILE D 368 53.83 17.88 -4.21
CA ILE D 368 53.62 16.42 -4.24
C ILE D 368 54.21 15.72 -5.48
N LYS D 369 54.24 16.42 -6.61
CA LYS D 369 54.85 15.88 -7.84
C LYS D 369 56.38 15.92 -7.80
N ALA D 370 56.93 16.78 -6.94
CA ALA D 370 58.38 17.01 -6.84
C ALA D 370 59.08 16.04 -5.90
N ALA D 371 58.48 15.80 -4.74
CA ALA D 371 59.01 14.83 -3.77
C ALA D 371 59.17 13.44 -4.42
N THR D 372 58.12 13.00 -5.11
CA THR D 372 58.12 11.71 -5.82
C THR D 372 59.32 11.52 -6.77
N ASP D 373 59.79 12.61 -7.37
CA ASP D 373 61.00 12.57 -8.19
C ASP D 373 62.26 12.69 -7.33
N LEU E 18 30.06 7.44 31.78
CA LEU E 18 29.57 8.62 32.54
C LEU E 18 29.05 9.71 31.61
N THR E 19 29.68 9.88 30.45
CA THR E 19 29.24 10.90 29.50
C THR E 19 27.95 10.48 28.79
N THR E 20 27.82 9.20 28.46
CA THR E 20 26.59 8.67 27.87
C THR E 20 25.41 8.86 28.81
N PHE E 21 25.63 8.61 30.10
CA PHE E 21 24.61 8.83 31.13
C PHE E 21 24.32 10.32 31.33
N GLN E 22 25.37 11.14 31.26
CA GLN E 22 25.23 12.60 31.35
C GLN E 22 24.26 13.13 30.29
N THR E 23 24.33 12.56 29.09
CA THR E 23 23.46 12.97 28.00
C THR E 23 22.00 12.70 28.33
N ALA E 24 21.72 11.48 28.80
CA ALA E 24 20.36 11.07 29.16
C ALA E 24 19.82 11.93 30.29
N ASN E 25 20.69 12.29 31.22
CA ASN E 25 20.35 13.15 32.35
C ASN E 25 20.04 14.59 31.92
N THR E 26 20.81 15.12 30.96
CA THR E 26 20.54 16.44 30.42
C THR E 26 19.19 16.45 29.72
N ALA E 27 18.90 15.37 29.00
CA ALA E 27 17.66 15.27 28.22
C ALA E 27 16.46 15.24 29.15
N LEU E 28 16.60 14.62 30.31
CA LEU E 28 15.52 14.54 31.28
C LEU E 28 15.35 15.83 32.08
N SER E 29 16.39 16.66 32.11
CA SER E 29 16.38 17.87 32.93
C SER E 29 15.75 19.08 32.22
N LYS E 30 14.63 18.85 31.52
CA LYS E 30 13.89 19.91 30.84
C LYS E 30 12.47 20.00 31.43
N ALA E 31 12.19 21.09 32.14
CA ALA E 31 10.87 21.30 32.77
C ALA E 31 9.71 21.11 31.79
N ASP E 32 9.90 21.57 30.56
CA ASP E 32 8.87 21.51 29.53
C ASP E 32 8.31 20.09 29.32
N LEU E 33 9.12 19.07 29.58
CA LEU E 33 8.67 17.69 29.47
C LEU E 33 7.43 17.44 30.32
N PHE E 34 7.36 18.13 31.46
CA PHE E 34 6.30 17.91 32.44
C PHE E 34 5.13 18.90 32.32
N SER E 35 5.13 19.71 31.27
CA SER E 35 4.00 20.57 30.93
C SER E 35 3.58 20.36 29.48
N ALA E 36 4.14 19.32 28.87
CA ALA E 36 4.03 19.09 27.42
C ALA E 36 2.58 18.91 27.00
N THR E 37 2.30 19.32 25.76
CA THR E 37 0.99 19.10 25.16
C THR E 37 1.15 18.87 23.68
N SER E 38 0.28 18.03 23.14
CA SER E 38 0.25 17.74 21.73
C SER E 38 -0.99 18.40 21.17
N THR E 39 -1.08 18.44 19.84
CA THR E 39 -2.18 19.11 19.16
C THR E 39 -2.83 18.30 18.07
N THR E 40 -4.04 18.71 17.73
CA THR E 40 -4.81 18.07 16.70
C THR E 40 -5.72 19.11 16.10
N SER E 41 -5.80 19.15 14.78
CA SER E 41 -6.64 20.12 14.07
C SER E 41 -7.68 19.37 13.25
N SER E 42 -8.86 19.99 13.13
CA SER E 42 -9.93 19.45 12.30
C SER E 42 -9.83 19.79 10.79
N THR E 43 -8.81 20.53 10.38
CA THR E 43 -8.67 21.01 9.00
C THR E 43 -7.21 21.16 8.62
N THR E 44 -6.95 20.97 7.33
CA THR E 44 -5.66 21.32 6.77
C THR E 44 -5.52 22.85 6.71
N ALA E 45 -6.62 23.56 6.92
CA ALA E 45 -6.65 25.03 6.86
C ALA E 45 -5.75 25.68 7.90
N PHE E 46 -5.49 24.98 8.99
CA PHE E 46 -4.51 25.44 9.96
C PHE E 46 -3.97 24.31 10.80
N SER E 47 -2.83 24.55 11.40
CA SER E 47 -2.18 23.61 12.30
C SER E 47 -1.47 24.41 13.38
N ALA E 48 -1.03 23.72 14.42
CA ALA E 48 -0.51 24.37 15.59
C ALA E 48 0.47 23.48 16.33
N THR E 49 1.58 24.07 16.74
CA THR E 49 2.49 23.43 17.67
C THR E 49 2.42 24.20 18.97
N THR E 50 2.76 23.52 20.05
CA THR E 50 2.75 24.09 21.36
C THR E 50 4.10 23.96 21.98
N ALA E 51 4.38 24.85 22.91
CA ALA E 51 5.57 24.78 23.74
C ALA E 51 5.06 24.45 25.11
N GLY E 52 5.88 24.72 26.12
CA GLY E 52 5.54 24.35 27.48
C GLY E 52 4.37 25.17 27.99
N ASN E 53 3.61 24.61 28.91
CA ASN E 53 2.59 25.35 29.64
C ASN E 53 1.45 25.86 28.78
N ALA E 54 1.12 25.14 27.71
CA ALA E 54 -0.06 25.47 26.94
C ALA E 54 -1.30 25.01 27.70
N ILE E 55 -2.40 25.74 27.55
CA ILE E 55 -3.65 25.37 28.22
C ILE E 55 -4.45 24.37 27.42
N ALA E 56 -4.71 23.21 28.01
CA ALA E 56 -5.45 22.14 27.35
C ALA E 56 -6.92 22.54 27.14
N GLY E 57 -7.49 22.10 26.02
CA GLY E 57 -8.91 22.30 25.72
C GLY E 57 -9.23 22.33 24.23
N LYS E 58 -10.53 22.36 23.92
CA LYS E 58 -10.99 22.55 22.54
C LYS E 58 -10.99 24.04 22.24
N TYR E 59 -10.30 24.45 21.19
CA TYR E 59 -10.30 25.84 20.73
C TYR E 59 -11.05 25.93 19.41
N THR E 60 -12.16 26.66 19.37
CA THR E 60 -12.85 26.86 18.10
C THR E 60 -12.18 27.96 17.32
N ILE E 61 -11.70 27.62 16.14
CA ILE E 61 -11.02 28.60 15.32
C ILE E 61 -11.74 28.88 14.02
N SER E 62 -11.73 30.15 13.66
CA SER E 62 -12.24 30.63 12.41
C SER E 62 -11.18 31.46 11.75
N VAL E 63 -11.04 31.35 10.43
CA VAL E 63 -10.06 32.17 9.70
C VAL E 63 -10.71 32.79 8.49
N THR E 64 -10.87 34.12 8.52
CA THR E 64 -11.54 34.84 7.44
C THR E 64 -10.60 35.47 6.43
N HIS E 65 -9.42 35.87 6.85
CA HIS E 65 -8.41 36.41 5.93
C HIS E 65 -7.02 35.96 6.30
N LEU E 66 -6.20 35.66 5.31
CA LEU E 66 -4.80 35.34 5.54
C LEU E 66 -4.00 36.61 5.48
N ALA E 67 -2.82 36.59 6.08
CA ALA E 67 -1.89 37.71 5.98
C ALA E 67 -1.27 37.66 4.62
N GLN E 68 -1.13 38.82 3.98
CA GLN E 68 -0.42 39.01 2.70
C GLN E 68 0.68 40.04 2.84
N ALA E 69 1.66 39.99 1.95
CA ALA E 69 2.77 40.92 1.94
C ALA E 69 2.58 41.81 0.77
N GLN E 70 2.72 43.09 0.97
CA GLN E 70 2.55 44.07 -0.10
C GLN E 70 3.56 43.88 -1.22
N THR E 71 3.09 44.06 -2.45
CA THR E 71 3.95 44.03 -3.60
C THR E 71 3.51 45.15 -4.50
N LEU E 72 4.44 46.07 -4.74
CA LEU E 72 4.26 47.21 -5.61
C LEU E 72 4.95 46.90 -6.94
N THR E 73 4.39 47.36 -8.05
CA THR E 73 5.00 47.12 -9.35
C THR E 73 4.89 48.31 -10.25
N THR E 74 5.96 48.66 -10.94
CA THR E 74 5.94 49.81 -11.83
C THR E 74 4.75 49.74 -12.80
N ARG E 75 4.00 50.82 -12.93
CA ARG E 75 2.87 50.91 -13.86
C ARG E 75 3.32 50.90 -15.31
N THR E 76 4.54 51.34 -15.56
CA THR E 76 5.06 51.37 -16.91
C THR E 76 6.21 50.37 -17.05
N THR E 77 6.57 50.07 -18.29
CA THR E 77 7.63 49.10 -18.57
C THR E 77 8.83 49.81 -19.18
N ARG E 78 9.94 49.08 -19.30
CA ARG E 78 11.13 49.59 -19.95
C ARG E 78 11.72 48.65 -20.99
N ASP E 79 12.31 49.23 -22.03
CA ASP E 79 12.91 48.49 -23.15
C ASP E 79 14.13 47.61 -22.77
N ASP E 80 14.84 47.96 -21.70
CA ASP E 80 15.94 47.10 -21.18
C ASP E 80 16.25 47.31 -19.70
N THR E 81 17.22 46.56 -19.18
CA THR E 81 17.56 46.66 -17.73
C THR E 81 18.87 47.44 -17.44
N LYS E 82 19.58 47.82 -18.48
CA LYS E 82 20.92 48.42 -18.37
C LYS E 82 20.89 49.96 -18.40
N THR E 83 19.81 50.52 -18.95
CA THR E 83 19.76 51.95 -19.28
C THR E 83 19.20 52.84 -18.17
N ALA E 84 20.00 53.81 -17.75
CA ALA E 84 19.64 54.69 -16.61
C ALA E 84 18.32 55.42 -16.84
N ILE E 85 17.46 55.35 -15.83
CA ILE E 85 16.18 56.07 -15.83
C ILE E 85 16.40 57.52 -15.44
N ALA E 86 17.28 57.74 -14.47
CA ALA E 86 17.52 59.05 -13.89
C ALA E 86 18.74 59.67 -14.54
N THR E 87 18.69 60.97 -14.78
CA THR E 87 19.86 61.69 -15.26
C THR E 87 20.57 62.44 -14.13
N SER E 88 20.10 62.28 -12.90
CA SER E 88 20.75 62.87 -11.72
C SER E 88 20.86 61.85 -10.57
N ASP E 89 21.87 62.05 -9.73
CA ASP E 89 22.00 61.31 -8.47
C ASP E 89 20.75 61.58 -7.64
N SER E 90 20.33 60.60 -6.85
CA SER E 90 19.07 60.68 -6.13
C SER E 90 19.07 59.79 -4.89
N LYS E 91 18.08 60.00 -4.02
CA LYS E 91 17.95 59.17 -2.82
C LYS E 91 16.58 58.53 -2.74
N LEU E 92 16.57 57.20 -2.77
CA LEU E 92 15.38 56.42 -2.55
C LEU E 92 15.19 56.24 -1.04
N THR E 93 13.99 56.54 -0.56
CA THR E 93 13.65 56.33 0.83
C THR E 93 12.50 55.35 0.94
N ILE E 94 12.75 54.25 1.64
CA ILE E 94 11.76 53.22 1.90
C ILE E 94 11.28 53.37 3.33
N GLN E 95 9.97 53.55 3.49
CA GLN E 95 9.37 53.73 4.81
C GLN E 95 8.28 52.72 5.05
N GLN E 96 8.58 51.70 5.83
CA GLN E 96 7.53 50.75 6.23
C GLN E 96 6.70 51.39 7.34
N GLY E 97 5.59 50.74 7.67
CA GLY E 97 4.72 51.23 8.72
C GLY E 97 5.16 50.75 10.10
N GLY E 98 4.27 50.85 11.06
CA GLY E 98 4.48 50.31 12.39
C GLY E 98 5.65 50.81 13.22
N ASP E 99 5.92 52.12 13.20
CA ASP E 99 6.94 52.66 14.10
C ASP E 99 8.36 52.20 13.71
N LYS E 100 8.52 51.94 12.41
CA LYS E 100 9.79 51.52 11.85
C LYS E 100 10.50 52.77 11.36
N ASP E 101 11.81 52.83 11.57
CA ASP E 101 12.61 53.92 11.01
C ASP E 101 12.72 53.76 9.51
N PRO E 102 12.76 54.89 8.78
CA PRO E 102 12.98 54.85 7.34
C PRO E 102 14.41 54.50 7.00
N ILE E 103 14.57 53.91 5.82
CA ILE E 103 15.89 53.62 5.26
C ILE E 103 16.08 54.43 3.99
N THR E 104 17.19 55.13 3.91
CA THR E 104 17.53 55.89 2.72
C THR E 104 18.67 55.21 1.94
N ILE E 105 18.51 55.14 0.64
CA ILE E 105 19.50 54.51 -0.21
C ILE E 105 19.94 55.47 -1.26
N ASP E 106 21.25 55.71 -1.36
CA ASP E 106 21.81 56.46 -2.48
C ASP E 106 21.66 55.67 -3.80
N ILE E 107 21.15 56.32 -4.84
CA ILE E 107 21.15 55.77 -6.19
C ILE E 107 21.77 56.78 -7.13
N SER E 108 23.03 56.54 -7.50
CA SER E 108 23.70 57.42 -8.46
C SER E 108 23.08 57.21 -9.84
N ALA E 109 23.20 58.23 -10.69
CA ALA E 109 22.61 58.21 -12.04
C ALA E 109 22.98 56.95 -12.78
N ALA E 110 24.28 56.70 -12.91
CA ALA E 110 24.77 55.50 -13.57
C ALA E 110 24.18 54.19 -13.01
N ASN E 111 23.80 54.19 -11.73
CA ASN E 111 23.16 53.00 -11.12
C ASN E 111 21.62 53.08 -11.13
N SER E 112 21.10 53.97 -11.96
CA SER E 112 19.68 54.27 -12.03
C SER E 112 18.93 53.36 -13.00
N SER E 113 19.56 52.27 -13.41
CA SER E 113 18.90 51.30 -14.28
C SER E 113 18.10 50.30 -13.44
N LEU E 114 17.20 49.56 -14.08
CA LEU E 114 16.43 48.55 -13.34
C LEU E 114 17.37 47.59 -12.59
N SER E 115 18.44 47.19 -13.26
CA SER E 115 19.47 46.43 -12.57
C SER E 115 20.03 47.13 -11.31
N GLY E 116 20.43 48.37 -11.49
CA GLY E 116 21.06 49.13 -10.43
C GLY E 116 20.12 49.43 -9.26
N ILE E 117 18.88 49.75 -9.58
CA ILE E 117 17.89 50.02 -8.55
C ILE E 117 17.62 48.76 -7.79
N ARG E 118 17.55 47.66 -8.52
CA ARG E 118 17.28 46.39 -7.86
C ARG E 118 18.39 46.02 -6.89
N ASP E 119 19.62 45.98 -7.39
CA ASP E 119 20.76 45.65 -6.53
C ASP E 119 20.83 46.62 -5.34
N ALA E 120 20.60 47.90 -5.63
CA ALA E 120 20.67 48.94 -4.63
C ALA E 120 19.73 48.62 -3.50
N ILE E 121 18.48 48.33 -3.85
CA ILE E 121 17.48 48.06 -2.84
C ILE E 121 17.92 46.83 -2.07
N ASN E 122 18.09 45.71 -2.77
CA ASN E 122 18.42 44.44 -2.12
C ASN E 122 19.65 44.46 -1.22
N ASN E 123 20.71 45.18 -1.62
CA ASN E 123 21.92 45.25 -0.79
C ASN E 123 21.71 46.12 0.44
N ALA E 124 20.70 46.99 0.40
CA ALA E 124 20.36 47.88 1.53
C ALA E 124 19.87 47.14 2.77
N LYS E 125 19.36 45.92 2.56
CA LYS E 125 18.78 45.10 3.63
C LYS E 125 17.80 45.95 4.42
N ALA E 126 16.80 46.45 3.71
CA ALA E 126 15.83 47.40 4.23
C ALA E 126 14.47 46.76 4.50
N GLY E 127 14.43 45.43 4.54
CA GLY E 127 13.19 44.70 4.83
C GLY E 127 12.22 44.55 3.69
N VAL E 128 12.66 44.88 2.49
CA VAL E 128 11.91 44.58 1.27
C VAL E 128 12.84 43.91 0.29
N SER E 129 12.28 43.38 -0.77
CA SER E 129 13.06 42.74 -1.83
C SER E 129 12.63 43.24 -3.19
N ALA E 130 13.59 43.52 -4.04
CA ALA E 130 13.32 44.08 -5.34
C ALA E 130 13.61 43.01 -6.37
N SER E 131 12.82 42.99 -7.43
CA SER E 131 13.16 42.14 -8.57
C SER E 131 12.56 42.67 -9.85
N ILE E 132 13.10 42.18 -10.97
CA ILE E 132 12.75 42.64 -12.29
C ILE E 132 11.93 41.59 -13.01
N ILE E 133 10.79 41.99 -13.54
CA ILE E 133 9.94 41.03 -14.24
C ILE E 133 9.86 41.32 -15.69
N ASN E 134 10.26 40.35 -16.48
CA ASN E 134 10.16 40.46 -17.94
C ASN E 134 8.75 40.04 -18.36
N VAL E 135 7.89 41.02 -18.63
CA VAL E 135 6.46 40.77 -18.87
C VAL E 135 6.16 40.35 -20.32
N GLY E 136 7.21 40.24 -21.10
CA GLY E 136 7.10 39.88 -22.51
C GLY E 136 7.37 41.01 -23.48
N ASN E 137 7.79 40.62 -24.68
CA ASN E 137 8.03 41.56 -25.77
C ASN E 137 9.14 42.54 -25.43
N GLY E 138 10.15 42.02 -24.73
CA GLY E 138 11.32 42.83 -24.37
C GLY E 138 10.95 44.03 -23.52
N GLU E 139 10.07 43.78 -22.55
CA GLU E 139 9.58 44.83 -21.68
C GLU E 139 9.69 44.39 -20.22
N TYR E 140 10.20 45.29 -19.41
CA TYR E 140 10.60 44.95 -18.06
C TYR E 140 9.89 45.83 -17.04
N ARG E 141 9.51 45.23 -15.92
CA ARG E 141 8.93 45.96 -14.82
C ARG E 141 9.73 45.71 -13.58
N LEU E 142 9.84 46.73 -12.75
CA LEU E 142 10.43 46.58 -11.43
C LEU E 142 9.31 46.23 -10.51
N SER E 143 9.62 45.38 -9.54
CA SER E 143 8.65 44.94 -8.57
C SER E 143 9.31 44.95 -7.20
N VAL E 144 8.61 45.45 -6.18
CA VAL E 144 9.15 45.52 -4.84
C VAL E 144 8.16 44.96 -3.85
N THR E 145 8.60 44.00 -3.05
CA THR E 145 7.74 43.30 -2.10
C THR E 145 8.32 43.35 -0.72
N SER E 146 7.45 43.51 0.29
CA SER E 146 7.90 43.56 1.66
C SER E 146 8.23 42.16 2.10
N ASN E 147 9.37 42.01 2.78
CA ASN E 147 9.84 40.71 3.20
C ASN E 147 8.88 39.96 4.12
N ASP E 148 8.09 40.69 4.90
CA ASP E 148 7.13 40.09 5.82
C ASP E 148 5.70 40.53 5.54
N THR E 149 4.77 39.66 5.88
CA THR E 149 3.35 39.92 5.62
C THR E 149 2.78 40.87 6.67
N GLY E 150 1.73 41.56 6.28
CA GLY E 150 0.92 42.35 7.21
C GLY E 150 0.83 43.82 6.88
N LEU E 151 -0.29 44.43 7.27
CA LEU E 151 -0.58 45.85 7.01
C LEU E 151 0.57 46.74 7.42
N ASP E 152 1.16 46.41 8.55
CA ASP E 152 2.16 47.28 9.16
C ASP E 152 3.46 47.26 8.35
N ASN E 153 3.68 46.25 7.51
CA ASN E 153 4.91 46.18 6.68
C ASN E 153 4.74 46.72 5.25
N ALA E 154 3.59 47.34 4.98
CA ALA E 154 3.34 48.00 3.70
C ALA E 154 4.27 49.18 3.55
N MSE E 155 4.56 49.53 2.31
CA MSE E 155 5.64 50.47 2.01
C MSE E 155 5.17 51.83 1.60
O MSE E 155 4.06 52.00 1.14
CB MSE E 155 6.47 49.96 0.84
CG MSE E 155 7.50 48.96 1.22
SE MSE E 155 7.99 48.07 -0.37
CE MSE E 155 6.54 46.77 -0.37
N THR E 156 6.06 52.78 1.77
CA THR E 156 5.99 54.04 1.05
C THR E 156 7.34 54.21 0.40
N LEU E 157 7.33 54.45 -0.91
CA LEU E 157 8.55 54.73 -1.66
C LEU E 157 8.55 56.17 -2.16
N SER E 158 9.69 56.82 -1.98
CA SER E 158 9.86 58.17 -2.49
C SER E 158 11.30 58.43 -2.89
N VAL E 159 11.45 59.27 -3.89
CA VAL E 159 12.74 59.59 -4.45
C VAL E 159 12.86 61.07 -4.46
N SER E 160 14.04 61.55 -4.08
CA SER E 160 14.32 62.96 -4.14
C SER E 160 15.57 63.07 -4.97
N GLY E 161 15.59 64.01 -5.91
CA GLY E 161 16.75 64.20 -6.77
C GLY E 161 16.40 64.13 -8.23
N ASP E 162 15.64 63.13 -8.65
CA ASP E 162 15.25 63.04 -10.07
C ASP E 162 13.75 62.84 -10.20
N ASP E 163 13.08 63.78 -10.85
CA ASP E 163 11.63 63.73 -11.05
C ASP E 163 11.18 62.50 -11.88
N ALA E 164 12.02 62.08 -12.84
CA ALA E 164 11.72 60.94 -13.69
C ALA E 164 11.67 59.62 -12.92
N LEU E 165 12.59 59.48 -11.98
CA LEU E 165 12.71 58.25 -11.21
C LEU E 165 11.53 58.21 -10.27
N GLN E 166 11.34 59.29 -9.53
CA GLN E 166 10.18 59.43 -8.64
C GLN E 166 8.88 59.07 -9.38
N SER E 167 8.77 59.58 -10.60
CA SER E 167 7.57 59.45 -11.41
C SER E 167 7.34 58.02 -11.87
N PHE E 168 8.43 57.27 -11.90
CA PHE E 168 8.45 55.86 -12.34
C PHE E 168 8.29 54.85 -11.23
N MSE E 169 8.85 55.15 -10.06
CA MSE E 169 8.98 54.22 -8.92
C MSE E 169 8.17 54.55 -7.68
O MSE E 169 8.01 53.69 -6.82
CB MSE E 169 10.41 54.27 -8.43
CG MSE E 169 11.25 53.16 -8.87
SE MSE E 169 12.82 53.31 -7.84
CE MSE E 169 12.33 52.05 -6.47
N GLY E 170 7.78 55.79 -7.51
CA GLY E 170 7.27 56.22 -6.22
C GLY E 170 5.95 55.59 -5.88
N TYR E 171 5.74 55.33 -4.60
CA TYR E 171 4.43 54.96 -4.09
C TYR E 171 4.14 55.65 -2.76
N ASP E 172 2.97 56.29 -2.71
CA ASP E 172 2.41 56.79 -1.46
C ASP E 172 0.90 56.67 -1.53
N ALA E 173 0.33 55.79 -0.70
CA ALA E 173 -1.12 55.52 -0.71
C ALA E 173 -1.91 56.83 -0.78
N SER E 174 -1.51 57.81 0.02
CA SER E 174 -2.22 59.08 0.11
C SER E 174 -2.05 59.98 -1.12
N ALA E 175 -1.10 59.63 -2.00
CA ALA E 175 -0.77 60.48 -3.16
C ALA E 175 -1.83 60.37 -4.26
N SER E 176 -1.99 61.45 -5.03
CA SER E 176 -2.96 61.49 -6.14
C SER E 176 -2.52 60.61 -7.31
N SER E 177 -1.25 60.73 -7.71
CA SER E 177 -0.66 59.93 -8.80
C SER E 177 0.58 59.21 -8.32
N ASN E 178 0.63 57.90 -8.54
CA ASN E 178 1.78 57.10 -8.17
C ASN E 178 2.36 56.40 -9.38
N GLY E 179 3.67 56.17 -9.36
CA GLY E 179 4.35 55.50 -10.46
C GLY E 179 4.18 54.01 -10.30
N MSE E 180 4.14 53.57 -9.05
CA MSE E 180 3.88 52.15 -8.76
C MSE E 180 2.40 51.86 -8.59
O MSE E 180 1.56 52.73 -8.36
CB MSE E 180 4.57 51.71 -7.49
CG MSE E 180 5.97 51.80 -7.49
SE MSE E 180 6.90 50.38 -8.06
CE MSE E 180 8.29 50.28 -6.74
N GLU E 181 2.09 50.60 -8.65
CA GLU E 181 0.74 50.11 -8.65
C GLU E 181 0.73 49.07 -7.55
N VAL E 182 -0.39 48.92 -6.88
CA VAL E 182 -0.44 47.84 -5.88
C VAL E 182 -0.80 46.51 -6.54
N SER E 183 0.17 45.62 -6.68
CA SER E 183 -0.08 44.33 -7.30
C SER E 183 -0.76 43.38 -6.34
N VAL E 184 -0.13 43.22 -5.16
CA VAL E 184 -0.73 42.53 -4.03
C VAL E 184 -0.89 43.54 -2.87
N ALA E 185 -2.10 43.62 -2.34
CA ALA E 185 -2.41 44.43 -1.18
C ALA E 185 -1.83 43.78 0.06
N ALA E 186 -1.23 44.58 0.93
CA ALA E 186 -0.90 44.14 2.28
C ALA E 186 -2.20 43.84 3.00
N GLN E 187 -2.28 42.68 3.65
CA GLN E 187 -3.39 42.44 4.56
C GLN E 187 -2.97 41.63 5.79
N ASN E 188 -3.61 41.97 6.88
CA ASN E 188 -3.39 41.22 8.10
C ASN E 188 -4.23 39.94 8.15
N ALA E 189 -3.68 38.94 8.83
CA ALA E 189 -4.40 37.74 9.13
C ALA E 189 -5.55 38.12 10.04
N GLN E 190 -6.72 37.53 9.81
CA GLN E 190 -7.91 37.84 10.63
C GLN E 190 -8.66 36.58 11.00
N LEU E 191 -8.64 36.26 12.29
CA LEU E 191 -9.22 35.03 12.75
C LEU E 191 -9.98 35.30 14.03
N THR E 192 -10.76 34.32 14.47
CA THR E 192 -11.31 34.33 15.81
C THR E 192 -10.99 33.00 16.47
N VAL E 193 -10.60 33.05 17.74
CA VAL E 193 -10.24 31.89 18.51
C VAL E 193 -11.13 31.92 19.73
N ASN E 194 -12.00 30.92 19.85
CA ASN E 194 -13.01 30.91 20.90
C ASN E 194 -13.76 32.25 20.98
N ASN E 195 -14.35 32.64 19.87
CA ASN E 195 -15.12 33.87 19.73
C ASN E 195 -14.40 35.15 20.10
N VAL E 196 -13.08 35.14 20.06
CA VAL E 196 -12.31 36.35 20.27
C VAL E 196 -11.61 36.77 18.96
N ALA E 197 -12.05 37.90 18.41
CA ALA E 197 -11.39 38.51 17.26
C ALA E 197 -9.90 38.75 17.50
N ILE E 198 -9.09 38.22 16.60
CA ILE E 198 -7.65 38.44 16.58
C ILE E 198 -7.22 38.85 15.17
N GLU E 199 -6.41 39.91 15.14
CA GLU E 199 -5.76 40.41 13.94
C GLU E 199 -4.25 40.17 14.12
N ASN E 200 -3.55 39.82 13.03
CA ASN E 200 -2.10 39.58 13.10
C ASN E 200 -1.34 39.83 11.79
N SER E 201 -0.09 40.23 11.92
CA SER E 201 0.79 40.50 10.79
C SER E 201 1.11 39.28 10.03
N SER E 202 1.13 38.15 10.71
CA SER E 202 1.73 36.95 10.14
C SER E 202 0.76 35.79 10.09
N ASN E 203 1.03 34.83 9.19
CA ASN E 203 0.28 33.57 9.15
C ASN E 203 0.96 32.47 9.98
N THR E 204 2.06 32.85 10.63
CA THR E 204 2.71 32.02 11.64
C THR E 204 2.60 32.79 12.93
N ILE E 205 1.47 32.61 13.62
CA ILE E 205 1.13 33.44 14.76
C ILE E 205 1.60 32.75 16.03
N SER E 206 2.62 33.33 16.64
CA SER E 206 3.10 32.84 17.94
C SER E 206 3.04 33.85 19.09
N ASP E 207 2.61 35.08 18.79
CA ASP E 207 2.52 36.15 19.79
C ASP E 207 1.08 36.48 20.18
N ALA E 208 0.10 35.71 19.74
CA ALA E 208 -1.29 36.02 20.03
C ALA E 208 -1.79 35.20 21.22
N LEU E 209 -1.78 33.89 21.03
CA LEU E 209 -2.14 32.96 22.07
C LEU E 209 -0.88 32.47 22.80
N GLU E 210 -0.94 32.33 24.11
CA GLU E 210 0.26 31.99 24.91
C GLU E 210 0.78 30.57 24.66
N ASN E 211 2.09 30.42 24.59
CA ASN E 211 2.72 29.11 24.39
C ASN E 211 2.19 28.26 23.23
N ILE E 212 1.58 28.92 22.26
CA ILE E 212 1.05 28.25 21.10
C ILE E 212 1.53 28.98 19.86
N THR E 213 2.04 28.22 18.90
CA THR E 213 2.32 28.73 17.58
C THR E 213 1.23 28.21 16.66
N LEU E 214 0.46 29.14 16.10
CA LEU E 214 -0.65 28.82 15.22
C LEU E 214 -0.25 29.07 13.77
N ASN E 215 -0.30 28.03 12.93
CA ASN E 215 0.09 28.15 11.53
C ASN E 215 -1.13 28.23 10.63
N LEU E 216 -1.38 29.39 10.02
CA LEU E 216 -2.50 29.53 9.10
C LEU E 216 -2.13 29.10 7.64
N ASN E 217 -2.95 28.23 7.06
CA ASN E 217 -2.72 27.76 5.69
C ASN E 217 -3.76 28.23 4.69
N ASP E 218 -5.01 28.33 5.12
CA ASP E 218 -6.09 28.76 4.25
C ASP E 218 -7.24 29.30 5.08
N VAL E 219 -8.15 29.98 4.39
CA VAL E 219 -9.38 30.45 5.01
C VAL E 219 -10.19 29.22 5.44
N THR E 220 -10.83 29.27 6.62
CA THR E 220 -11.68 28.14 7.03
C THR E 220 -13.10 28.22 6.47
N THR E 221 -13.81 27.11 6.49
CA THR E 221 -15.25 27.15 6.26
C THR E 221 -15.91 26.23 7.26
N GLY E 222 -17.03 26.68 7.80
CA GLY E 222 -17.76 25.94 8.82
C GLY E 222 -17.08 26.04 10.20
N ASN E 223 -17.50 25.14 11.08
CA ASN E 223 -17.03 25.10 12.47
C ASN E 223 -15.80 24.20 12.56
N GLN E 224 -14.65 24.78 12.90
CA GLN E 224 -13.41 24.01 13.00
C GLN E 224 -12.81 24.16 14.38
N THR E 225 -11.92 23.23 14.75
CA THR E 225 -11.37 23.21 16.09
C THR E 225 -9.92 22.79 16.12
N LEU E 226 -9.18 23.43 17.01
CA LEU E 226 -7.84 23.02 17.40
C LEU E 226 -7.95 22.49 18.82
N THR E 227 -7.39 21.31 19.04
CA THR E 227 -7.47 20.65 20.34
C THR E 227 -6.09 20.53 20.93
N ILE E 228 -5.93 20.97 22.16
CA ILE E 228 -4.65 20.80 22.85
C ILE E 228 -4.88 19.81 23.98
N THR E 229 -4.05 18.77 24.01
CA THR E 229 -4.16 17.72 25.02
C THR E 229 -2.86 17.50 25.75
N GLN E 230 -2.95 17.11 27.02
CA GLN E 230 -1.77 16.77 27.83
C GLN E 230 -0.99 15.65 27.15
N ASP E 231 0.34 15.73 27.18
CA ASP E 231 1.18 14.68 26.59
C ASP E 231 2.24 14.31 27.59
N THR E 232 1.89 13.29 28.37
CA THR E 232 2.82 12.73 29.30
C THR E 232 3.79 11.79 28.58
N SER E 233 3.46 11.39 27.36
CA SER E 233 4.27 10.44 26.61
C SER E 233 5.73 10.88 26.54
N LYS E 234 5.94 12.16 26.24
CA LYS E 234 7.31 12.70 26.10
C LYS E 234 8.12 12.54 27.39
N ALA E 235 7.50 12.93 28.51
CA ALA E 235 8.12 12.79 29.83
C ALA E 235 8.43 11.34 30.21
N GLN E 236 7.54 10.42 29.83
CA GLN E 236 7.74 8.98 30.09
C GLN E 236 8.97 8.44 29.36
N THR E 237 9.07 8.77 28.07
CA THR E 237 10.22 8.36 27.26
C THR E 237 11.50 8.85 27.91
N ALA E 238 11.53 10.13 28.26
CA ALA E 238 12.69 10.73 28.92
C ALA E 238 13.06 9.95 30.18
N ILE E 239 12.05 9.63 30.98
CA ILE E 239 12.27 8.89 32.22
C ILE E 239 12.73 7.44 31.98
N LYS E 240 12.18 6.79 30.95
CA LYS E 240 12.61 5.43 30.59
C LYS E 240 14.07 5.42 30.14
N ASP E 241 14.43 6.37 29.27
CA ASP E 241 15.80 6.45 28.73
C ASP E 241 16.82 6.71 29.83
N TRP E 242 16.41 7.54 30.80
CA TRP E 242 17.25 7.88 31.95
C TRP E 242 17.50 6.66 32.82
N VAL E 243 16.42 5.96 33.19
CA VAL E 243 16.51 4.71 33.94
C VAL E 243 17.41 3.68 33.25
N ASN E 244 17.23 3.52 31.94
CA ASN E 244 18.03 2.57 31.17
C ASN E 244 19.50 2.98 31.08
N ALA E 245 19.76 4.27 30.92
CA ALA E 245 21.13 4.79 30.87
C ALA E 245 21.87 4.56 32.19
N TYR E 246 21.18 4.81 33.30
CA TYR E 246 21.74 4.59 34.64
C TYR E 246 22.02 3.11 34.90
N ASN E 247 21.07 2.25 34.55
CA ASN E 247 21.24 0.79 34.67
C ASN E 247 22.42 0.29 33.86
N SER E 248 22.66 0.89 32.69
CA SER E 248 23.84 0.57 31.87
C SER E 248 25.13 1.03 32.56
N LEU E 249 25.08 2.20 33.19
CA LEU E 249 26.24 2.71 33.94
C LEU E 249 26.62 1.75 35.08
N ILE E 250 25.61 1.20 35.76
CA ILE E 250 25.86 0.24 36.84
C ILE E 250 26.49 -1.05 36.31
N ASP E 251 26.06 -1.48 35.12
CA ASP E 251 26.69 -2.62 34.44
C ASP E 251 28.16 -2.35 34.17
N THR E 252 28.48 -1.12 33.76
CA THR E 252 29.87 -0.70 33.51
C THR E 252 30.71 -0.69 34.80
N PHE E 253 30.11 -0.26 35.91
CA PHE E 253 30.75 -0.34 37.24
C PHE E 253 31.08 -1.78 37.58
N SER E 254 30.10 -2.66 37.46
CA SER E 254 30.25 -4.09 37.73
C SER E 254 31.37 -4.69 36.87
N SER E 255 31.33 -4.40 35.58
CA SER E 255 32.37 -4.86 34.64
C SER E 255 33.76 -4.42 35.11
N LEU E 256 33.86 -3.20 35.63
CA LEU E 256 35.11 -2.72 36.24
C LEU E 256 35.36 -3.39 37.60
N ASP E 279 40.26 1.14 43.18
CA ASP E 279 40.31 2.57 42.92
C ASP E 279 39.25 3.31 43.73
N SER E 280 39.65 4.40 44.37
CA SER E 280 38.74 5.18 45.22
C SER E 280 37.84 6.13 44.43
N THR E 281 38.11 6.30 43.14
CA THR E 281 37.41 7.28 42.30
C THR E 281 36.10 6.71 41.74
N LEU E 282 36.15 5.46 41.30
CA LEU E 282 34.95 4.74 40.88
C LEU E 282 33.98 4.57 42.05
N ARG E 283 34.52 4.09 43.18
CA ARG E 283 33.73 3.88 44.40
C ARG E 283 32.97 5.13 44.83
N THR E 284 33.64 6.28 44.78
CA THR E 284 33.03 7.56 45.17
C THR E 284 31.85 7.92 44.27
N ILE E 285 32.03 7.76 42.97
CA ILE E 285 30.98 8.06 41.99
C ILE E 285 29.78 7.12 42.14
N GLN E 286 30.07 5.83 42.30
CA GLN E 286 29.01 4.81 42.47
C GLN E 286 28.20 5.03 43.75
N THR E 287 28.89 5.33 44.84
CA THR E 287 28.25 5.55 46.14
C THR E 287 27.42 6.83 46.17
N GLN E 288 27.97 7.90 45.59
CA GLN E 288 27.31 9.21 45.56
C GLN E 288 26.01 9.19 44.75
N LEU E 289 26.07 8.57 43.57
CA LEU E 289 24.89 8.48 42.70
C LEU E 289 23.79 7.68 43.39
N LYS E 290 24.17 6.60 44.04
CA LYS E 290 23.24 5.77 44.81
C LYS E 290 22.55 6.61 45.89
N SER E 291 23.36 7.32 46.66
CA SER E 291 22.85 8.19 47.74
C SER E 291 21.88 9.24 47.22
N MSE E 292 22.26 9.92 46.14
CA MSE E 292 21.45 11.00 45.57
C MSE E 292 20.05 10.51 45.21
O MSE E 292 19.06 11.15 45.56
CB MSE E 292 22.14 11.60 44.34
N LEU E 293 19.98 9.37 44.53
CA LEU E 293 18.70 8.78 44.15
C LEU E 293 17.91 8.23 45.35
N SER E 294 18.63 7.81 46.39
CA SER E 294 17.99 7.28 47.59
C SER E 294 17.46 8.40 48.49
N THR E 327 2.77 6.41 34.63
CA THR E 327 1.71 7.05 33.85
C THR E 327 0.60 7.60 34.75
N ALA E 328 0.21 6.81 35.75
CA ALA E 328 -0.79 7.22 36.73
C ALA E 328 -0.36 8.51 37.44
N ALA E 329 0.84 8.47 38.02
CA ALA E 329 1.38 9.61 38.77
C ALA E 329 1.45 10.87 37.90
N LEU E 330 1.86 10.70 36.64
CA LEU E 330 1.91 11.80 35.67
C LEU E 330 0.50 12.31 35.32
N LYS E 331 -0.44 11.39 35.11
CA LYS E 331 -1.83 11.76 34.80
C LYS E 331 -2.46 12.55 35.94
N LYS E 332 -2.10 12.18 37.17
CA LYS E 332 -2.65 12.80 38.37
C LYS E 332 -2.10 14.19 38.63
N ASP E 333 -0.77 14.31 38.53
CA ASP E 333 -0.09 15.57 38.87
C ASP E 333 1.28 15.63 38.18
N ALA E 334 1.25 15.83 36.87
CA ALA E 334 2.45 15.85 36.05
C ALA E 334 3.45 16.86 36.57
N SER E 335 2.95 18.06 36.84
CA SER E 335 3.78 19.15 37.36
C SER E 335 4.47 18.74 38.66
N GLY E 336 3.74 18.00 39.49
CA GLY E 336 4.28 17.49 40.75
C GLY E 336 5.44 16.53 40.58
N VAL E 337 5.29 15.59 39.64
CA VAL E 337 6.40 14.71 39.29
C VAL E 337 7.60 15.53 38.81
N GLY E 338 7.32 16.53 38.00
CA GLY E 338 8.34 17.43 37.49
C GLY E 338 9.13 18.10 38.60
N ALA E 339 8.44 18.46 39.67
CA ALA E 339 9.08 19.09 40.83
C ALA E 339 10.16 18.17 41.42
N LEU E 340 9.88 16.88 41.47
CA LEU E 340 10.86 15.90 41.98
C LEU E 340 12.04 15.77 41.01
N ILE E 341 11.75 15.40 39.76
CA ILE E 341 12.80 15.13 38.78
C ILE E 341 13.64 16.35 38.40
N VAL E 342 12.99 17.49 38.17
CA VAL E 342 13.67 18.69 37.66
C VAL E 342 13.89 19.77 38.72
N GLY E 343 12.89 19.99 39.56
CA GLY E 343 12.96 21.01 40.60
C GLY E 343 13.11 22.39 40.01
N ASP E 344 13.79 23.28 40.72
CA ASP E 344 14.00 24.65 40.25
C ASP E 344 15.04 24.77 39.14
N GLY E 345 15.65 23.66 38.75
CA GLY E 345 16.63 23.63 37.65
C GLY E 345 18.02 24.14 37.98
N LYS E 346 18.16 24.92 39.05
CA LYS E 346 19.45 25.51 39.42
C LYS E 346 20.09 24.80 40.61
N LYS E 347 19.32 24.67 41.69
CA LYS E 347 19.82 24.11 42.95
C LYS E 347 19.09 22.83 43.39
N THR E 348 17.82 22.69 43.02
CA THR E 348 16.98 21.59 43.51
C THR E 348 16.49 20.71 42.37
N GLY E 349 16.24 19.44 42.69
CA GLY E 349 15.79 18.44 41.71
C GLY E 349 16.83 17.38 41.47
N ILE E 350 16.38 16.14 41.26
CA ILE E 350 17.29 15.00 41.09
C ILE E 350 18.24 15.20 39.91
N THR E 351 17.69 15.51 38.76
CA THR E 351 18.49 15.69 37.54
C THR E 351 19.43 16.89 37.68
N THR E 352 18.97 17.89 38.42
CA THR E 352 19.76 19.09 38.70
C THR E 352 21.04 18.76 39.47
N THR E 353 20.91 18.02 40.57
CA THR E 353 22.05 17.74 41.44
C THR E 353 22.96 16.68 40.86
N ILE E 354 22.37 15.70 40.17
CA ILE E 354 23.15 14.69 39.42
C ILE E 354 23.93 15.37 38.30
N GLY E 355 23.27 16.30 37.60
CA GLY E 355 23.89 17.04 36.51
C GLY E 355 25.10 17.83 36.98
N SER E 356 24.95 18.50 38.12
CA SER E 356 26.04 19.25 38.73
C SER E 356 27.21 18.33 39.08
N ASN E 357 26.91 17.16 39.64
CA ASN E 357 27.94 16.19 40.04
C ASN E 357 28.69 15.62 38.84
N LEU E 358 27.92 15.28 37.78
CA LEU E 358 28.50 14.76 36.54
C LEU E 358 29.44 15.77 35.87
N THR E 359 28.98 17.02 35.76
CA THR E 359 29.80 18.09 35.18
C THR E 359 31.12 18.22 35.95
N SER E 360 31.02 18.15 37.28
CA SER E 360 32.16 18.30 38.18
C SER E 360 33.13 17.12 38.10
N TRP E 361 32.60 15.92 37.91
CA TRP E 361 33.43 14.72 37.76
C TRP E 361 34.11 14.67 36.39
N LEU E 362 33.41 15.12 35.36
CA LEU E 362 33.93 15.12 33.99
C LEU E 362 34.71 16.39 33.60
N SER E 363 34.81 17.35 34.51
CA SER E 363 35.54 18.61 34.26
C SER E 363 37.06 18.42 34.30
N THR E 364 37.79 19.40 33.80
CA THR E 364 39.25 19.35 33.75
C THR E 364 39.89 19.31 35.14
N THR E 365 39.24 19.94 36.12
CA THR E 365 39.71 19.92 37.51
C THR E 365 39.07 18.80 38.34
N GLY E 366 38.24 17.97 37.71
CA GLY E 366 37.41 16.99 38.44
C GLY E 366 38.12 15.75 38.92
N ILE E 367 37.34 14.82 39.48
CA ILE E 367 37.86 13.54 39.97
C ILE E 367 38.13 12.55 38.83
N ILE E 368 37.80 12.93 37.60
CA ILE E 368 38.08 12.10 36.41
C ILE E 368 39.45 12.41 35.80
N LYS E 369 39.72 13.69 35.58
CA LYS E 369 40.99 14.11 34.97
C LYS E 369 42.20 13.69 35.80
N ALA E 370 42.12 13.88 37.12
CA ALA E 370 43.17 13.46 38.04
C ALA E 370 43.06 11.95 38.30
N LEU F 14 16.92 -20.30 43.85
CA LEU F 14 16.28 -20.44 45.18
C LEU F 14 15.43 -19.21 45.46
N LYS F 15 16.09 -18.05 45.59
CA LYS F 15 15.42 -16.75 45.79
C LYS F 15 14.88 -16.22 44.46
N SER F 16 15.70 -16.27 43.41
CA SER F 16 15.28 -15.86 42.07
C SER F 16 14.09 -16.67 41.55
N ALA F 17 14.13 -17.99 41.78
CA ALA F 17 13.08 -18.91 41.31
C ALA F 17 11.77 -18.81 42.11
N LEU F 18 11.82 -18.19 43.29
CA LEU F 18 10.62 -17.94 44.09
C LEU F 18 10.04 -16.54 43.85
N THR F 19 10.90 -15.54 43.67
CA THR F 19 10.46 -14.17 43.43
C THR F 19 9.90 -14.01 42.01
N THR F 20 10.54 -14.65 41.03
CA THR F 20 10.03 -14.65 39.65
C THR F 20 8.63 -15.30 39.57
N PHE F 21 8.43 -16.38 40.31
CA PHE F 21 7.12 -17.03 40.38
C PHE F 21 6.09 -16.18 41.14
N GLN F 22 6.55 -15.53 42.20
CA GLN F 22 5.71 -14.62 42.99
C GLN F 22 5.10 -13.54 42.11
N THR F 23 5.88 -13.05 41.15
CA THR F 23 5.41 -12.02 40.23
C THR F 23 4.27 -12.54 39.38
N ALA F 24 4.47 -13.73 38.79
CA ALA F 24 3.47 -14.34 37.93
C ALA F 24 2.20 -14.59 38.72
N ASN F 25 2.36 -14.98 39.99
CA ASN F 25 1.24 -15.24 40.90
C ASN F 25 0.47 -13.97 41.25
N THR F 26 1.18 -12.88 41.49
CA THR F 26 0.53 -11.60 41.75
C THR F 26 -0.29 -11.18 40.52
N ALA F 27 0.28 -11.39 39.35
CA ALA F 27 -0.35 -10.95 38.10
C ALA F 27 -1.65 -11.71 37.87
N LEU F 28 -1.67 -12.98 38.28
CA LEU F 28 -2.86 -13.82 38.11
C LEU F 28 -3.92 -13.51 39.17
N SER F 29 -3.49 -12.93 40.28
CA SER F 29 -4.40 -12.71 41.41
C SER F 29 -5.20 -11.40 41.30
N LYS F 30 -5.71 -11.12 40.10
CA LYS F 30 -6.55 -9.94 39.86
C LYS F 30 -7.93 -10.40 39.39
N ALA F 31 -8.95 -10.21 40.23
CA ALA F 31 -10.33 -10.59 39.90
C ALA F 31 -10.77 -10.07 38.53
N ASP F 32 -10.38 -8.83 38.20
CA ASP F 32 -10.79 -8.18 36.95
C ASP F 32 -10.47 -9.01 35.70
N LEU F 33 -9.43 -9.84 35.78
CA LEU F 33 -9.10 -10.73 34.67
C LEU F 33 -10.29 -11.58 34.25
N PHE F 34 -11.11 -11.94 35.24
CA PHE F 34 -12.22 -12.90 35.04
C PHE F 34 -13.56 -12.22 34.78
N SER F 35 -13.53 -10.89 34.63
CA SER F 35 -14.73 -10.13 34.24
C SER F 35 -14.46 -9.26 33.04
N ALA F 36 -13.37 -9.48 32.35
CA ALA F 36 -12.91 -8.55 31.35
C ALA F 36 -13.89 -8.43 30.19
N THR F 37 -13.91 -7.24 29.60
CA THR F 37 -14.69 -6.98 28.40
C THR F 37 -13.96 -5.97 27.53
N SER F 38 -14.11 -6.12 26.22
CA SER F 38 -13.55 -5.19 25.24
C SER F 38 -14.68 -4.40 24.66
N THR F 39 -14.35 -3.36 23.90
CA THR F 39 -15.38 -2.52 23.33
C THR F 39 -15.17 -2.21 21.88
N THR F 40 -16.24 -1.77 21.24
CA THR F 40 -16.21 -1.42 19.84
C THR F 40 -17.23 -0.32 19.63
N SER F 41 -16.87 0.70 18.84
CA SER F 41 -17.78 1.83 18.60
C SER F 41 -17.99 1.97 17.11
N SER F 42 -19.20 2.37 16.73
CA SER F 42 -19.56 2.60 15.34
C SER F 42 -19.17 3.98 14.79
N THR F 43 -18.54 4.81 15.62
CA THR F 43 -18.20 6.18 15.24
C THR F 43 -16.94 6.62 15.94
N THR F 44 -16.23 7.53 15.28
CA THR F 44 -15.15 8.27 15.90
C THR F 44 -15.71 9.31 16.87
N ALA F 45 -17.04 9.53 16.81
CA ALA F 45 -17.71 10.52 17.68
C ALA F 45 -17.61 10.20 19.15
N PHE F 46 -17.46 8.93 19.48
CA PHE F 46 -17.20 8.50 20.85
C PHE F 46 -16.50 7.17 20.90
N SER F 47 -15.89 6.92 22.04
CA SER F 47 -15.21 5.66 22.31
C SER F 47 -15.37 5.35 23.78
N ALA F 48 -15.06 4.12 24.15
CA ALA F 48 -15.30 3.65 25.51
C ALA F 48 -14.28 2.59 25.92
N THR F 49 -13.81 2.72 27.15
CA THR F 49 -13.06 1.65 27.81
C THR F 49 -13.92 1.11 28.96
N THR F 50 -13.70 -0.15 29.31
CA THR F 50 -14.42 -0.80 30.38
C THR F 50 -13.44 -1.30 31.41
N ALA F 51 -13.93 -1.42 32.63
CA ALA F 51 -13.18 -2.05 33.70
C ALA F 51 -13.88 -3.36 33.98
N GLY F 52 -13.67 -3.91 35.16
CA GLY F 52 -14.22 -5.21 35.47
C GLY F 52 -15.72 -5.11 35.56
N ASN F 53 -16.40 -6.23 35.28
CA ASN F 53 -17.82 -6.39 35.57
C ASN F 53 -18.72 -5.49 34.74
N ALA F 54 -18.29 -5.11 33.55
CA ALA F 54 -19.16 -4.34 32.68
C ALA F 54 -20.20 -5.28 32.08
N ILE F 55 -21.40 -4.79 31.81
CA ILE F 55 -22.48 -5.63 31.24
C ILE F 55 -22.40 -5.68 29.71
N ALA F 56 -22.25 -6.89 29.20
CA ALA F 56 -22.14 -7.12 27.75
C ALA F 56 -23.45 -6.82 27.02
N GLY F 57 -23.34 -6.22 25.82
CA GLY F 57 -24.52 -5.91 24.99
C GLY F 57 -24.29 -4.79 23.98
N LYS F 58 -25.29 -4.55 23.12
CA LYS F 58 -25.29 -3.41 22.20
C LYS F 58 -25.93 -2.25 22.94
N TYR F 59 -25.21 -1.14 23.02
CA TYR F 59 -25.71 0.09 23.64
C TYR F 59 -25.94 1.07 22.54
N THR F 60 -27.16 1.57 22.37
CA THR F 60 -27.40 2.64 21.39
C THR F 60 -27.09 3.99 22.02
N ILE F 61 -26.14 4.71 21.43
CA ILE F 61 -25.75 6.01 21.96
C ILE F 61 -26.07 7.14 21.02
N SER F 62 -26.51 8.24 21.61
CA SER F 62 -26.76 9.49 20.93
C SER F 62 -26.07 10.59 21.70
N VAL F 63 -25.45 11.53 21.02
CA VAL F 63 -24.81 12.65 21.71
C VAL F 63 -25.22 13.95 21.06
N THR F 64 -26.00 14.76 21.77
CA THR F 64 -26.55 16.01 21.22
C THR F 64 -25.76 17.22 21.59
N HIS F 65 -25.10 17.22 22.75
CA HIS F 65 -24.23 18.34 23.14
C HIS F 65 -23.01 17.87 23.88
N LEU F 66 -21.86 18.48 23.59
CA LEU F 66 -20.64 18.17 24.33
C LEU F 66 -20.53 19.12 25.49
N ALA F 67 -19.80 18.68 26.52
CA ALA F 67 -19.53 19.52 27.69
C ALA F 67 -18.58 20.61 27.28
N GLN F 68 -18.87 21.84 27.73
CA GLN F 68 -17.97 23.00 27.49
C GLN F 68 -17.47 23.57 28.79
N ALA F 69 -16.32 24.22 28.73
CA ALA F 69 -15.73 24.90 29.88
C ALA F 69 -15.89 26.37 29.69
N GLN F 70 -16.39 27.05 30.72
CA GLN F 70 -16.59 28.50 30.66
C GLN F 70 -15.28 29.23 30.40
N THR F 71 -15.37 30.27 29.57
CA THR F 71 -14.26 31.17 29.32
C THR F 71 -14.79 32.57 29.28
N LEU F 72 -14.26 33.37 30.21
CA LEU F 72 -14.59 34.76 30.36
C LEU F 72 -13.47 35.56 29.72
N THR F 73 -13.80 36.69 29.11
CA THR F 73 -12.81 37.57 28.51
C THR F 73 -13.09 39.05 28.73
N THR F 74 -12.07 39.82 29.10
CA THR F 74 -12.25 41.24 29.32
C THR F 74 -12.93 41.89 28.10
N ARG F 75 -13.98 42.65 28.35
CA ARG F 75 -14.68 43.41 27.31
C ARG F 75 -13.82 44.50 26.70
N THR F 76 -12.86 45.00 27.45
CA THR F 76 -12.01 46.05 26.94
C THR F 76 -10.58 45.55 26.85
N THR F 77 -9.78 46.30 26.11
CA THR F 77 -8.41 45.90 25.86
C THR F 77 -7.45 46.80 26.59
N ARG F 78 -6.17 46.45 26.56
CA ARG F 78 -5.12 47.33 27.10
C ARG F 78 -3.92 47.53 26.19
N ASP F 79 -3.33 48.72 26.30
CA ASP F 79 -2.17 49.12 25.50
C ASP F 79 -0.86 48.34 25.76
N ASP F 80 -0.75 47.70 26.93
CA ASP F 80 0.38 46.77 27.20
C ASP F 80 0.06 45.77 28.30
N THR F 81 1.04 44.93 28.68
CA THR F 81 0.86 43.89 29.71
C THR F 81 1.58 44.21 31.04
N LYS F 82 2.40 45.27 31.03
CA LYS F 82 3.27 45.62 32.15
C LYS F 82 2.66 46.66 33.10
N THR F 83 1.67 47.41 32.63
CA THR F 83 1.20 48.61 33.33
C THR F 83 0.04 48.35 34.25
N ALA F 84 0.19 48.67 35.53
CA ALA F 84 -0.83 48.38 36.55
C ALA F 84 -2.18 49.01 36.23
N ILE F 85 -3.22 48.18 36.32
CA ILE F 85 -4.62 48.61 36.16
C ILE F 85 -5.14 49.27 37.42
N ALA F 86 -4.78 48.69 38.56
CA ALA F 86 -5.27 49.13 39.88
C ALA F 86 -4.25 50.04 40.47
N THR F 87 -4.72 51.06 41.18
CA THR F 87 -3.83 51.94 41.98
C THR F 87 -3.85 51.58 43.45
N SER F 88 -4.61 50.56 43.84
CA SER F 88 -4.60 50.07 45.22
C SER F 88 -4.43 48.54 45.26
N ASP F 89 -3.92 48.06 46.40
CA ASP F 89 -3.91 46.64 46.71
C ASP F 89 -5.36 46.14 46.73
N SER F 90 -5.57 44.87 46.33
CA SER F 90 -6.92 44.33 46.19
C SER F 90 -6.98 42.83 46.35
N LYS F 91 -8.18 42.27 46.47
CA LYS F 91 -8.31 40.83 46.56
C LYS F 91 -9.25 40.34 45.48
N LEU F 92 -8.75 39.47 44.63
CA LEU F 92 -9.57 38.77 43.65
C LEU F 92 -10.13 37.54 44.29
N THR F 93 -11.43 37.32 44.19
CA THR F 93 -12.09 36.10 44.69
C THR F 93 -12.78 35.31 43.57
N ILE F 94 -12.30 34.10 43.35
CA ILE F 94 -12.82 33.24 42.32
C ILE F 94 -13.74 32.24 42.97
N GLN F 95 -15.00 32.19 42.52
CA GLN F 95 -16.00 31.28 43.13
C GLN F 95 -16.63 30.42 42.08
N GLN F 96 -16.24 29.15 42.02
CA GLN F 96 -16.88 28.24 41.07
C GLN F 96 -18.19 27.81 41.71
N GLY F 97 -19.00 27.10 40.94
CA GLY F 97 -20.30 26.63 41.42
C GLY F 97 -20.18 25.28 42.11
N GLY F 98 -21.30 24.59 42.28
CA GLY F 98 -21.28 23.26 42.83
C GLY F 98 -20.72 23.01 44.22
N ASP F 99 -20.99 23.90 45.18
CA ASP F 99 -20.60 23.62 46.57
C ASP F 99 -19.08 23.63 46.75
N LYS F 100 -18.40 24.42 45.93
CA LYS F 100 -16.95 24.56 45.97
C LYS F 100 -16.65 25.79 46.82
N ASP F 101 -15.63 25.68 47.66
CA ASP F 101 -15.21 26.84 48.46
C ASP F 101 -14.58 27.85 47.58
N PRO F 102 -14.75 29.15 47.91
CA PRO F 102 -14.13 30.21 47.12
C PRO F 102 -12.63 30.30 47.38
N ILE F 103 -11.90 30.80 46.40
CA ILE F 103 -10.46 31.06 46.57
C ILE F 103 -10.19 32.55 46.45
N THR F 104 -9.51 33.10 47.43
CA THR F 104 -9.15 34.51 47.40
C THR F 104 -7.68 34.69 47.15
N ILE F 105 -7.35 35.58 46.22
CA ILE F 105 -5.98 35.86 45.83
C ILE F 105 -5.64 37.32 46.04
N ASP F 106 -4.56 37.58 46.78
CA ASP F 106 -4.03 38.95 46.90
C ASP F 106 -3.42 39.40 45.58
N ILE F 107 -3.82 40.57 45.12
CA ILE F 107 -3.21 41.26 43.96
C ILE F 107 -2.73 42.67 44.38
N SER F 108 -1.45 42.79 44.68
CA SER F 108 -0.91 44.10 45.02
C SER F 108 -0.95 44.98 43.81
N ALA F 109 -1.01 46.29 44.02
CA ALA F 109 -1.07 47.29 42.94
C ALA F 109 -0.03 47.01 41.83
N ALA F 110 1.24 46.98 42.22
CA ALA F 110 2.35 46.69 41.28
C ALA F 110 2.10 45.40 40.50
N ASN F 111 1.37 44.45 41.06
CA ASN F 111 1.14 43.17 40.37
C ASN F 111 -0.23 43.19 39.69
N SER F 112 -0.76 44.39 39.56
CA SER F 112 -2.09 44.60 38.97
C SER F 112 -2.09 44.68 37.43
N SER F 113 -0.97 44.35 36.78
CA SER F 113 -0.87 44.38 35.35
C SER F 113 -1.43 43.07 34.80
N LEU F 114 -1.72 43.02 33.51
CA LEU F 114 -2.22 41.78 32.93
C LEU F 114 -1.26 40.63 33.24
N SER F 115 0.03 40.87 33.09
CA SER F 115 1.02 39.88 33.48
C SER F 115 0.83 39.44 34.93
N GLY F 116 0.76 40.42 35.83
CA GLY F 116 0.66 40.12 37.25
C GLY F 116 -0.64 39.40 37.63
N ILE F 117 -1.75 39.81 37.04
CA ILE F 117 -3.02 39.19 37.33
C ILE F 117 -2.99 37.76 36.81
N ARG F 118 -2.40 37.60 35.64
CA ARG F 118 -2.32 36.27 35.06
C ARG F 118 -1.53 35.36 35.99
N ASP F 119 -0.29 35.72 36.30
CA ASP F 119 0.56 34.87 37.12
C ASP F 119 -0.11 34.63 38.47
N ALA F 120 -0.76 35.68 38.99
CA ALA F 120 -1.38 35.62 40.28
C ALA F 120 -2.41 34.57 40.27
N ILE F 121 -3.28 34.59 39.26
CA ILE F 121 -4.34 33.59 39.13
C ILE F 121 -3.72 32.22 39.01
N ASN F 122 -2.92 32.00 37.98
CA ASN F 122 -2.34 30.67 37.71
C ASN F 122 -1.57 30.02 38.88
N ASN F 123 -0.83 30.82 39.65
CA ASN F 123 -0.07 30.27 40.79
C ASN F 123 -1.00 29.88 41.95
N ALA F 124 -2.18 30.49 41.98
CA ALA F 124 -3.17 30.23 43.02
C ALA F 124 -3.70 28.81 42.98
N LYS F 125 -3.56 28.15 41.84
CA LYS F 125 -4.08 26.82 41.66
C LYS F 125 -5.49 26.79 42.25
N ALA F 126 -6.35 27.61 41.64
CA ALA F 126 -7.75 27.77 42.01
C ALA F 126 -8.74 27.12 41.02
N GLY F 127 -8.27 26.16 40.20
CA GLY F 127 -9.16 25.45 39.27
C GLY F 127 -9.58 26.21 38.03
N VAL F 128 -8.94 27.34 37.77
CA VAL F 128 -9.10 28.06 36.53
C VAL F 128 -7.73 28.40 36.01
N SER F 129 -7.67 28.80 34.75
CA SER F 129 -6.42 29.20 34.10
C SER F 129 -6.59 30.55 33.47
N ALA F 130 -5.59 31.41 33.62
CA ALA F 130 -5.63 32.76 33.07
C ALA F 130 -4.64 32.84 31.93
N SER F 131 -4.98 33.59 30.89
CA SER F 131 -4.04 33.84 29.82
C SER F 131 -4.34 35.19 29.17
N ILE F 132 -3.30 35.74 28.52
CA ILE F 132 -3.38 37.03 27.86
C ILE F 132 -3.47 36.82 26.36
N ILE F 133 -4.41 37.49 25.72
CA ILE F 133 -4.58 37.39 24.28
C ILE F 133 -4.29 38.69 23.61
N ASN F 134 -3.31 38.67 22.70
CA ASN F 134 -2.98 39.82 21.87
C ASN F 134 -3.90 39.85 20.67
N VAL F 135 -4.92 40.70 20.72
CA VAL F 135 -5.99 40.66 19.71
C VAL F 135 -5.65 41.46 18.45
N GLY F 136 -4.44 42.00 18.44
CA GLY F 136 -3.98 42.84 17.35
C GLY F 136 -3.86 44.33 17.69
N ASN F 137 -2.98 44.99 16.96
CA ASN F 137 -2.80 46.43 17.02
C ASN F 137 -2.34 46.86 18.42
N GLY F 138 -1.49 46.02 18.99
CA GLY F 138 -0.91 46.29 20.30
C GLY F 138 -1.98 46.39 21.37
N GLU F 139 -2.93 45.48 21.34
CA GLU F 139 -4.04 45.50 22.26
C GLU F 139 -4.22 44.11 22.86
N TYR F 140 -4.39 44.08 24.17
CA TYR F 140 -4.34 42.87 24.92
C TYR F 140 -5.64 42.65 25.72
N ARG F 141 -6.09 41.41 25.76
CA ARG F 141 -7.21 41.03 26.60
C ARG F 141 -6.79 39.92 27.54
N LEU F 142 -7.34 39.96 28.76
CA LEU F 142 -7.17 38.88 29.72
C LEU F 142 -8.30 37.93 29.46
N SER F 143 -8.02 36.66 29.63
CA SER F 143 -9.00 35.62 29.42
C SER F 143 -8.88 34.58 30.54
N VAL F 144 -10.01 34.17 31.12
CA VAL F 144 -9.99 33.21 32.22
C VAL F 144 -10.96 32.04 31.98
N THR F 145 -10.42 30.82 31.99
CA THR F 145 -11.16 29.64 31.61
C THR F 145 -11.12 28.63 32.73
N SER F 146 -12.23 27.91 32.90
CA SER F 146 -12.30 26.94 33.97
C SER F 146 -11.57 25.73 33.52
N ASN F 147 -10.76 25.14 34.40
CA ASN F 147 -9.98 23.97 34.03
C ASN F 147 -10.80 22.74 33.65
N ASP F 148 -12.03 22.66 34.13
CA ASP F 148 -12.91 21.56 33.83
C ASP F 148 -14.23 22.00 33.25
N THR F 149 -14.81 21.15 32.41
CA THR F 149 -16.03 21.50 31.71
C THR F 149 -17.25 21.27 32.58
N GLY F 150 -18.32 21.99 32.28
CA GLY F 150 -19.60 21.79 32.92
C GLY F 150 -20.15 23.02 33.58
N LEU F 151 -21.49 23.08 33.68
CA LEU F 151 -22.21 24.21 34.31
C LEU F 151 -21.72 24.50 35.70
N ASP F 152 -21.41 23.46 36.44
CA ASP F 152 -21.04 23.58 37.84
C ASP F 152 -19.64 24.25 38.03
N ASN F 153 -18.80 24.23 36.99
CA ASN F 153 -17.47 24.84 37.08
C ASN F 153 -17.39 26.27 36.53
N ALA F 154 -18.55 26.84 36.20
CA ALA F 154 -18.62 28.22 35.76
C ALA F 154 -18.24 29.12 36.92
N MSE F 155 -17.74 30.31 36.57
CA MSE F 155 -17.08 31.18 37.54
C MSE F 155 -17.90 32.38 37.93
O MSE F 155 -18.75 32.84 37.18
CB MSE F 155 -15.80 31.74 36.94
CG MSE F 155 -14.62 30.82 37.04
SE MSE F 155 -13.37 31.36 35.71
CE MSE F 155 -14.14 30.50 34.20
N THR F 156 -17.58 32.88 39.13
CA THR F 156 -17.89 34.25 39.50
C THR F 156 -16.59 34.95 39.95
N LEU F 157 -16.30 36.08 39.30
CA LEU F 157 -15.10 36.85 39.63
C LEU F 157 -15.46 38.20 40.26
N SER F 158 -14.81 38.48 41.38
CA SER F 158 -15.04 39.76 42.05
C SER F 158 -13.77 40.25 42.67
N VAL F 159 -13.64 41.57 42.71
CA VAL F 159 -12.48 42.23 43.25
C VAL F 159 -12.93 43.22 44.32
N SER F 160 -12.21 43.26 45.41
CA SER F 160 -12.52 44.23 46.43
C SER F 160 -11.26 45.00 46.72
N GLY F 161 -11.34 46.30 46.75
CA GLY F 161 -10.13 47.06 46.94
C GLY F 161 -9.93 48.12 45.88
N ASP F 162 -10.08 47.78 44.60
CA ASP F 162 -9.93 48.77 43.55
C ASP F 162 -11.08 48.73 42.56
N ASP F 163 -11.85 49.81 42.47
CA ASP F 163 -13.01 49.87 41.58
C ASP F 163 -12.66 49.67 40.10
N ALA F 164 -11.48 50.16 39.69
CA ALA F 164 -11.02 50.05 38.30
C ALA F 164 -10.84 48.57 37.90
N LEU F 165 -10.28 47.79 38.81
CA LEU F 165 -9.93 46.40 38.51
C LEU F 165 -11.22 45.63 38.47
N GLN F 166 -12.04 45.82 39.48
CA GLN F 166 -13.36 45.22 39.48
C GLN F 166 -14.11 45.53 38.20
N SER F 167 -14.02 46.77 37.78
CA SER F 167 -14.75 47.26 36.60
C SER F 167 -14.25 46.64 35.28
N PHE F 168 -13.00 46.22 35.32
CA PHE F 168 -12.29 45.64 34.18
C PHE F 168 -12.37 44.13 34.09
N MSE F 169 -12.36 43.47 35.23
CA MSE F 169 -12.23 42.00 35.35
C MSE F 169 -13.45 41.24 35.87
O MSE F 169 -13.53 40.04 35.69
CB MSE F 169 -11.15 41.70 36.38
CG MSE F 169 -9.86 41.31 35.83
SE MSE F 169 -8.92 40.70 37.38
CE MSE F 169 -9.30 38.80 37.27
N GLY F 170 -14.34 41.92 36.60
CA GLY F 170 -15.33 41.21 37.36
C GLY F 170 -16.35 40.51 36.49
N TYR F 171 -16.82 39.34 36.94
CA TYR F 171 -17.96 38.67 36.31
C TYR F 171 -18.93 38.07 37.30
N ASP F 172 -20.18 38.46 37.19
CA ASP F 172 -21.26 37.85 37.97
C ASP F 172 -22.51 37.75 37.11
N ALA F 173 -22.90 36.53 36.75
CA ALA F 173 -24.05 36.34 35.85
C ALA F 173 -25.23 37.26 36.24
N SER F 174 -25.50 37.34 37.55
CA SER F 174 -26.65 38.07 38.06
C SER F 174 -26.48 39.58 37.99
N ALA F 175 -25.26 40.04 37.75
CA ALA F 175 -24.93 41.47 37.79
C ALA F 175 -25.42 42.25 36.55
N SER F 176 -25.74 43.52 36.75
CA SER F 176 -26.27 44.38 35.68
C SER F 176 -25.18 44.68 34.65
N SER F 177 -24.02 45.10 35.13
CA SER F 177 -22.86 45.42 34.28
C SER F 177 -21.63 44.62 34.70
N ASN F 178 -21.03 43.91 33.75
CA ASN F 178 -19.84 43.12 34.02
C ASN F 178 -18.67 43.59 33.18
N GLY F 179 -17.47 43.49 33.72
CA GLY F 179 -16.29 43.89 32.99
C GLY F 179 -15.91 42.78 32.05
N MSE F 180 -16.13 41.56 32.48
CA MSE F 180 -15.88 40.42 31.63
C MSE F 180 -17.10 40.03 30.80
O MSE F 180 -18.23 40.37 31.11
CB MSE F 180 -15.60 39.29 32.52
CG MSE F 180 -14.36 38.97 32.75
SE MSE F 180 -12.70 39.02 32.81
CE MSE F 180 -12.05 37.42 33.56
N GLU F 181 -16.84 39.27 29.76
CA GLU F 181 -17.83 38.88 28.76
C GLU F 181 -17.78 37.37 28.70
N VAL F 182 -18.90 36.73 28.42
CA VAL F 182 -18.83 35.26 28.29
C VAL F 182 -18.42 34.87 26.87
N SER F 183 -17.19 34.42 26.68
CA SER F 183 -16.68 34.03 25.34
C SER F 183 -17.14 32.66 24.94
N VAL F 184 -16.95 31.70 25.85
CA VAL F 184 -17.55 30.37 25.77
C VAL F 184 -18.44 30.12 26.99
N ALA F 185 -19.69 29.77 26.72
CA ALA F 185 -20.66 29.39 27.75
C ALA F 185 -20.31 28.03 28.33
N ALA F 186 -20.35 27.93 29.66
CA ALA F 186 -20.29 26.62 30.29
C ALA F 186 -21.50 25.85 29.82
N GLN F 187 -21.31 24.60 29.42
CA GLN F 187 -22.47 23.74 29.24
C GLN F 187 -22.17 22.27 29.56
N ASN F 188 -23.21 21.49 29.84
CA ASN F 188 -23.05 20.05 30.13
C ASN F 188 -23.13 19.16 28.90
N ALA F 189 -22.43 18.03 28.93
CA ALA F 189 -22.60 16.99 27.92
C ALA F 189 -24.03 16.46 28.07
N GLN F 190 -24.65 16.19 26.94
CA GLN F 190 -26.04 15.66 26.90
C GLN F 190 -26.18 14.53 25.92
N LEU F 191 -26.45 13.34 26.43
CA LEU F 191 -26.50 12.17 25.58
C LEU F 191 -27.70 11.32 25.97
N THR F 192 -27.99 10.32 25.15
CA THR F 192 -28.87 9.24 25.59
C THR F 192 -28.18 7.90 25.34
N VAL F 193 -28.29 6.99 26.29
CA VAL F 193 -27.71 5.66 26.18
C VAL F 193 -28.86 4.68 26.38
N ASN F 194 -29.15 3.92 25.33
CA ASN F 194 -30.33 3.05 25.28
C ASN F 194 -31.59 3.78 25.70
N ASN F 195 -31.86 4.89 25.01
CA ASN F 195 -33.03 5.75 25.24
C ASN F 195 -33.17 6.32 26.63
N VAL F 196 -32.08 6.38 27.39
CA VAL F 196 -32.09 7.03 28.71
C VAL F 196 -31.31 8.34 28.70
N ALA F 197 -32.01 9.46 28.86
CA ALA F 197 -31.39 10.79 28.94
C ALA F 197 -30.35 10.85 30.05
N ILE F 198 -29.13 11.24 29.69
CA ILE F 198 -28.05 11.46 30.63
C ILE F 198 -27.44 12.85 30.41
N GLU F 199 -27.24 13.55 31.52
CA GLU F 199 -26.56 14.83 31.53
C GLU F 199 -25.28 14.66 32.34
N ASN F 200 -24.19 15.31 31.93
CA ASN F 200 -22.92 15.17 32.63
C ASN F 200 -21.96 16.38 32.50
N SER F 201 -21.17 16.60 33.54
CA SER F 201 -20.21 17.70 33.57
C SER F 201 -19.11 17.54 32.55
N SER F 202 -18.80 16.29 32.22
CA SER F 202 -17.56 16.01 31.53
C SER F 202 -17.80 15.25 30.24
N ASN F 203 -16.83 15.31 29.33
CA ASN F 203 -16.87 14.49 28.13
C ASN F 203 -16.07 13.21 28.31
N THR F 204 -15.54 13.01 29.52
CA THR F 204 -14.96 11.75 29.95
C THR F 204 -15.84 11.22 31.03
N ILE F 205 -16.89 10.50 30.65
CA ILE F 205 -17.94 10.13 31.57
C ILE F 205 -17.67 8.78 32.14
N SER F 206 -17.28 8.72 33.41
CA SER F 206 -17.07 7.44 34.07
C SER F 206 -17.99 7.19 35.26
N ASP F 207 -18.81 8.18 35.62
CA ASP F 207 -19.70 8.06 36.79
C ASP F 207 -21.18 7.86 36.44
N ALA F 208 -21.50 7.68 35.16
CA ALA F 208 -22.89 7.58 34.72
C ALA F 208 -23.26 6.14 34.60
N LEU F 209 -22.62 5.45 33.65
CA LEU F 209 -22.81 4.02 33.43
C LEU F 209 -21.79 3.22 34.23
N GLU F 210 -22.22 2.09 34.80
CA GLU F 210 -21.33 1.33 35.70
C GLU F 210 -20.15 0.66 35.00
N ASN F 211 -18.98 0.69 35.63
CA ASN F 211 -17.76 0.06 35.10
C ASN F 211 -17.40 0.43 33.65
N ILE F 212 -17.94 1.54 33.17
CA ILE F 212 -17.66 1.98 31.81
C ILE F 212 -17.19 3.42 31.86
N THR F 213 -16.11 3.70 31.14
CA THR F 213 -15.67 5.07 30.89
C THR F 213 -16.02 5.35 29.44
N LEU F 214 -16.88 6.34 29.25
CA LEU F 214 -17.36 6.76 27.95
C LEU F 214 -16.67 8.05 27.54
N ASN F 215 -15.98 8.01 26.41
CA ASN F 215 -15.24 9.20 25.95
C ASN F 215 -15.97 9.89 24.80
N LEU F 216 -16.53 11.07 25.06
CA LEU F 216 -17.22 11.84 24.01
C LEU F 216 -16.26 12.72 23.22
N ASN F 217 -16.32 12.62 21.90
CA ASN F 217 -15.43 13.37 20.99
C ASN F 217 -16.18 14.41 20.16
N ASP F 218 -17.38 14.05 19.72
CA ASP F 218 -18.17 14.94 18.86
C ASP F 218 -19.62 14.58 18.96
N VAL F 219 -20.48 15.49 18.53
CA VAL F 219 -21.91 15.23 18.42
C VAL F 219 -22.16 14.08 17.44
N THR F 220 -23.07 13.17 17.76
CA THR F 220 -23.40 12.07 16.83
C THR F 220 -24.42 12.47 15.79
N THR F 221 -24.49 11.72 14.70
CA THR F 221 -25.58 11.82 13.75
C THR F 221 -26.00 10.43 13.32
N GLY F 222 -27.31 10.24 13.28
CA GLY F 222 -27.89 8.94 12.97
C GLY F 222 -27.84 7.99 14.16
N ASN F 223 -28.07 6.71 13.84
CA ASN F 223 -28.11 5.64 14.84
C ASN F 223 -26.71 5.04 15.05
N GLN F 224 -26.14 5.26 16.24
CA GLN F 224 -24.80 4.76 16.57
C GLN F 224 -24.81 3.85 17.78
N THR F 225 -23.78 3.02 17.90
CA THR F 225 -23.77 2.01 18.94
C THR F 225 -22.40 1.79 19.52
N LEU F 226 -22.40 1.52 20.80
CA LEU F 226 -21.23 1.03 21.51
C LEU F 226 -21.53 -0.39 21.89
N THR F 227 -20.58 -1.28 21.62
CA THR F 227 -20.75 -2.71 21.87
C THR F 227 -19.76 -3.14 22.93
N ILE F 228 -20.25 -3.82 23.96
CA ILE F 228 -19.38 -4.42 24.96
C ILE F 228 -19.47 -5.95 24.84
N THR F 229 -18.31 -6.58 24.67
CA THR F 229 -18.23 -8.03 24.51
C THR F 229 -17.28 -8.65 25.51
N GLN F 230 -17.58 -9.90 25.92
CA GLN F 230 -16.73 -10.66 26.83
C GLN F 230 -15.35 -10.81 26.23
N ASP F 231 -14.30 -10.75 27.08
CA ASP F 231 -12.89 -10.98 26.66
C ASP F 231 -12.07 -11.86 27.67
N THR F 232 -11.78 -13.14 27.35
CA THR F 232 -11.01 -14.10 28.21
C THR F 232 -9.50 -14.19 27.91
N SER F 233 -9.07 -13.58 26.80
CA SER F 233 -7.67 -13.66 26.39
C SER F 233 -6.72 -13.24 27.50
N LYS F 234 -7.06 -12.16 28.18
CA LYS F 234 -6.19 -11.60 29.23
C LYS F 234 -5.97 -12.62 30.36
N ALA F 235 -7.07 -13.21 30.83
CA ALA F 235 -7.02 -14.27 31.85
C ALA F 235 -6.23 -15.53 31.43
N GLN F 236 -6.34 -15.90 30.16
CA GLN F 236 -5.56 -17.02 29.63
C GLN F 236 -4.05 -16.76 29.69
N THR F 237 -3.64 -15.59 29.22
CA THR F 237 -2.23 -15.18 29.26
C THR F 237 -1.71 -15.26 30.69
N ALA F 238 -2.45 -14.66 31.62
CA ALA F 238 -2.09 -14.69 33.04
C ALA F 238 -1.92 -16.11 33.56
N ILE F 239 -2.85 -17.00 33.20
CA ILE F 239 -2.78 -18.40 33.60
C ILE F 239 -1.61 -19.16 32.92
N LYS F 240 -1.33 -18.87 31.65
CA LYS F 240 -0.18 -19.50 30.95
C LYS F 240 1.14 -19.08 31.61
N ASP F 241 1.28 -17.79 31.89
CA ASP F 241 2.52 -17.24 32.47
C ASP F 241 2.78 -17.82 33.85
N TRP F 242 1.70 -18.01 34.59
CA TRP F 242 1.72 -18.57 35.94
C TRP F 242 2.17 -20.03 35.92
N VAL F 243 1.54 -20.83 35.06
CA VAL F 243 1.93 -22.24 34.81
C VAL F 243 3.39 -22.37 34.39
N ASN F 244 3.84 -21.51 33.48
CA ASN F 244 5.22 -21.53 33.03
C ASN F 244 6.21 -21.11 34.13
N ALA F 245 5.85 -20.09 34.90
CA ALA F 245 6.69 -19.62 36.02
C ALA F 245 6.88 -20.72 37.07
N TYR F 246 5.78 -21.41 37.41
CA TYR F 246 5.81 -22.53 38.38
C TYR F 246 6.65 -23.72 37.87
N ASN F 247 6.47 -24.07 36.59
CA ASN F 247 7.29 -25.12 35.95
C ASN F 247 8.78 -24.78 35.93
N SER F 248 9.11 -23.50 35.77
CA SER F 248 10.50 -23.03 35.88
C SER F 248 11.03 -23.16 37.31
N LEU F 249 10.18 -22.85 38.29
CA LEU F 249 10.55 -22.99 39.71
C LEU F 249 10.87 -24.46 40.05
N ILE F 250 10.09 -25.39 39.49
CA ILE F 250 10.34 -26.82 39.71
C ILE F 250 11.67 -27.25 39.08
N ASP F 251 12.00 -26.68 37.91
CA ASP F 251 13.31 -26.91 37.30
C ASP F 251 14.45 -26.43 38.21
N THR F 252 14.24 -25.29 38.86
CA THR F 252 15.22 -24.74 39.81
C THR F 252 15.38 -25.62 41.07
N PHE F 253 14.28 -26.20 41.55
CA PHE F 253 14.32 -27.19 42.63
C PHE F 253 15.15 -28.41 42.22
N SER F 254 14.84 -28.97 41.05
CA SER F 254 15.58 -30.13 40.51
C SER F 254 17.07 -29.85 40.39
N SER F 255 17.40 -28.69 39.81
CA SER F 255 18.78 -28.24 39.67
C SER F 255 19.48 -28.16 41.03
N LEU F 256 18.79 -27.59 42.02
CA LEU F 256 19.29 -27.57 43.39
C LEU F 256 19.10 -28.96 44.02
N ASP F 279 17.98 -30.84 51.51
CA ASP F 279 17.69 -29.61 52.24
C ASP F 279 16.28 -29.62 52.86
N SER F 280 16.15 -29.01 54.04
CA SER F 280 14.88 -29.02 54.79
C SER F 280 13.98 -27.81 54.51
N THR F 281 14.58 -26.69 54.12
CA THR F 281 13.86 -25.46 53.80
C THR F 281 13.33 -25.50 52.37
N LEU F 282 14.14 -26.01 51.45
CA LEU F 282 13.73 -26.26 50.07
C LEU F 282 12.63 -27.31 50.01
N ARG F 283 12.84 -28.43 50.71
CA ARG F 283 11.85 -29.52 50.80
C ARG F 283 10.47 -29.04 51.27
N THR F 284 10.45 -28.19 52.29
CA THR F 284 9.20 -27.66 52.84
C THR F 284 8.43 -26.81 51.82
N ILE F 285 9.16 -25.94 51.12
CA ILE F 285 8.54 -25.07 50.10
C ILE F 285 8.02 -25.91 48.91
N GLN F 286 8.82 -26.87 48.46
CA GLN F 286 8.43 -27.72 47.33
C GLN F 286 7.20 -28.56 47.67
N THR F 287 7.18 -29.13 48.87
CA THR F 287 6.07 -29.99 49.33
C THR F 287 4.78 -29.19 49.53
N GLN F 288 4.91 -28.02 50.14
CA GLN F 288 3.77 -27.16 50.46
C GLN F 288 3.07 -26.66 49.20
N LEU F 289 3.85 -26.18 48.23
CA LEU F 289 3.30 -25.68 46.97
C LEU F 289 2.58 -26.79 46.21
N LYS F 290 3.16 -27.98 46.20
CA LYS F 290 2.53 -29.16 45.58
C LYS F 290 1.17 -29.41 46.22
N SER F 291 1.16 -29.48 47.55
CA SER F 291 -0.07 -29.70 48.33
C SER F 291 -1.15 -28.66 48.02
N MSE F 292 -0.76 -27.39 48.03
CA MSE F 292 -1.72 -26.28 47.83
C MSE F 292 -2.45 -26.41 46.48
O MSE F 292 -3.66 -26.28 46.41
CB MSE F 292 -1.02 -24.92 47.93
CG MSE F 292 -0.73 -24.48 49.39
SE MSE F 292 -0.01 -22.63 49.67
CE MSE F 292 1.90 -22.90 49.41
N LEU F 293 -1.69 -26.72 45.43
CA LEU F 293 -2.26 -26.91 44.09
C LEU F 293 -3.08 -28.20 43.97
N SER F 294 -2.69 -29.21 44.75
CA SER F 294 -3.39 -30.49 44.72
C SER F 294 -4.70 -30.40 45.54
N ASN F 295 -4.59 -29.80 46.73
CA ASN F 295 -5.67 -29.77 47.75
C ASN F 295 -6.54 -28.51 47.68
N THR F 296 -7.19 -28.27 46.56
CA THR F 296 -7.86 -26.98 46.32
C THR F 296 -9.31 -26.90 46.83
N VAL F 297 -9.69 -25.68 47.23
CA VAL F 297 -11.05 -25.33 47.68
C VAL F 297 -11.68 -24.38 46.63
N SER F 298 -12.97 -24.10 46.76
CA SER F 298 -13.64 -23.11 45.91
C SER F 298 -15.12 -22.91 46.25
N SER F 299 -15.62 -21.70 45.99
CA SER F 299 -17.05 -21.39 46.11
C SER F 299 -17.84 -21.90 44.89
N SER F 300 -17.16 -21.98 43.74
CA SER F 300 -17.78 -22.26 42.44
C SER F 300 -17.85 -23.75 42.07
N SER F 301 -18.30 -24.04 40.83
CA SER F 301 -18.41 -25.41 40.33
C SER F 301 -17.05 -25.98 39.86
N TYR F 302 -16.06 -25.12 39.69
CA TYR F 302 -14.67 -25.56 39.41
C TYR F 302 -13.85 -25.74 40.69
N LYS F 303 -13.77 -26.98 41.18
CA LYS F 303 -13.14 -27.26 42.48
C LYS F 303 -11.68 -27.77 42.40
N THR F 304 -11.23 -28.12 41.20
CA THR F 304 -9.81 -28.47 40.96
C THR F 304 -9.26 -27.88 39.68
N LEU F 305 -7.94 -27.86 39.59
CA LEU F 305 -7.24 -27.40 38.39
C LEU F 305 -7.53 -28.28 37.18
N ALA F 306 -7.73 -29.58 37.42
CA ALA F 306 -8.09 -30.54 36.37
C ALA F 306 -9.32 -30.09 35.56
N GLN F 307 -10.36 -29.67 36.27
CA GLN F 307 -11.62 -29.24 35.66
C GLN F 307 -11.46 -28.05 34.71
N ILE F 308 -10.39 -27.28 34.89
CA ILE F 308 -10.08 -26.17 34.00
C ILE F 308 -8.87 -26.50 33.10
N GLY F 309 -8.53 -27.79 33.04
CA GLY F 309 -7.52 -28.28 32.11
C GLY F 309 -6.10 -27.90 32.51
N ILE F 310 -5.83 -27.85 33.81
CA ILE F 310 -4.45 -27.86 34.30
C ILE F 310 -4.26 -29.18 35.07
N THR F 311 -3.56 -30.14 34.45
CA THR F 311 -3.30 -31.45 35.06
C THR F 311 -1.96 -31.44 35.84
N THR F 312 -1.93 -32.09 37.01
CA THR F 312 -0.73 -32.13 37.86
C THR F 312 0.08 -33.40 37.51
N ASP F 313 1.29 -33.20 36.99
CA ASP F 313 2.19 -34.31 36.62
C ASP F 313 2.69 -35.04 37.89
N PRO F 314 2.25 -36.29 38.11
CA PRO F 314 2.70 -36.98 39.34
C PRO F 314 4.23 -37.07 39.49
N SER F 315 4.94 -37.34 38.38
CA SER F 315 6.39 -37.60 38.38
C SER F 315 7.30 -36.45 38.88
N ASP F 316 6.90 -35.20 38.63
CA ASP F 316 7.69 -34.04 39.05
C ASP F 316 6.90 -33.04 39.90
N GLY F 317 5.60 -32.93 39.63
CA GLY F 317 4.74 -31.90 40.24
C GLY F 317 4.27 -30.88 39.20
N LYS F 318 4.85 -30.97 37.99
CA LYS F 318 4.69 -29.95 36.93
C LYS F 318 3.27 -29.85 36.33
N LEU F 319 2.85 -28.60 36.09
CA LEU F 319 1.59 -28.34 35.41
C LEU F 319 1.72 -28.54 33.90
N GLU F 320 0.73 -29.21 33.32
CA GLU F 320 0.57 -29.31 31.88
C GLU F 320 -0.66 -28.47 31.55
N LEU F 321 -0.61 -27.72 30.45
CA LEU F 321 -1.65 -26.76 30.12
C LEU F 321 -2.29 -27.03 28.76
N ASP F 322 -3.51 -27.58 28.78
CA ASP F 322 -4.36 -27.68 27.60
C ASP F 322 -5.03 -26.31 27.42
N ALA F 323 -4.64 -25.59 26.38
CA ALA F 323 -5.17 -24.25 26.10
C ALA F 323 -6.63 -24.26 25.63
N ASP F 324 -7.05 -25.35 24.97
CA ASP F 324 -8.43 -25.50 24.47
C ASP F 324 -9.45 -25.63 25.62
N LYS F 325 -9.25 -26.64 26.47
CA LYS F 325 -10.14 -26.94 27.60
C LYS F 325 -10.30 -25.75 28.55
N LEU F 326 -9.21 -25.00 28.73
CA LEU F 326 -9.21 -23.75 29.54
C LEU F 326 -10.13 -22.69 28.95
N THR F 327 -9.99 -22.46 27.64
CA THR F 327 -10.79 -21.47 26.91
C THR F 327 -12.28 -21.83 27.03
N ALA F 328 -12.58 -23.12 26.87
CA ALA F 328 -13.94 -23.63 27.04
C ALA F 328 -14.50 -23.25 28.42
N ALA F 329 -13.76 -23.62 29.48
CA ALA F 329 -14.20 -23.39 30.86
C ALA F 329 -14.43 -21.90 31.11
N LEU F 330 -13.52 -21.06 30.60
CA LEU F 330 -13.65 -19.60 30.70
C LEU F 330 -14.86 -19.07 29.92
N LYS F 331 -15.07 -19.60 28.71
CA LYS F 331 -16.21 -19.20 27.88
C LYS F 331 -17.51 -19.53 28.59
N LYS F 332 -17.52 -20.67 29.29
CA LYS F 332 -18.73 -21.21 29.93
C LYS F 332 -19.07 -20.45 31.19
N ASP F 333 -18.06 -20.18 32.03
CA ASP F 333 -18.27 -19.56 33.34
C ASP F 333 -16.97 -18.93 33.83
N ALA F 334 -16.60 -17.83 33.19
CA ALA F 334 -15.35 -17.14 33.48
C ALA F 334 -15.28 -16.80 34.94
N SER F 335 -16.36 -16.21 35.45
CA SER F 335 -16.44 -15.81 36.88
C SER F 335 -16.19 -17.01 37.80
N GLY F 336 -16.69 -18.17 37.39
CA GLY F 336 -16.50 -19.41 38.15
C GLY F 336 -15.05 -19.88 38.21
N VAL F 337 -14.34 -19.81 37.10
CA VAL F 337 -12.90 -20.06 37.10
C VAL F 337 -12.21 -19.09 38.06
N GLY F 338 -12.61 -17.84 37.98
CA GLY F 338 -12.04 -16.81 38.83
C GLY F 338 -12.16 -17.15 40.29
N ALA F 339 -13.30 -17.74 40.68
CA ALA F 339 -13.55 -18.12 42.06
C ALA F 339 -12.49 -19.11 42.55
N LEU F 340 -12.11 -20.05 41.68
CA LEU F 340 -11.04 -21.00 42.00
C LEU F 340 -9.69 -20.30 42.13
N ILE F 341 -9.26 -19.64 41.06
CA ILE F 341 -7.92 -19.04 40.99
C ILE F 341 -7.71 -17.90 42.01
N VAL F 342 -8.69 -16.99 42.11
CA VAL F 342 -8.55 -15.76 42.92
C VAL F 342 -9.32 -15.81 44.26
N GLY F 343 -10.54 -16.35 44.20
CA GLY F 343 -11.38 -16.43 45.40
C GLY F 343 -11.68 -15.05 45.91
N ASP F 344 -11.88 -14.96 47.22
CA ASP F 344 -12.20 -13.67 47.84
C ASP F 344 -11.01 -12.70 47.91
N GLY F 345 -9.83 -13.12 47.47
CA GLY F 345 -8.64 -12.26 47.47
C GLY F 345 -7.91 -12.10 48.81
N LYS F 346 -8.60 -12.36 49.92
CA LYS F 346 -8.02 -12.15 51.26
C LYS F 346 -7.64 -13.47 51.93
N LYS F 347 -8.58 -14.41 51.96
CA LYS F 347 -8.40 -15.69 52.67
C LYS F 347 -8.50 -16.91 51.74
N THR F 348 -9.29 -16.80 50.67
CA THR F 348 -9.60 -17.95 49.80
C THR F 348 -9.10 -17.74 48.39
N GLY F 349 -8.83 -18.84 47.71
CA GLY F 349 -8.32 -18.80 46.34
C GLY F 349 -6.87 -19.27 46.24
N ILE F 350 -6.55 -19.99 45.16
CA ILE F 350 -5.21 -20.56 44.98
C ILE F 350 -4.11 -19.50 45.03
N THR F 351 -4.26 -18.46 44.22
CA THR F 351 -3.25 -17.41 44.15
C THR F 351 -3.18 -16.65 45.48
N THR F 352 -4.32 -16.54 46.15
CA THR F 352 -4.38 -15.91 47.47
C THR F 352 -3.51 -16.62 48.50
N THR F 353 -3.67 -17.94 48.63
CA THR F 353 -2.96 -18.70 49.66
C THR F 353 -1.50 -18.95 49.31
N ILE F 354 -1.23 -19.12 48.02
CA ILE F 354 0.16 -19.19 47.51
C ILE F 354 0.86 -17.85 47.77
N GLY F 355 0.15 -16.77 47.48
CA GLY F 355 0.70 -15.41 47.67
C GLY F 355 1.08 -15.14 49.11
N SER F 356 0.21 -15.55 50.03
CA SER F 356 0.46 -15.45 51.47
C SER F 356 1.69 -16.27 51.88
N ASN F 357 1.81 -17.49 51.36
CA ASN F 357 2.94 -18.35 51.68
C ASN F 357 4.26 -17.80 51.14
N LEU F 358 4.25 -17.30 49.90
CA LEU F 358 5.44 -16.70 49.28
C LEU F 358 5.92 -15.46 50.04
N THR F 359 4.99 -14.57 50.40
CA THR F 359 5.34 -13.38 51.20
C THR F 359 6.02 -13.78 52.50
N SER F 360 5.46 -14.80 53.13
CA SER F 360 5.95 -15.31 54.43
C SER F 360 7.33 -15.98 54.32
N TRP F 361 7.57 -16.67 53.21
CA TRP F 361 8.86 -17.34 52.98
C TRP F 361 9.93 -16.32 52.61
N LEU F 362 9.55 -15.30 51.85
CA LEU F 362 10.50 -14.26 51.40
C LEU F 362 10.63 -13.08 52.38
N SER F 363 9.88 -13.11 53.48
CA SER F 363 9.94 -12.03 54.50
C SER F 363 11.20 -12.11 55.36
N THR F 364 11.48 -11.03 56.07
CA THR F 364 12.68 -10.94 56.92
C THR F 364 12.66 -11.97 58.06
N THR F 365 11.47 -12.31 58.54
CA THR F 365 11.32 -13.32 59.60
C THR F 365 11.07 -14.70 59.02
#